data_3MDF
# 
_entry.id   3MDF 
# 
_audit_conform.dict_name       mmcif_pdbx.dic 
_audit_conform.dict_version    5.379 
_audit_conform.dict_location   http://mmcif.pdb.org/dictionaries/ascii/mmcif_pdbx.dic 
# 
loop_
_database_2.database_id 
_database_2.database_code 
_database_2.pdbx_database_accession 
_database_2.pdbx_DOI 
PDB   3MDF         pdb_00003mdf 10.2210/pdb3mdf/pdb 
RCSB  RCSB058408   ?            ?                   
WWPDB D_1000058408 ?            ?                   
# 
_pdbx_database_status.status_code                     REL 
_pdbx_database_status.entry_id                        3MDF 
_pdbx_database_status.recvd_initial_deposition_date   2010-03-30 
_pdbx_database_status.deposit_site                    RCSB 
_pdbx_database_status.process_site                    RCSB 
_pdbx_database_status.status_code_sf                  REL 
_pdbx_database_status.status_code_mr                  ? 
_pdbx_database_status.SG_entry                        ? 
_pdbx_database_status.status_code_cs                  ? 
_pdbx_database_status.methods_development_category    ? 
_pdbx_database_status.pdb_format_compatible           Y 
_pdbx_database_status.status_code_nmr_data            ? 
# 
loop_
_audit_author.name 
_audit_author.pdbx_ordinal 
'Hom, R.A.'         1  
'Chang, P.Y.'       2  
'Roy, S.'           3  
'Mussleman, C.A.'   4  
'Glass, K.C.'       5  
'Seleznevia, A.I.'  6  
'Gozani, O.'        7  
'Ismagilov, R.F.'   8  
'Cleary, M.L.'      9  
'Kutateladze, T.G.' 10 
# 
_citation.id                        primary 
_citation.title                     'Molecular mechanism of MLL PHD3 and RNA recognition by the Cyp33 RRM domain.' 
_citation.journal_abbrev            J.Mol.Biol. 
_citation.journal_volume            400 
_citation.page_first                145 
_citation.page_last                 154 
_citation.year                      2010 
_citation.journal_id_ASTM           JMOBAK 
_citation.country                   UK 
_citation.journal_id_ISSN           0022-2836 
_citation.journal_id_CSD            0070 
_citation.book_publisher            ? 
_citation.pdbx_database_id_PubMed   20460131 
_citation.pdbx_database_id_DOI      10.1016/j.jmb.2010.04.067 
# 
loop_
_citation_author.citation_id 
_citation_author.name 
_citation_author.ordinal 
_citation_author.identifier_ORCID 
primary 'Hom, R.A.'         1  ? 
primary 'Chang, P.Y.'       2  ? 
primary 'Roy, S.'           3  ? 
primary 'Musselman, C.A.'   4  ? 
primary 'Glass, K.C.'       5  ? 
primary 'Selezneva, A.I.'   6  ? 
primary 'Gozani, O.'        7  ? 
primary 'Ismagilov, R.F.'   8  ? 
primary 'Cleary, M.L.'      9  ? 
primary 'Kutateladze, T.G.' 10 ? 
# 
_cell.entry_id           3MDF 
_cell.length_a           85.840 
_cell.length_b           40.520 
_cell.length_c           65.660 
_cell.angle_alpha        90.00 
_cell.angle_beta         127.06 
_cell.angle_gamma        90.00 
_cell.Z_PDB              8 
_cell.pdbx_unique_axis   ? 
_cell.length_a_esd       ? 
_cell.length_b_esd       ? 
_cell.length_c_esd       ? 
_cell.angle_alpha_esd    ? 
_cell.angle_beta_esd     ? 
_cell.angle_gamma_esd    ? 
# 
_symmetry.entry_id                         3MDF 
_symmetry.space_group_name_H-M             'C 1 2 1' 
_symmetry.pdbx_full_space_group_name_H-M   ? 
_symmetry.cell_setting                     ? 
_symmetry.Int_Tables_number                5 
_symmetry.space_group_name_Hall            ? 
# 
loop_
_entity.id 
_entity.type 
_entity.src_method 
_entity.pdbx_description 
_entity.formula_weight 
_entity.pdbx_number_of_molecules 
_entity.pdbx_ec 
_entity.pdbx_mutation 
_entity.pdbx_fragment 
_entity.details 
1 polymer man 'Peptidyl-prolyl cis-trans isomerase E' 9413.567 2   5.2.1.8 ? 'RNA-RECOGNITION MOTIF (UNP residues:1-83)' ? 
2 water   nat water                                   18.015   144 ?       ? ?                                           ? 
# 
_entity_name_com.entity_id   1 
_entity_name_com.name        'PPIase E, Rotamase E, Cyclophilin E, Cyclophilin-33' 
# 
_entity_poly.entity_id                      1 
_entity_poly.type                           'polypeptide(L)' 
_entity_poly.nstd_linkage                   no 
_entity_poly.nstd_monomer                   no 
_entity_poly.pdbx_seq_one_letter_code       
;GSMATTKRVLYVGGLAEEVDDKVLHAAFIPFGDITDIQIPLDYETEKHRGFAFVEFELAEDAAAAIDNMNESELFGRTIR
VNLAK
;
_entity_poly.pdbx_seq_one_letter_code_can   
;GSMATTKRVLYVGGLAEEVDDKVLHAAFIPFGDITDIQIPLDYETEKHRGFAFVEFELAEDAAAAIDNMNESELFGRTIR
VNLAK
;
_entity_poly.pdbx_strand_id                 A,B 
_entity_poly.pdbx_target_identifier         ? 
# 
loop_
_entity_poly_seq.entity_id 
_entity_poly_seq.num 
_entity_poly_seq.mon_id 
_entity_poly_seq.hetero 
1 1  GLY n 
1 2  SER n 
1 3  MET n 
1 4  ALA n 
1 5  THR n 
1 6  THR n 
1 7  LYS n 
1 8  ARG n 
1 9  VAL n 
1 10 LEU n 
1 11 TYR n 
1 12 VAL n 
1 13 GLY n 
1 14 GLY n 
1 15 LEU n 
1 16 ALA n 
1 17 GLU n 
1 18 GLU n 
1 19 VAL n 
1 20 ASP n 
1 21 ASP n 
1 22 LYS n 
1 23 VAL n 
1 24 LEU n 
1 25 HIS n 
1 26 ALA n 
1 27 ALA n 
1 28 PHE n 
1 29 ILE n 
1 30 PRO n 
1 31 PHE n 
1 32 GLY n 
1 33 ASP n 
1 34 ILE n 
1 35 THR n 
1 36 ASP n 
1 37 ILE n 
1 38 GLN n 
1 39 ILE n 
1 40 PRO n 
1 41 LEU n 
1 42 ASP n 
1 43 TYR n 
1 44 GLU n 
1 45 THR n 
1 46 GLU n 
1 47 LYS n 
1 48 HIS n 
1 49 ARG n 
1 50 GLY n 
1 51 PHE n 
1 52 ALA n 
1 53 PHE n 
1 54 VAL n 
1 55 GLU n 
1 56 PHE n 
1 57 GLU n 
1 58 LEU n 
1 59 ALA n 
1 60 GLU n 
1 61 ASP n 
1 62 ALA n 
1 63 ALA n 
1 64 ALA n 
1 65 ALA n 
1 66 ILE n 
1 67 ASP n 
1 68 ASN n 
1 69 MET n 
1 70 ASN n 
1 71 GLU n 
1 72 SER n 
1 73 GLU n 
1 74 LEU n 
1 75 PHE n 
1 76 GLY n 
1 77 ARG n 
1 78 THR n 
1 79 ILE n 
1 80 ARG n 
1 81 VAL n 
1 82 ASN n 
1 83 LEU n 
1 84 ALA n 
1 85 LYS n 
# 
_entity_src_gen.entity_id                          1 
_entity_src_gen.pdbx_src_id                        1 
_entity_src_gen.pdbx_alt_source_flag               sample 
_entity_src_gen.pdbx_seq_type                      ? 
_entity_src_gen.pdbx_beg_seq_num                   ? 
_entity_src_gen.pdbx_end_seq_num                   ? 
_entity_src_gen.gene_src_common_name               human 
_entity_src_gen.gene_src_genus                     ? 
_entity_src_gen.pdbx_gene_src_gene                 'PPIE, CYP33' 
_entity_src_gen.gene_src_species                   ? 
_entity_src_gen.gene_src_strain                    ? 
_entity_src_gen.gene_src_tissue                    ? 
_entity_src_gen.gene_src_tissue_fraction           ? 
_entity_src_gen.gene_src_details                   ? 
_entity_src_gen.pdbx_gene_src_fragment             ? 
_entity_src_gen.pdbx_gene_src_scientific_name      'Homo sapiens' 
_entity_src_gen.pdbx_gene_src_ncbi_taxonomy_id     9606 
_entity_src_gen.pdbx_gene_src_variant              ? 
_entity_src_gen.pdbx_gene_src_cell_line            ? 
_entity_src_gen.pdbx_gene_src_atcc                 ? 
_entity_src_gen.pdbx_gene_src_organ                ? 
_entity_src_gen.pdbx_gene_src_organelle            ? 
_entity_src_gen.pdbx_gene_src_cell                 ? 
_entity_src_gen.pdbx_gene_src_cellular_location    ? 
_entity_src_gen.host_org_common_name               ? 
_entity_src_gen.pdbx_host_org_scientific_name      'Escherichia coli' 
_entity_src_gen.pdbx_host_org_ncbi_taxonomy_id     469008 
_entity_src_gen.host_org_genus                     ? 
_entity_src_gen.pdbx_host_org_gene                 ? 
_entity_src_gen.pdbx_host_org_organ                ? 
_entity_src_gen.host_org_species                   ? 
_entity_src_gen.pdbx_host_org_tissue               ? 
_entity_src_gen.pdbx_host_org_tissue_fraction      ? 
_entity_src_gen.pdbx_host_org_strain               'Rosetta2 DE3' 
_entity_src_gen.pdbx_host_org_variant              ? 
_entity_src_gen.pdbx_host_org_cell_line            ? 
_entity_src_gen.pdbx_host_org_atcc                 ? 
_entity_src_gen.pdbx_host_org_culture_collection   ? 
_entity_src_gen.pdbx_host_org_cell                 ? 
_entity_src_gen.pdbx_host_org_organelle            ? 
_entity_src_gen.pdbx_host_org_cellular_location    ? 
_entity_src_gen.pdbx_host_org_vector_type          PLASMID 
_entity_src_gen.pdbx_host_org_vector               ? 
_entity_src_gen.host_org_details                   ? 
_entity_src_gen.expression_system_id               ? 
_entity_src_gen.plasmid_name                       'pET-28 LIC' 
_entity_src_gen.plasmid_details                    ? 
_entity_src_gen.pdbx_description                   ? 
# 
_struct_ref.id                         1 
_struct_ref.db_name                    UNP 
_struct_ref.db_code                    PPIE_HUMAN 
_struct_ref.pdbx_db_accession          Q9UNP9 
_struct_ref.entity_id                  1 
_struct_ref.pdbx_seq_one_letter_code   
;MATTKRVLYVGGLAEEVDDKVLHAAFIPFGDITDIQIPLDYETEKHRGFAFVEFELAEDAAAAIDNMNESELFGRTIRVN
LAK
;
_struct_ref.pdbx_align_begin           1 
_struct_ref.pdbx_db_isoform            ? 
# 
loop_
_struct_ref_seq.align_id 
_struct_ref_seq.ref_id 
_struct_ref_seq.pdbx_PDB_id_code 
_struct_ref_seq.pdbx_strand_id 
_struct_ref_seq.seq_align_beg 
_struct_ref_seq.pdbx_seq_align_beg_ins_code 
_struct_ref_seq.seq_align_end 
_struct_ref_seq.pdbx_seq_align_end_ins_code 
_struct_ref_seq.pdbx_db_accession 
_struct_ref_seq.db_align_beg 
_struct_ref_seq.pdbx_db_align_beg_ins_code 
_struct_ref_seq.db_align_end 
_struct_ref_seq.pdbx_db_align_end_ins_code 
_struct_ref_seq.pdbx_auth_seq_align_beg 
_struct_ref_seq.pdbx_auth_seq_align_end 
1 1 3MDF A 3 ? 85 ? Q9UNP9 1 ? 83 ? 1 83 
2 1 3MDF B 3 ? 85 ? Q9UNP9 1 ? 83 ? 1 83 
# 
loop_
_struct_ref_seq_dif.align_id 
_struct_ref_seq_dif.pdbx_pdb_id_code 
_struct_ref_seq_dif.mon_id 
_struct_ref_seq_dif.pdbx_pdb_strand_id 
_struct_ref_seq_dif.seq_num 
_struct_ref_seq_dif.pdbx_pdb_ins_code 
_struct_ref_seq_dif.pdbx_seq_db_name 
_struct_ref_seq_dif.pdbx_seq_db_accession_code 
_struct_ref_seq_dif.db_mon_id 
_struct_ref_seq_dif.pdbx_seq_db_seq_num 
_struct_ref_seq_dif.details 
_struct_ref_seq_dif.pdbx_auth_seq_num 
_struct_ref_seq_dif.pdbx_ordinal 
1 3MDF GLY A 1 ? UNP Q9UNP9 ? ? 'expression tag' -1 1 
1 3MDF SER A 2 ? UNP Q9UNP9 ? ? 'expression tag' 0  2 
2 3MDF GLY B 1 ? UNP Q9UNP9 ? ? 'expression tag' -1 3 
2 3MDF SER B 2 ? UNP Q9UNP9 ? ? 'expression tag' 0  4 
# 
loop_
_chem_comp.id 
_chem_comp.type 
_chem_comp.mon_nstd_flag 
_chem_comp.name 
_chem_comp.pdbx_synonyms 
_chem_comp.formula 
_chem_comp.formula_weight 
ALA 'L-peptide linking' y ALANINE         ? 'C3 H7 N O2'     89.093  
ARG 'L-peptide linking' y ARGININE        ? 'C6 H15 N4 O2 1' 175.209 
ASN 'L-peptide linking' y ASPARAGINE      ? 'C4 H8 N2 O3'    132.118 
ASP 'L-peptide linking' y 'ASPARTIC ACID' ? 'C4 H7 N O4'     133.103 
GLN 'L-peptide linking' y GLUTAMINE       ? 'C5 H10 N2 O3'   146.144 
GLU 'L-peptide linking' y 'GLUTAMIC ACID' ? 'C5 H9 N O4'     147.129 
GLY 'peptide linking'   y GLYCINE         ? 'C2 H5 N O2'     75.067  
HIS 'L-peptide linking' y HISTIDINE       ? 'C6 H10 N3 O2 1' 156.162 
HOH non-polymer         . WATER           ? 'H2 O'           18.015  
ILE 'L-peptide linking' y ISOLEUCINE      ? 'C6 H13 N O2'    131.173 
LEU 'L-peptide linking' y LEUCINE         ? 'C6 H13 N O2'    131.173 
LYS 'L-peptide linking' y LYSINE          ? 'C6 H15 N2 O2 1' 147.195 
MET 'L-peptide linking' y METHIONINE      ? 'C5 H11 N O2 S'  149.211 
PHE 'L-peptide linking' y PHENYLALANINE   ? 'C9 H11 N O2'    165.189 
PRO 'L-peptide linking' y PROLINE         ? 'C5 H9 N O2'     115.130 
SER 'L-peptide linking' y SERINE          ? 'C3 H7 N O3'     105.093 
THR 'L-peptide linking' y THREONINE       ? 'C4 H9 N O3'     119.119 
TYR 'L-peptide linking' y TYROSINE        ? 'C9 H11 N O3'    181.189 
VAL 'L-peptide linking' y VALINE          ? 'C5 H11 N O2'    117.146 
# 
_exptl.entry_id          3MDF 
_exptl.method            'X-RAY DIFFRACTION' 
_exptl.crystals_number   1 
# 
_exptl_crystal.id                    1 
_exptl_crystal.density_meas          ? 
_exptl_crystal.density_Matthews      2.46 
_exptl_crystal.density_percent_sol   49.95 
_exptl_crystal.description           ? 
_exptl_crystal.F_000                 ? 
_exptl_crystal.preparation           ? 
# 
_exptl_crystal_grow.crystal_id      1 
_exptl_crystal_grow.method          ? 
_exptl_crystal_grow.temp            291 
_exptl_crystal_grow.temp_details    ? 
_exptl_crystal_grow.pH              7.6 
_exptl_crystal_grow.pdbx_pH_range   ? 
_exptl_crystal_grow.pdbx_details    '0.1 M Hepes and 1.0 M tri-sodium dehydrate citrate pH 7.6, Microcapillary, temperature 291K' 
# 
_diffrn.id                     1 
_diffrn.ambient_temp           100 
_diffrn.ambient_temp_details   ? 
_diffrn.crystal_id             1 
# 
_diffrn_detector.diffrn_id              1 
_diffrn_detector.detector               NOIR1 
_diffrn_detector.type                   'MBC DETECTOR' 
_diffrn_detector.pdbx_collection_date   2008-04-22 
_diffrn_detector.details                ? 
# 
_diffrn_radiation.diffrn_id                        1 
_diffrn_radiation.wavelength_id                    1 
_diffrn_radiation.pdbx_monochromatic_or_laue_m_l   M 
_diffrn_radiation.monochromator                    ? 
_diffrn_radiation.pdbx_diffrn_protocol             'SINGLE WAVELENGTH' 
_diffrn_radiation.pdbx_scattering_type             x-ray 
# 
_diffrn_radiation_wavelength.id           1 
_diffrn_radiation_wavelength.wavelength   0.9786 
_diffrn_radiation_wavelength.wt           1.0 
# 
_diffrn_source.diffrn_id                   1 
_diffrn_source.source                      SYNCHROTRON 
_diffrn_source.type                        'ALS BEAMLINE 4.2.2' 
_diffrn_source.pdbx_synchrotron_site       ALS 
_diffrn_source.pdbx_synchrotron_beamline   4.2.2 
_diffrn_source.pdbx_wavelength             0.9786 
_diffrn_source.pdbx_wavelength_list        ? 
# 
_reflns.entry_id                     3MDF 
_reflns.observed_criterion_sigma_I   2.100 
_reflns.observed_criterion_sigma_F   ? 
_reflns.d_resolution_low             26.200 
_reflns.d_resolution_high            1.850 
_reflns.number_obs                   15587 
_reflns.number_all                   ? 
_reflns.percent_possible_obs         99.9 
_reflns.pdbx_Rmerge_I_obs            0.07500 
_reflns.pdbx_Rsym_value              ? 
_reflns.pdbx_netI_over_sigmaI        15.6000 
_reflns.B_iso_Wilson_estimate        26.00 
_reflns.pdbx_redundancy              6.760 
_reflns.R_free_details               ? 
_reflns.limit_h_max                  ? 
_reflns.limit_h_min                  ? 
_reflns.limit_k_max                  ? 
_reflns.limit_k_min                  ? 
_reflns.limit_l_max                  ? 
_reflns.limit_l_min                  ? 
_reflns.observed_criterion_F_max     ? 
_reflns.observed_criterion_F_min     ? 
_reflns.pdbx_chi_squared             ? 
_reflns.pdbx_scaling_rejects         ? 
_reflns.pdbx_ordinal                 1 
_reflns.pdbx_diffrn_id               1 
# 
_reflns_shell.d_res_high             1.85 
_reflns_shell.d_res_low              1.92 
_reflns_shell.percent_possible_all   100.0 
_reflns_shell.Rmerge_I_obs           0.23200 
_reflns_shell.pdbx_Rsym_value        ? 
_reflns_shell.meanI_over_sigI_obs    5.000 
_reflns_shell.pdbx_redundancy        6.41 
_reflns_shell.percent_possible_obs   ? 
_reflns_shell.number_unique_all      ? 
_reflns_shell.number_measured_all    ? 
_reflns_shell.number_measured_obs    ? 
_reflns_shell.number_unique_obs      ? 
_reflns_shell.pdbx_chi_squared       ? 
_reflns_shell.pdbx_ordinal           1 
_reflns_shell.pdbx_diffrn_id         1 
# 
_refine.pdbx_refine_id                           'X-RAY DIFFRACTION' 
_refine.entry_id                                 3MDF 
_refine.ls_number_reflns_obs                     15587 
_refine.ls_number_reflns_all                     30165 
_refine.pdbx_ls_sigma_I                          ? 
_refine.pdbx_ls_sigma_F                          2.100 
_refine.pdbx_data_cutoff_high_absF               ? 
_refine.pdbx_data_cutoff_low_absF                ? 
_refine.pdbx_data_cutoff_high_rms_absF           ? 
_refine.ls_d_res_low                             26.20 
_refine.ls_d_res_high                            1.85 
_refine.ls_percent_reflns_obs                    99.9 
_refine.ls_R_factor_obs                          0.210 
_refine.ls_R_factor_all                          ? 
_refine.ls_R_factor_R_work                       0.210 
_refine.ls_R_factor_R_free                       0.238 
_refine.ls_R_factor_R_free_error                 ? 
_refine.ls_R_factor_R_free_error_details         ? 
_refine.ls_percent_reflns_R_free                 ? 
_refine.ls_number_reflns_R_free                  2895 
_refine.ls_number_parameters                     ? 
_refine.ls_number_restraints                     ? 
_refine.occupancy_min                            ? 
_refine.occupancy_max                            ? 
_refine.correlation_coeff_Fo_to_Fc               ? 
_refine.correlation_coeff_Fo_to_Fc_free          ? 
_refine.B_iso_mean                               27.66 
_refine.aniso_B[1][1]                            3.41600 
_refine.aniso_B[2][2]                            -7.00500 
_refine.aniso_B[3][3]                            3.58900 
_refine.aniso_B[1][2]                            0.00000 
_refine.aniso_B[1][3]                            8.91700 
_refine.aniso_B[2][3]                            0.00000 
_refine.solvent_model_details                    ? 
_refine.solvent_model_param_ksol                 ? 
_refine.solvent_model_param_bsol                 ? 
_refine.pdbx_solvent_vdw_probe_radii             ? 
_refine.pdbx_solvent_ion_probe_radii             ? 
_refine.pdbx_solvent_shrinkage_radii             ? 
_refine.pdbx_ls_cross_valid_method               THROUGHOUT 
_refine.details                                  ? 
_refine.pdbx_starting_model                      'PDB ENTRY 1CVJ' 
_refine.pdbx_method_to_determine_struct          'MOLECULAR REPLACEMENT' 
_refine.pdbx_isotropic_thermal_model             ISOTROPIC 
_refine.pdbx_stereochemistry_target_values       'ENGH & HUBER' 
_refine.pdbx_stereochem_target_val_spec_case     ? 
_refine.pdbx_R_Free_selection_details            RANDOM 
_refine.pdbx_overall_ESU_R_Free                  ? 
_refine.overall_SU_ML                            ? 
_refine.pdbx_overall_phase_error                 ? 
_refine.overall_SU_B                             ? 
_refine.overall_SU_R_Cruickshank_DPI             ? 
_refine.pdbx_overall_SU_R_free_Cruickshank_DPI   ? 
_refine.pdbx_overall_SU_R_Blow_DPI               ? 
_refine.pdbx_overall_SU_R_free_Blow_DPI          ? 
_refine.ls_redundancy_reflns_obs                 ? 
_refine.B_iso_min                                ? 
_refine.B_iso_max                                ? 
_refine.overall_SU_R_free                        ? 
_refine.ls_wR_factor_R_free                      ? 
_refine.ls_wR_factor_R_work                      ? 
_refine.overall_FOM_free_R_set                   ? 
_refine.overall_FOM_work_R_set                   ? 
_refine.pdbx_overall_ESU_R                       ? 
_refine.pdbx_diffrn_id                           1 
_refine.pdbx_TLS_residual_ADP_flag               ? 
# 
_refine_analyze.pdbx_refine_id                  'X-RAY DIFFRACTION' 
_refine_analyze.entry_id                        3MDF 
_refine_analyze.Luzzati_coordinate_error_obs    0.23 
_refine_analyze.Luzzati_sigma_a_obs             0.23 
_refine_analyze.Luzzati_d_res_low_obs           1.85 
_refine_analyze.Luzzati_coordinate_error_free   0.27 
_refine_analyze.Luzzati_sigma_a_free            0.25 
_refine_analyze.Luzzati_d_res_low_free          ? 
_refine_analyze.number_disordered_residues      ? 
_refine_analyze.occupancy_sum_hydrogen          ? 
_refine_analyze.occupancy_sum_non_hydrogen      ? 
_refine_analyze.pdbx_Luzzati_d_res_high_obs     ? 
# 
_refine_hist.pdbx_refine_id                   'X-RAY DIFFRACTION' 
_refine_hist.cycle_id                         LAST 
_refine_hist.pdbx_number_atoms_protein        1304 
_refine_hist.pdbx_number_atoms_nucleic_acid   0 
_refine_hist.pdbx_number_atoms_ligand         0 
_refine_hist.number_atoms_solvent             144 
_refine_hist.number_atoms_total               1448 
_refine_hist.d_res_high                       1.85 
_refine_hist.d_res_low                        26.20 
# 
loop_
_refine_ls_restr.type 
_refine_ls_restr.dev_ideal 
_refine_ls_restr.dev_ideal_target 
_refine_ls_restr.weight 
_refine_ls_restr.number 
_refine_ls_restr.pdbx_refine_id 
_refine_ls_restr.pdbx_restraint_function 
c_bond_d                0.010 ? ? ? 'X-RAY DIFFRACTION' ? 
c_bond_d_na             ?     ? ? ? 'X-RAY DIFFRACTION' ? 
c_bond_d_prot           ?     ? ? ? 'X-RAY DIFFRACTION' ? 
c_angle_d               ?     ? ? ? 'X-RAY DIFFRACTION' ? 
c_angle_d_na            ?     ? ? ? 'X-RAY DIFFRACTION' ? 
c_angle_d_prot          ?     ? ? ? 'X-RAY DIFFRACTION' ? 
c_angle_deg             1.34  ? ? ? 'X-RAY DIFFRACTION' ? 
c_angle_deg_na          ?     ? ? ? 'X-RAY DIFFRACTION' ? 
c_angle_deg_prot        ?     ? ? ? 'X-RAY DIFFRACTION' ? 
c_dihedral_angle_d      25.14 ? ? ? 'X-RAY DIFFRACTION' ? 
c_dihedral_angle_d_na   ?     ? ? ? 'X-RAY DIFFRACTION' ? 
c_dihedral_angle_d_prot ?     ? ? ? 'X-RAY DIFFRACTION' ? 
c_improper_angle_d      0.83  ? ? ? 'X-RAY DIFFRACTION' ? 
c_improper_angle_d_na   ?     ? ? ? 'X-RAY DIFFRACTION' ? 
c_improper_angle_d_prot ?     ? ? ? 'X-RAY DIFFRACTION' ? 
c_mcbond_it             ?     ? ? ? 'X-RAY DIFFRACTION' ? 
c_mcangle_it            ?     ? ? ? 'X-RAY DIFFRACTION' ? 
c_scbond_it             ?     ? ? ? 'X-RAY DIFFRACTION' ? 
c_scangle_it            ?     ? ? ? 'X-RAY DIFFRACTION' ? 
# 
_refine_ls_shell.pdbx_refine_id                   'X-RAY DIFFRACTION' 
_refine_ls_shell.pdbx_total_number_of_bins_used   ? 
_refine_ls_shell.d_res_high                       1.85 
_refine_ls_shell.d_res_low                        1.92 
_refine_ls_shell.number_reflns_R_work             ? 
_refine_ls_shell.R_factor_R_work                  0.2767 
_refine_ls_shell.percent_reflns_obs               89.05 
_refine_ls_shell.R_factor_R_free                  0.3030 
_refine_ls_shell.R_factor_R_free_error            ? 
_refine_ls_shell.percent_reflns_R_free            ? 
_refine_ls_shell.number_reflns_R_free             331 
_refine_ls_shell.number_reflns_all                ? 
_refine_ls_shell.R_factor_all                     ? 
_refine_ls_shell.redundancy_reflns_obs            ? 
_refine_ls_shell.number_reflns_obs                ? 
# 
_struct.entry_id                  3MDF 
_struct.title                     'Crystal structure of the RRM domain of Cyclophilin 33' 
_struct.pdbx_model_details        ? 
_struct.pdbx_CASP_flag            ? 
_struct.pdbx_model_type_details   ? 
# 
_struct_keywords.entry_id        3MDF 
_struct_keywords.pdbx_keywords   'RNA BINDING PROTEIN' 
_struct_keywords.text            
;RRM domain, PHD finger, Cyp33, MLL, RNA BINDING PROTEIN, Isomerase, mRNA processing, mRNA splicing, Nucleus, RNA-binding, Rotamase, Spliceosome
;
# 
loop_
_struct_asym.id 
_struct_asym.pdbx_blank_PDB_chainid_flag 
_struct_asym.pdbx_modified 
_struct_asym.entity_id 
_struct_asym.details 
A N N 1 ? 
B N N 1 ? 
C N N 2 ? 
D N N 2 ? 
# 
_struct_biol.id        1 
_struct_biol.details   ? 
# 
loop_
_struct_conf.conf_type_id 
_struct_conf.id 
_struct_conf.pdbx_PDB_helix_id 
_struct_conf.beg_label_comp_id 
_struct_conf.beg_label_asym_id 
_struct_conf.beg_label_seq_id 
_struct_conf.pdbx_beg_PDB_ins_code 
_struct_conf.end_label_comp_id 
_struct_conf.end_label_asym_id 
_struct_conf.end_label_seq_id 
_struct_conf.pdbx_end_PDB_ins_code 
_struct_conf.beg_auth_comp_id 
_struct_conf.beg_auth_asym_id 
_struct_conf.beg_auth_seq_id 
_struct_conf.end_auth_comp_id 
_struct_conf.end_auth_asym_id 
_struct_conf.end_auth_seq_id 
_struct_conf.pdbx_PDB_helix_class 
_struct_conf.details 
_struct_conf.pdbx_PDB_helix_length 
HELX_P HELX_P1 1 ASP A 20 ? ILE A 29 ? ASP A 18 ILE A 27 1 ? 10 
HELX_P HELX_P2 2 PRO A 30 ? GLY A 32 ? PRO A 28 GLY A 30 5 ? 3  
HELX_P HELX_P3 3 LEU A 58 ? ASN A 70 ? LEU A 56 ASN A 68 1 ? 13 
HELX_P HELX_P4 4 ASP B 20 ? ILE B 29 ? ASP B 18 ILE B 27 1 ? 10 
HELX_P HELX_P5 5 PRO B 30 ? GLY B 32 ? PRO B 28 GLY B 30 5 ? 3  
HELX_P HELX_P6 6 LEU B 58 ? ASN B 70 ? LEU B 56 ASN B 68 1 ? 13 
# 
_struct_conf_type.id          HELX_P 
_struct_conf_type.criteria    ? 
_struct_conf_type.reference   ? 
# 
loop_
_struct_sheet.id 
_struct_sheet.type 
_struct_sheet.number_strands 
_struct_sheet.details 
A ? 4 ? 
B ? 2 ? 
C ? 4 ? 
D ? 2 ? 
# 
loop_
_struct_sheet_order.sheet_id 
_struct_sheet_order.range_id_1 
_struct_sheet_order.range_id_2 
_struct_sheet_order.offset 
_struct_sheet_order.sense 
A 1 2 ? anti-parallel 
A 2 3 ? anti-parallel 
A 3 4 ? anti-parallel 
B 1 2 ? anti-parallel 
C 1 2 ? anti-parallel 
C 2 3 ? anti-parallel 
C 3 4 ? anti-parallel 
D 1 2 ? anti-parallel 
# 
loop_
_struct_sheet_range.sheet_id 
_struct_sheet_range.id 
_struct_sheet_range.beg_label_comp_id 
_struct_sheet_range.beg_label_asym_id 
_struct_sheet_range.beg_label_seq_id 
_struct_sheet_range.pdbx_beg_PDB_ins_code 
_struct_sheet_range.end_label_comp_id 
_struct_sheet_range.end_label_asym_id 
_struct_sheet_range.end_label_seq_id 
_struct_sheet_range.pdbx_end_PDB_ins_code 
_struct_sheet_range.beg_auth_comp_id 
_struct_sheet_range.beg_auth_asym_id 
_struct_sheet_range.beg_auth_seq_id 
_struct_sheet_range.end_auth_comp_id 
_struct_sheet_range.end_auth_asym_id 
_struct_sheet_range.end_auth_seq_id 
A 1 ILE A 34 ? GLN A 38 ? ILE A 32 GLN A 36 
A 2 PHE A 51 ? PHE A 56 ? PHE A 49 PHE A 54 
A 3 VAL A 9  ? GLY A 13 ? VAL A 7  GLY A 11 
A 4 ARG A 80 ? LEU A 83 ? ARG A 78 LEU A 81 
B 1 GLU A 73 ? LEU A 74 ? GLU A 71 LEU A 72 
B 2 ARG A 77 ? THR A 78 ? ARG A 75 THR A 76 
C 1 ILE B 34 ? GLN B 38 ? ILE B 32 GLN B 36 
C 2 PHE B 51 ? PHE B 56 ? PHE B 49 PHE B 54 
C 3 VAL B 9  ? GLY B 13 ? VAL B 7  GLY B 11 
C 4 ARG B 80 ? LEU B 83 ? ARG B 78 LEU B 81 
D 1 GLU B 73 ? LEU B 74 ? GLU B 71 LEU B 72 
D 2 ARG B 77 ? THR B 78 ? ARG B 75 THR B 76 
# 
loop_
_pdbx_struct_sheet_hbond.sheet_id 
_pdbx_struct_sheet_hbond.range_id_1 
_pdbx_struct_sheet_hbond.range_id_2 
_pdbx_struct_sheet_hbond.range_1_label_atom_id 
_pdbx_struct_sheet_hbond.range_1_label_comp_id 
_pdbx_struct_sheet_hbond.range_1_label_asym_id 
_pdbx_struct_sheet_hbond.range_1_label_seq_id 
_pdbx_struct_sheet_hbond.range_1_PDB_ins_code 
_pdbx_struct_sheet_hbond.range_1_auth_atom_id 
_pdbx_struct_sheet_hbond.range_1_auth_comp_id 
_pdbx_struct_sheet_hbond.range_1_auth_asym_id 
_pdbx_struct_sheet_hbond.range_1_auth_seq_id 
_pdbx_struct_sheet_hbond.range_2_label_atom_id 
_pdbx_struct_sheet_hbond.range_2_label_comp_id 
_pdbx_struct_sheet_hbond.range_2_label_asym_id 
_pdbx_struct_sheet_hbond.range_2_label_seq_id 
_pdbx_struct_sheet_hbond.range_2_PDB_ins_code 
_pdbx_struct_sheet_hbond.range_2_auth_atom_id 
_pdbx_struct_sheet_hbond.range_2_auth_comp_id 
_pdbx_struct_sheet_hbond.range_2_auth_asym_id 
_pdbx_struct_sheet_hbond.range_2_auth_seq_id 
A 1 2 N ASP A 36 ? N ASP A 34 O GLU A 55 ? O GLU A 53 
A 2 3 O VAL A 54 ? O VAL A 52 N LEU A 10 ? N LEU A 8  
A 3 4 N TYR A 11 ? N TYR A 9  O ASN A 82 ? O ASN A 80 
B 1 2 N LEU A 74 ? N LEU A 72 O ARG A 77 ? O ARG A 75 
C 1 2 N ASP B 36 ? N ASP B 34 O GLU B 55 ? O GLU B 53 
C 2 3 O VAL B 54 ? O VAL B 52 N LEU B 10 ? N LEU B 8  
C 3 4 N TYR B 11 ? N TYR B 9  O ASN B 82 ? O ASN B 80 
D 1 2 N LEU B 74 ? N LEU B 72 O ARG B 77 ? O ARG B 75 
# 
_atom_sites.entry_id                    3MDF 
_atom_sites.fract_transf_matrix[1][1]   -0.01085770 
_atom_sites.fract_transf_matrix[1][2]   -0.00016646 
_atom_sites.fract_transf_matrix[1][3]   0.00975756 
_atom_sites.fract_transf_matrix[2][1]   0.01479302 
_atom_sites.fract_transf_matrix[2][2]   -0.01120332 
_atom_sites.fract_transf_matrix[2][3]   0.01626977 
_atom_sites.fract_transf_matrix[3][1]   -0.00404755 
_atom_sites.fract_transf_matrix[3][2]   0.01343796 
_atom_sites.fract_transf_matrix[3][3]   0.01293352 
_atom_sites.fract_transf_vector[1]      0.243709 
_atom_sites.fract_transf_vector[2]      -0.295468 
_atom_sites.fract_transf_vector[3]      0.234351 
# 
loop_
_atom_type.symbol 
C 
N 
O 
S 
# 
loop_
_atom_site.group_PDB 
_atom_site.id 
_atom_site.type_symbol 
_atom_site.label_atom_id 
_atom_site.label_alt_id 
_atom_site.label_comp_id 
_atom_site.label_asym_id 
_atom_site.label_entity_id 
_atom_site.label_seq_id 
_atom_site.pdbx_PDB_ins_code 
_atom_site.Cartn_x 
_atom_site.Cartn_y 
_atom_site.Cartn_z 
_atom_site.occupancy 
_atom_site.B_iso_or_equiv 
_atom_site.pdbx_formal_charge 
_atom_site.auth_seq_id 
_atom_site.auth_comp_id 
_atom_site.auth_asym_id 
_atom_site.auth_atom_id 
_atom_site.pdbx_PDB_model_num 
ATOM   1    N N   . MET A 1 3  ? -17.286 -12.698 -5.623  1.00 34.38 ? 1   MET A N   1 
ATOM   2    C CA  . MET A 1 3  ? -16.029 -11.922 -5.838  1.00 35.60 ? 1   MET A CA  1 
ATOM   3    C C   . MET A 1 3  ? -14.848 -12.850 -5.568  1.00 33.22 ? 1   MET A C   1 
ATOM   4    O O   . MET A 1 3  ? -14.802 -13.502 -4.527  1.00 34.83 ? 1   MET A O   1 
ATOM   5    C CB  . MET A 1 3  ? -15.986 -10.746 -4.871  1.00 38.12 ? 1   MET A CB  1 
ATOM   6    C CG  . MET A 1 3  ? -15.030 -9.658  -5.295  1.00 42.90 ? 1   MET A CG  1 
ATOM   7    S SD  . MET A 1 3  ? -14.173 -8.943  -3.869  1.00 48.43 ? 1   MET A SD  1 
ATOM   8    C CE  . MET A 1 3  ? -15.417 -9.103  -2.546  1.00 47.47 ? 1   MET A CE  1 
ATOM   9    N N   . ALA A 1 4  ? -13.898 -12.903 -6.499  1.00 30.78 ? 2   ALA A N   1 
ATOM   10   C CA  . ALA A 1 4  ? -12.734 -13.786 -6.371  1.00 27.68 ? 2   ALA A CA  1 
ATOM   11   C C   . ALA A 1 4  ? -11.394 -13.119 -6.048  1.00 26.98 ? 2   ALA A C   1 
ATOM   12   O O   . ALA A 1 4  ? -10.348 -13.772 -6.081  1.00 25.12 ? 2   ALA A O   1 
ATOM   13   C CB  . ALA A 1 4  ? -12.588 -14.632 -7.646  1.00 27.74 ? 2   ALA A CB  1 
ATOM   14   N N   . THR A 1 5  ? -11.412 -11.827 -5.738  1.00 25.25 ? 3   THR A N   1 
ATOM   15   C CA  . THR A 1 5  ? -10.169 -11.128 -5.408  1.00 25.96 ? 3   THR A CA  1 
ATOM   16   C C   . THR A 1 5  ? -9.629  -11.624 -4.061  1.00 25.14 ? 3   THR A C   1 
ATOM   17   O O   . THR A 1 5  ? -10.376 -11.749 -3.088  1.00 23.91 ? 3   THR A O   1 
ATOM   18   C CB  . THR A 1 5  ? -10.379 -9.607  -5.349  1.00 27.31 ? 3   THR A CB  1 
ATOM   19   O OG1 . THR A 1 5  ? -10.754 -9.128  -6.652  1.00 29.49 ? 3   THR A OG1 1 
ATOM   20   C CG2 . THR A 1 5  ? -9.096  -8.914  -4.898  1.00 28.93 ? 3   THR A CG2 1 
ATOM   21   N N   . THR A 1 6  ? -8.330  -11.903 -4.018  1.00 23.99 ? 4   THR A N   1 
ATOM   22   C CA  . THR A 1 6  ? -7.692  -12.408 -2.804  1.00 23.25 ? 4   THR A CA  1 
ATOM   23   C C   . THR A 1 6  ? -7.695  -11.441 -1.626  1.00 22.46 ? 4   THR A C   1 
ATOM   24   O O   . THR A 1 6  ? -7.626  -10.226 -1.803  1.00 21.70 ? 4   THR A O   1 
ATOM   25   C CB  . THR A 1 6  ? -6.221  -12.795 -3.060  1.00 25.33 ? 4   THR A CB  1 
ATOM   26   O OG1 . THR A 1 6  ? -5.658  -13.363 -1.870  1.00 24.43 ? 4   THR A OG1 1 
ATOM   27   C CG2 . THR A 1 6  ? -5.415  -11.584 -3.473  1.00 27.16 ? 4   THR A CG2 1 
ATOM   28   N N   . LYS A 1 7  ? -7.764  -12.005 -0.424  1.00 20.05 ? 5   LYS A N   1 
ATOM   29   C CA  . LYS A 1 7  ? -7.756  -11.237 0.814   1.00 21.00 ? 5   LYS A CA  1 
ATOM   30   C C   . LYS A 1 7  ? -6.574  -11.731 1.651   1.00 19.43 ? 5   LYS A C   1 
ATOM   31   O O   . LYS A 1 7  ? -6.509  -11.489 2.858   1.00 20.11 ? 5   LYS A O   1 
ATOM   32   C CB  . LYS A 1 7  ? -9.058  -11.471 1.586   1.00 24.81 ? 5   LYS A CB  1 
ATOM   33   C CG  . LYS A 1 7  ? -10.309 -11.232 0.753   1.00 27.74 ? 5   LYS A CG  1 
ATOM   34   C CD  . LYS A 1 7  ? -10.541 -9.754  0.516   1.00 31.07 ? 5   LYS A CD  1 
ATOM   35   C CE  . LYS A 1 7  ? -11.251 -9.120  1.699   1.00 35.69 ? 5   LYS A CE  1 
ATOM   36   N NZ  . LYS A 1 7  ? -12.613 -9.698  1.891   1.00 37.29 ? 5   LYS A NZ  1 
ATOM   37   N N   . ARG A 1 8  ? -5.645  -12.420 0.995   1.00 15.95 ? 6   ARG A N   1 
ATOM   38   C CA  . ARG A 1 8  ? -4.462  -12.980 1.657   1.00 17.06 ? 6   ARG A CA  1 
ATOM   39   C C   . ARG A 1 8  ? -3.218  -12.103 1.520   1.00 15.99 ? 6   ARG A C   1 
ATOM   40   O O   . ARG A 1 8  ? -2.232  -12.314 2.224   1.00 14.87 ? 6   ARG A O   1 
ATOM   41   C CB  . ARG A 1 8  ? -4.137  -14.364 1.072   1.00 17.42 ? 6   ARG A CB  1 
ATOM   42   C CG  . ARG A 1 8  ? -5.123  -15.478 1.401   1.00 21.22 ? 6   ARG A CG  1 
ATOM   43   C CD  . ARG A 1 8  ? -4.859  -16.691 0.508   1.00 21.91 ? 6   ARG A CD  1 
ATOM   44   N NE  . ARG A 1 8  ? -3.429  -16.975 0.413   1.00 25.56 ? 6   ARG A NE  1 
ATOM   45   C CZ  . ARG A 1 8  ? -2.859  -17.653 -0.577  1.00 25.87 ? 6   ARG A CZ  1 
ATOM   46   N NH1 . ARG A 1 8  ? -3.596  -18.131 -1.571  1.00 26.26 ? 6   ARG A NH1 1 
ATOM   47   N NH2 . ARG A 1 8  ? -1.546  -17.837 -0.581  1.00 25.86 ? 6   ARG A NH2 1 
ATOM   48   N N   . VAL A 1 9  ? -3.258  -11.129 0.615   1.00 15.08 ? 7   VAL A N   1 
ATOM   49   C CA  . VAL A 1 9  ? -2.099  -10.261 0.392   1.00 15.15 ? 7   VAL A CA  1 
ATOM   50   C C   . VAL A 1 9  ? -2.225  -8.909  1.089   1.00 14.61 ? 7   VAL A C   1 
ATOM   51   O O   . VAL A 1 9  ? -3.223  -8.203  0.932   1.00 14.60 ? 7   VAL A O   1 
ATOM   52   C CB  . VAL A 1 9  ? -1.861  -10.028 -1.119  1.00 15.57 ? 7   VAL A CB  1 
ATOM   53   C CG1 . VAL A 1 9  ? -0.645  -9.141  -1.331  1.00 13.91 ? 7   VAL A CG1 1 
ATOM   54   C CG2 . VAL A 1 9  ? -1.654  -11.363 -1.825  1.00 17.98 ? 7   VAL A CG2 1 
ATOM   55   N N   . LEU A 1 10 ? -1.193  -8.551  1.848   1.00 15.11 ? 8   LEU A N   1 
ATOM   56   C CA  . LEU A 1 10 ? -1.182  -7.293  2.581   1.00 14.92 ? 8   LEU A CA  1 
ATOM   57   C C   . LEU A 1 10 ? -0.128  -6.314  2.077   1.00 15.98 ? 8   LEU A C   1 
ATOM   58   O O   . LEU A 1 10 ? 0.938   -6.714  1.616   1.00 16.63 ? 8   LEU A O   1 
ATOM   59   C CB  . LEU A 1 10 ? -0.905  -7.544  4.067   1.00 17.07 ? 8   LEU A CB  1 
ATOM   60   C CG  . LEU A 1 10 ? -1.800  -8.496  4.856   1.00 16.66 ? 8   LEU A CG  1 
ATOM   61   C CD1 . LEU A 1 10 ? -1.380  -8.483  6.319   1.00 16.75 ? 8   LEU A CD1 1 
ATOM   62   C CD2 . LEU A 1 10 ? -3.246  -8.073  4.709   1.00 17.30 ? 8   LEU A CD2 1 
ATOM   63   N N   . TYR A 1 11 ? -0.438  -5.027  2.164   1.00 16.13 ? 9   TYR A N   1 
ATOM   64   C CA  . TYR A 1 11 ? 0.521   -3.996  1.797   1.00 16.35 ? 9   TYR A CA  1 
ATOM   65   C C   . TYR A 1 11 ? 1.145   -3.631  3.138   1.00 15.83 ? 9   TYR A C   1 
ATOM   66   O O   . TYR A 1 11 ? 0.439   -3.543  4.142   1.00 17.27 ? 9   TYR A O   1 
ATOM   67   C CB  . TYR A 1 11 ? -0.180  -2.764  1.216   1.00 14.52 ? 9   TYR A CB  1 
ATOM   68   C CG  . TYR A 1 11 ? 0.704   -1.529  1.183   1.00 12.60 ? 9   TYR A CG  1 
ATOM   69   C CD1 . TYR A 1 11 ? 1.698   -1.381  0.219   1.00 12.59 ? 9   TYR A CD1 1 
ATOM   70   C CD2 . TYR A 1 11 ? 0.561   -0.524  2.136   1.00 14.15 ? 9   TYR A CD2 1 
ATOM   71   C CE1 . TYR A 1 11 ? 2.532   -0.260  0.201   1.00 14.44 ? 9   TYR A CE1 1 
ATOM   72   C CE2 . TYR A 1 11 ? 1.393   0.604   2.131   1.00 13.84 ? 9   TYR A CE2 1 
ATOM   73   C CZ  . TYR A 1 11 ? 2.375   0.727   1.158   1.00 14.09 ? 9   TYR A CZ  1 
ATOM   74   O OH  . TYR A 1 11 ? 3.207   1.827   1.150   1.00 14.36 ? 9   TYR A OH  1 
ATOM   75   N N   . VAL A 1 12 ? 2.461   -3.448  3.166   1.00 16.94 ? 10  VAL A N   1 
ATOM   76   C CA  . VAL A 1 12 ? 3.150   -3.075  4.400   1.00 16.19 ? 10  VAL A CA  1 
ATOM   77   C C   . VAL A 1 12 ? 4.070   -1.914  4.055   1.00 15.75 ? 10  VAL A C   1 
ATOM   78   O O   . VAL A 1 12 ? 5.031   -2.084  3.310   1.00 15.90 ? 10  VAL A O   1 
ATOM   79   C CB  . VAL A 1 12 ? 4.001   -4.240  4.968   1.00 16.12 ? 10  VAL A CB  1 
ATOM   80   C CG1 . VAL A 1 12 ? 4.696   -3.798  6.243   1.00 16.10 ? 10  VAL A CG1 1 
ATOM   81   C CG2 . VAL A 1 12 ? 3.121   -5.455  5.246   1.00 15.82 ? 10  VAL A CG2 1 
ATOM   82   N N   . GLY A 1 13 ? 3.770   -0.734  4.589   1.00 16.27 ? 11  GLY A N   1 
ATOM   83   C CA  . GLY A 1 13 ? 4.586   0.431   4.290   1.00 16.40 ? 11  GLY A CA  1 
ATOM   84   C C   . GLY A 1 13 ? 5.259   1.048   5.500   1.00 16.96 ? 11  GLY A C   1 
ATOM   85   O O   . GLY A 1 13 ? 4.991   0.657   6.635   1.00 18.51 ? 11  GLY A O   1 
ATOM   86   N N   . GLY A 1 14 ? 6.138   2.016   5.252   1.00 17.99 ? 12  GLY A N   1 
ATOM   87   C CA  . GLY A 1 14 ? 6.844   2.681   6.333   1.00 17.91 ? 12  GLY A CA  1 
ATOM   88   C C   . GLY A 1 14 ? 7.994   1.837   6.855   1.00 18.44 ? 12  GLY A C   1 
ATOM   89   O O   . GLY A 1 14 ? 8.304   1.870   8.045   1.00 19.24 ? 12  GLY A O   1 
ATOM   90   N N   . LEU A 1 15 ? 8.633   1.086   5.962   1.00 17.40 ? 13  LEU A N   1 
ATOM   91   C CA  . LEU A 1 15 ? 9.742   0.222   6.350   1.00 17.02 ? 13  LEU A CA  1 
ATOM   92   C C   . LEU A 1 15 ? 11.084  0.934   6.388   1.00 16.65 ? 13  LEU A C   1 
ATOM   93   O O   . LEU A 1 15 ? 11.499  1.558   5.414   1.00 16.34 ? 13  LEU A O   1 
ATOM   94   C CB  . LEU A 1 15 ? 9.842   -0.973  5.398   1.00 17.60 ? 13  LEU A CB  1 
ATOM   95   C CG  . LEU A 1 15 ? 8.583   -1.835  5.237   1.00 17.90 ? 13  LEU A CG  1 
ATOM   96   C CD1 . LEU A 1 15 ? 8.888   -3.015  4.327   1.00 19.47 ? 13  LEU A CD1 1 
ATOM   97   C CD2 . LEU A 1 15 ? 8.108   -2.323  6.596   1.00 17.49 ? 13  LEU A CD2 1 
ATOM   98   N N   . ALA A 1 16 ? 11.763  0.822   7.523   1.00 17.28 ? 14  ALA A N   1 
ATOM   99   C CA  . ALA A 1 16 ? 13.072  1.423   7.694   1.00 18.59 ? 14  ALA A CA  1 
ATOM   100  C C   . ALA A 1 16 ? 14.037  0.691   6.770   1.00 19.71 ? 14  ALA A C   1 
ATOM   101  O O   . ALA A 1 16 ? 13.774  -0.432  6.343   1.00 19.43 ? 14  ALA A O   1 
ATOM   102  C CB  . ALA A 1 16 ? 13.526  1.288   9.143   1.00 16.90 ? 14  ALA A CB  1 
ATOM   103  N N   . GLU A 1 17 ? 15.158  1.330   6.467   1.00 21.91 ? 15  GLU A N   1 
ATOM   104  C CA  . GLU A 1 17 ? 16.161  0.749   5.585   1.00 23.42 ? 15  GLU A CA  1 
ATOM   105  C C   . GLU A 1 17 ? 16.667  -0.630  6.029   1.00 22.92 ? 15  GLU A C   1 
ATOM   106  O O   . GLU A 1 17 ? 16.931  -1.491  5.193   1.00 22.15 ? 15  GLU A O   1 
ATOM   107  C CB  . GLU A 1 17 ? 17.339  1.713   5.465   1.00 27.43 ? 15  GLU A CB  1 
ATOM   108  C CG  . GLU A 1 17 ? 18.303  1.399   4.349   1.00 33.33 ? 15  GLU A CG  1 
ATOM   109  C CD  . GLU A 1 17 ? 19.405  2.435   4.248   1.00 37.11 ? 15  GLU A CD  1 
ATOM   110  O OE1 . GLU A 1 17 ? 20.265  2.479   5.150   1.00 39.60 ? 15  GLU A OE1 1 
ATOM   111  O OE2 . GLU A 1 17 ? 19.403  3.212   3.273   1.00 40.65 ? 15  GLU A OE2 1 
ATOM   112  N N   . GLU A 1 18 ? 16.791  -0.842  7.338   1.00 23.49 ? 16  GLU A N   1 
ATOM   113  C CA  . GLU A 1 18 ? 17.295  -2.115  7.861   1.00 25.02 ? 16  GLU A CA  1 
ATOM   114  C C   . GLU A 1 18 ? 16.327  -3.288  7.721   1.00 24.13 ? 16  GLU A C   1 
ATOM   115  O O   . GLU A 1 18 ? 16.726  -4.441  7.876   1.00 23.98 ? 16  GLU A O   1 
ATOM   116  C CB  . GLU A 1 18 ? 17.684  -1.972  9.338   1.00 28.27 ? 16  GLU A CB  1 
ATOM   117  C CG  . GLU A 1 18 ? 18.597  -0.797  9.639   1.00 33.56 ? 16  GLU A CG  1 
ATOM   118  C CD  . GLU A 1 18 ? 17.863  0.530   9.581   1.00 36.44 ? 16  GLU A CD  1 
ATOM   119  O OE1 . GLU A 1 18 ? 16.959  0.744   10.416  1.00 40.45 ? 16  GLU A OE1 1 
ATOM   120  O OE2 . GLU A 1 18 ? 18.182  1.353   8.700   1.00 39.04 ? 16  GLU A OE2 1 
ATOM   121  N N   . VAL A 1 19 ? 15.060  -3.000  7.437   1.00 22.56 ? 17  VAL A N   1 
ATOM   122  C CA  . VAL A 1 19 ? 14.068  -4.060  7.287   1.00 21.86 ? 17  VAL A CA  1 
ATOM   123  C C   . VAL A 1 19 ? 14.227  -4.793  5.957   1.00 21.99 ? 17  VAL A C   1 
ATOM   124  O O   . VAL A 1 19 ? 14.380  -4.167  4.913   1.00 22.51 ? 17  VAL A O   1 
ATOM   125  C CB  . VAL A 1 19 ? 12.622  -3.500  7.376   1.00 21.36 ? 17  VAL A CB  1 
ATOM   126  C CG1 . VAL A 1 19 ? 11.599  -4.601  7.054   1.00 20.70 ? 17  VAL A CG1 1 
ATOM   127  C CG2 . VAL A 1 19 ? 12.373  -2.942  8.762   1.00 20.82 ? 17  VAL A CG2 1 
ATOM   128  N N   . ASP A 1 20 ? 14.220  -6.124  6.000   1.00 20.64 ? 18  ASP A N   1 
ATOM   129  C CA  . ASP A 1 20 ? 14.326  -6.924  4.778   1.00 20.04 ? 18  ASP A CA  1 
ATOM   130  C C   . ASP A 1 20 ? 13.348  -8.089  4.877   1.00 18.28 ? 18  ASP A C   1 
ATOM   131  O O   . ASP A 1 20 ? 12.590  -8.178  5.847   1.00 16.32 ? 18  ASP A O   1 
ATOM   132  C CB  . ASP A 1 20 ? 15.755  -7.417  4.549   1.00 21.10 ? 18  ASP A CB  1 
ATOM   133  C CG  . ASP A 1 20 ? 16.206  -8.424  5.564   1.00 22.59 ? 18  ASP A CG  1 
ATOM   134  O OD1 . ASP A 1 20 ? 17.376  -8.880  5.456   1.00 27.61 ? 18  ASP A OD1 1 
ATOM   135  O OD2 . ASP A 1 20 ? 15.429  -8.793  6.472   1.00 20.79 ? 18  ASP A OD2 1 
ATOM   136  N N   . ASP A 1 21 ? 13.351  -8.974  3.885   1.00 18.84 ? 19  ASP A N   1 
ATOM   137  C CA  . ASP A 1 21 ? 12.411  -10.105 3.879   1.00 20.48 ? 19  ASP A CA  1 
ATOM   138  C C   . ASP A 1 21 ? 12.477  -11.007 5.108   1.00 18.48 ? 19  ASP A C   1 
ATOM   139  O O   . ASP A 1 21 ? 11.474  -11.610 5.487   1.00 19.67 ? 19  ASP A O   1 
ATOM   140  C CB  . ASP A 1 21 ? 12.574  -10.931 2.597   1.00 23.44 ? 19  ASP A CB  1 
ATOM   141  C CG  . ASP A 1 21 ? 13.857  -11.719 2.564   1.00 29.26 ? 19  ASP A CG  1 
ATOM   142  O OD1 . ASP A 1 21 ? 14.915  -11.196 2.973   1.00 32.41 ? 19  ASP A OD1 1 
ATOM   143  O OD2 . ASP A 1 21 ? 13.832  -12.886 2.112   1.00 31.62 ? 19  ASP A OD2 1 
ATOM   144  N N   . LYS A 1 22 ? 13.650  -11.083 5.733   1.00 18.31 ? 20  LYS A N   1 
ATOM   145  C CA  . LYS A 1 22 ? 13.834  -11.903 6.932   1.00 18.89 ? 20  LYS A CA  1 
ATOM   146  C C   . LYS A 1 22 ? 13.134  -11.262 8.120   1.00 16.74 ? 20  LYS A C   1 
ATOM   147  O O   . LYS A 1 22 ? 12.494  -11.937 8.920   1.00 16.95 ? 20  LYS A O   1 
ATOM   148  C CB  . LYS A 1 22 ? 15.327  -12.062 7.240   1.00 20.54 ? 20  LYS A CB  1 
ATOM   149  C CG  . LYS A 1 22 ? 16.082  -13.000 6.286   1.00 26.67 ? 20  LYS A CG  1 
ATOM   150  C CD  . LYS A 1 22 ? 16.478  -14.293 6.997   1.00 32.76 ? 20  LYS A CD  1 
ATOM   151  C CE  . LYS A 1 22 ? 16.941  -15.367 6.030   1.00 36.32 ? 20  LYS A CE  1 
ATOM   152  N NZ  . LYS A 1 22 ? 18.118  -14.976 5.213   1.00 39.08 ? 20  LYS A NZ  1 
ATOM   153  N N   . VAL A 1 23 ? 13.293  -9.950  8.238   1.00 15.91 ? 21  VAL A N   1 
ATOM   154  C CA  . VAL A 1 23 ? 12.671  -9.192  9.314   1.00 15.75 ? 21  VAL A CA  1 
ATOM   155  C C   . VAL A 1 23 ? 11.154  -9.279  9.186   1.00 16.75 ? 21  VAL A C   1 
ATOM   156  O O   . VAL A 1 23 ? 10.442  -9.456  10.175  1.00 15.37 ? 21  VAL A O   1 
ATOM   157  C CB  . VAL A 1 23 ? 13.110  -7.708  9.259   1.00 16.76 ? 21  VAL A CB  1 
ATOM   158  C CG1 . VAL A 1 23 ? 12.324  -6.884  10.274  1.00 16.78 ? 21  VAL A CG1 1 
ATOM   159  C CG2 . VAL A 1 23 ? 14.612  -7.613  9.538   1.00 14.83 ? 21  VAL A CG2 1 
ATOM   160  N N   . LEU A 1 24 ? 10.667  -9.148  7.958   1.00 16.32 ? 22  LEU A N   1 
ATOM   161  C CA  . LEU A 1 24 ? 9.232   -9.214  7.716   1.00 16.43 ? 22  LEU A CA  1 
ATOM   162  C C   . LEU A 1 24 ? 8.665   -10.588 8.052   1.00 15.67 ? 22  LEU A C   1 
ATOM   163  O O   . LEU A 1 24 ? 7.604   -10.691 8.661   1.00 15.39 ? 22  LEU A O   1 
ATOM   164  C CB  . LEU A 1 24 ? 8.919   -8.854  6.261   1.00 16.10 ? 22  LEU A CB  1 
ATOM   165  C CG  . LEU A 1 24 ? 9.023   -7.357  5.931   1.00 16.82 ? 22  LEU A CG  1 
ATOM   166  C CD1 . LEU A 1 24 ? 8.821   -7.143  4.440   1.00 16.95 ? 22  LEU A CD1 1 
ATOM   167  C CD2 . LEU A 1 24 ? 7.979   -6.582  6.727   1.00 17.48 ? 22  LEU A CD2 1 
ATOM   168  N N   . HIS A 1 25 ? 9.377   -11.639 7.662   1.00 16.64 ? 23  HIS A N   1 
ATOM   169  C CA  . HIS A 1 25 ? 8.933   -13.002 7.935   1.00 17.38 ? 23  HIS A CA  1 
ATOM   170  C C   . HIS A 1 25 ? 8.784   -13.184 9.445   1.00 17.37 ? 23  HIS A C   1 
ATOM   171  O O   . HIS A 1 25 ? 7.763   -13.676 9.935   1.00 15.85 ? 23  HIS A O   1 
ATOM   172  C CB  . HIS A 1 25 ? 9.956   -14.008 7.392   1.00 18.11 ? 23  HIS A CB  1 
ATOM   173  C CG  . HIS A 1 25 ? 9.385   -15.366 7.115   1.00 18.00 ? 23  HIS A CG  1 
ATOM   174  N ND1 . HIS A 1 25 ? 8.205   -15.809 7.675   1.00 20.68 ? 23  HIS A ND1 1 
ATOM   175  C CD2 . HIS A 1 25 ? 9.837   -16.382 6.343   1.00 18.10 ? 23  HIS A CD2 1 
ATOM   176  C CE1 . HIS A 1 25 ? 7.955   -17.038 7.258   1.00 18.91 ? 23  HIS A CE1 1 
ATOM   177  N NE2 . HIS A 1 25 ? 8.931   -17.409 6.450   1.00 22.18 ? 23  HIS A NE2 1 
ATOM   178  N N   . ALA A 1 26 ? 9.806   -12.766 10.183  1.00 17.75 ? 24  ALA A N   1 
ATOM   179  C CA  . ALA A 1 26 ? 9.802   -12.891 11.637  1.00 17.19 ? 24  ALA A CA  1 
ATOM   180  C C   . ALA A 1 26 ? 8.714   -12.061 12.320  1.00 18.02 ? 24  ALA A C   1 
ATOM   181  O O   . ALA A 1 26 ? 8.134   -12.488 13.314  1.00 15.58 ? 24  ALA A O   1 
ATOM   182  C CB  . ALA A 1 26 ? 11.176  -12.509 12.194  1.00 17.78 ? 24  ALA A CB  1 
ATOM   183  N N   . ALA A 1 27 ? 8.431   -10.879 11.780  1.00 15.93 ? 25  ALA A N   1 
ATOM   184  C CA  . ALA A 1 27 ? 7.430   -10.003 12.376  1.00 17.40 ? 25  ALA A CA  1 
ATOM   185  C C   . ALA A 1 27 ? 5.989   -10.428 12.096  1.00 17.64 ? 25  ALA A C   1 
ATOM   186  O O   . ALA A 1 27 ? 5.095   -10.185 12.905  1.00 14.40 ? 25  ALA A O   1 
ATOM   187  C CB  . ALA A 1 27 ? 7.651   -8.571  11.911  1.00 17.06 ? 25  ALA A CB  1 
ATOM   188  N N   . PHE A 1 28 ? 5.760   -11.070 10.955  1.00 17.05 ? 26  PHE A N   1 
ATOM   189  C CA  . PHE A 1 28 ? 4.407   -11.491 10.620  1.00 17.51 ? 26  PHE A CA  1 
ATOM   190  C C   . PHE A 1 28 ? 4.054   -12.958 10.830  1.00 17.78 ? 26  PHE A C   1 
ATOM   191  O O   . PHE A 1 28 ? 2.877   -13.305 10.860  1.00 18.50 ? 26  PHE A O   1 
ATOM   192  C CB  . PHE A 1 28 ? 4.075   -11.089 9.186   1.00 15.56 ? 26  PHE A CB  1 
ATOM   193  C CG  . PHE A 1 28 ? 3.886   -9.610  9.003   1.00 16.62 ? 26  PHE A CG  1 
ATOM   194  C CD1 . PHE A 1 28 ? 4.970   -8.771  8.760   1.00 16.72 ? 26  PHE A CD1 1 
ATOM   195  C CD2 . PHE A 1 28 ? 2.615   -9.050  9.091   1.00 17.54 ? 26  PHE A CD2 1 
ATOM   196  C CE1 . PHE A 1 28 ? 4.787   -7.388  8.597   1.00 18.18 ? 26  PHE A CE1 1 
ATOM   197  C CE2 . PHE A 1 28 ? 2.414   -7.674  8.931   1.00 19.76 ? 26  PHE A CE2 1 
ATOM   198  C CZ  . PHE A 1 28 ? 3.502   -6.832  8.685   1.00 18.34 ? 26  PHE A CZ  1 
ATOM   199  N N   . ILE A 1 29 ? 5.049   -13.825 10.974  1.00 17.28 ? 27  ILE A N   1 
ATOM   200  C CA  . ILE A 1 29 ? 4.753   -15.245 11.167  1.00 17.94 ? 27  ILE A CA  1 
ATOM   201  C C   . ILE A 1 29 ? 3.965   -15.588 12.442  1.00 18.18 ? 27  ILE A C   1 
ATOM   202  O O   . ILE A 1 29 ? 3.366   -16.662 12.535  1.00 17.58 ? 27  ILE A O   1 
ATOM   203  C CB  . ILE A 1 29 ? 6.047   -16.117 11.119  1.00 19.52 ? 27  ILE A CB  1 
ATOM   204  C CG1 . ILE A 1 29 ? 5.655   -17.573 10.937  1.00 22.11 ? 27  ILE A CG1 1 
ATOM   205  C CG2 . ILE A 1 29 ? 6.864   -15.941 12.414  1.00 18.52 ? 27  ILE A CG2 1 
ATOM   206  C CD1 . ILE A 1 29 ? 6.835   -18.476 10.562  1.00 25.32 ? 27  ILE A CD1 1 
ATOM   207  N N   . PRO A 1 30 ? 3.969   -14.690 13.439  1.00 18.50 ? 28  PRO A N   1 
ATOM   208  C CA  . PRO A 1 30 ? 3.213   -15.013 14.650  1.00 18.39 ? 28  PRO A CA  1 
ATOM   209  C C   . PRO A 1 30 ? 1.711   -15.110 14.375  1.00 20.95 ? 28  PRO A C   1 
ATOM   210  O O   . PRO A 1 30 ? 0.968   -15.739 15.130  1.00 20.27 ? 28  PRO A O   1 
ATOM   211  C CB  . PRO A 1 30 ? 3.542   -13.846 15.585  1.00 18.61 ? 28  PRO A CB  1 
ATOM   212  C CG  . PRO A 1 30 ? 4.935   -13.486 15.195  1.00 19.00 ? 28  PRO A CG  1 
ATOM   213  C CD  . PRO A 1 30 ? 4.845   -13.529 13.679  1.00 17.30 ? 28  PRO A CD  1 
ATOM   214  N N   . PHE A 1 31 ? 1.269   -14.495 13.284  1.00 19.33 ? 29  PHE A N   1 
ATOM   215  C CA  . PHE A 1 31 ? -0.144  -14.497 12.925  1.00 20.45 ? 29  PHE A CA  1 
ATOM   216  C C   . PHE A 1 31 ? -0.559  -15.692 12.067  1.00 20.32 ? 29  PHE A C   1 
ATOM   217  O O   . PHE A 1 31 ? -1.748  -15.988 11.943  1.00 20.62 ? 29  PHE A O   1 
ATOM   218  C CB  . PHE A 1 31 ? -0.487  -13.185 12.214  1.00 20.80 ? 29  PHE A CB  1 
ATOM   219  C CG  . PHE A 1 31 ? -0.214  -11.970 13.051  1.00 21.16 ? 29  PHE A CG  1 
ATOM   220  C CD1 . PHE A 1 31 ? -1.059  -11.632 14.105  1.00 22.27 ? 29  PHE A CD1 1 
ATOM   221  C CD2 . PHE A 1 31 ? 0.921   -11.199 12.828  1.00 21.51 ? 29  PHE A CD2 1 
ATOM   222  C CE1 . PHE A 1 31 ? -0.774  -10.545 14.928  1.00 23.18 ? 29  PHE A CE1 1 
ATOM   223  C CE2 . PHE A 1 31 ? 1.218   -10.111 13.642  1.00 22.12 ? 29  PHE A CE2 1 
ATOM   224  C CZ  . PHE A 1 31 ? 0.370   -9.781  14.696  1.00 23.97 ? 29  PHE A CZ  1 
ATOM   225  N N   . GLY A 1 32 ? 0.416   -16.378 11.481  1.00 19.19 ? 30  GLY A N   1 
ATOM   226  C CA  . GLY A 1 32 ? 0.103   -17.531 10.658  1.00 18.31 ? 30  GLY A CA  1 
ATOM   227  C C   . GLY A 1 32 ? 1.158   -17.770 9.600   1.00 17.90 ? 30  GLY A C   1 
ATOM   228  O O   . GLY A 1 32 ? 2.003   -16.909 9.366   1.00 17.00 ? 30  GLY A O   1 
ATOM   229  N N   . ASP A 1 33 ? 1.112   -18.932 8.953   1.00 17.53 ? 31  ASP A N   1 
ATOM   230  C CA  . ASP A 1 33 ? 2.088   -19.243 7.918   1.00 18.07 ? 31  ASP A CA  1 
ATOM   231  C C   . ASP A 1 33 ? 2.012   -18.269 6.748   1.00 17.09 ? 31  ASP A C   1 
ATOM   232  O O   . ASP A 1 33 ? 0.937   -17.806 6.361   1.00 16.36 ? 31  ASP A O   1 
ATOM   233  C CB  . ASP A 1 33 ? 1.913   -20.679 7.419   1.00 21.47 ? 31  ASP A CB  1 
ATOM   234  C CG  . ASP A 1 33 ? 2.291   -21.706 8.471   1.00 26.06 ? 31  ASP A CG  1 
ATOM   235  O OD1 . ASP A 1 33 ? 3.383   -21.578 9.060   1.00 27.32 ? 31  ASP A OD1 1 
ATOM   236  O OD2 . ASP A 1 33 ? 1.495   -22.641 8.707   1.00 31.29 ? 31  ASP A OD2 1 
ATOM   237  N N   . ILE A 1 34 ? 3.175   -17.970 6.183   1.00 16.30 ? 32  ILE A N   1 
ATOM   238  C CA  . ILE A 1 34 ? 3.280   -17.035 5.074   1.00 17.16 ? 32  ILE A CA  1 
ATOM   239  C C   . ILE A 1 34 ? 3.778   -17.760 3.831   1.00 16.62 ? 32  ILE A C   1 
ATOM   240  O O   . ILE A 1 34 ? 4.688   -18.586 3.909   1.00 16.54 ? 32  ILE A O   1 
ATOM   241  C CB  . ILE A 1 34 ? 4.231   -15.889 5.469   1.00 17.89 ? 32  ILE A CB  1 
ATOM   242  C CG1 . ILE A 1 34 ? 3.560   -15.053 6.564   1.00 19.15 ? 32  ILE A CG1 1 
ATOM   243  C CG2 . ILE A 1 34 ? 4.617   -15.058 4.250   1.00 16.80 ? 32  ILE A CG2 1 
ATOM   244  C CD1 . ILE A 1 34 ? 4.494   -14.127 7.296   1.00 22.86 ? 32  ILE A CD1 1 
ATOM   245  N N   . THR A 1 35 ? 3.174   -17.456 2.687   1.00 15.88 ? 33  THR A N   1 
ATOM   246  C CA  . THR A 1 35 ? 3.552   -18.096 1.432   1.00 19.11 ? 33  THR A CA  1 
ATOM   247  C C   . THR A 1 35 ? 4.510   -17.278 0.573   1.00 18.95 ? 33  THR A C   1 
ATOM   248  O O   . THR A 1 35 ? 5.305   -17.843 -0.183  1.00 20.24 ? 33  THR A O   1 
ATOM   249  C CB  . THR A 1 35 ? 2.308   -18.445 0.586   1.00 19.80 ? 33  THR A CB  1 
ATOM   250  O OG1 . THR A 1 35 ? 1.504   -17.275 0.393   1.00 23.97 ? 33  THR A OG1 1 
ATOM   251  C CG2 . THR A 1 35 ? 1.485   -19.513 1.287   1.00 22.66 ? 33  THR A CG2 1 
ATOM   252  N N   . ASP A 1 36 ? 4.448   -15.956 0.683   1.00 19.79 ? 34  ASP A N   1 
ATOM   253  C CA  . ASP A 1 36 ? 5.335   -15.121 -0.115  1.00 19.32 ? 34  ASP A CA  1 
ATOM   254  C C   . ASP A 1 36 ? 5.573   -13.727 0.454   1.00 19.06 ? 34  ASP A C   1 
ATOM   255  O O   . ASP A 1 36 ? 4.724   -13.162 1.140   1.00 17.71 ? 34  ASP A O   1 
ATOM   256  C CB  . ASP A 1 36 ? 4.782   -15.018 -1.542  1.00 22.87 ? 34  ASP A CB  1 
ATOM   257  C CG  . ASP A 1 36 ? 5.731   -14.313 -2.492  1.00 27.59 ? 34  ASP A CG  1 
ATOM   258  O OD1 . ASP A 1 36 ? 5.750   -13.066 -2.499  1.00 31.09 ? 34  ASP A OD1 1 
ATOM   259  O OD2 . ASP A 1 36 ? 6.471   -15.008 -3.223  1.00 31.58 ? 34  ASP A OD2 1 
ATOM   260  N N   . ILE A 1 37 ? 6.752   -13.184 0.176   1.00 17.38 ? 35  ILE A N   1 
ATOM   261  C CA  . ILE A 1 37 ? 7.111   -11.847 0.634   1.00 17.85 ? 35  ILE A CA  1 
ATOM   262  C C   . ILE A 1 37 ? 7.853   -11.169 -0.508  1.00 20.23 ? 35  ILE A C   1 
ATOM   263  O O   . ILE A 1 37 ? 8.898   -11.634 -0.934  1.00 20.53 ? 35  ILE A O   1 
ATOM   264  C CB  . ILE A 1 37 ? 8.031   -11.897 1.879   1.00 17.95 ? 35  ILE A CB  1 
ATOM   265  C CG1 . ILE A 1 37 ? 7.228   -12.383 3.098   1.00 16.37 ? 35  ILE A CG1 1 
ATOM   266  C CG2 . ILE A 1 37 ? 8.613   -10.515 2.172   1.00 18.35 ? 35  ILE A CG2 1 
ATOM   267  C CD1 . ILE A 1 37 ? 8.059   -12.538 4.359   1.00 16.58 ? 35  ILE A CD1 1 
ATOM   268  N N   . GLN A 1 38 ? 7.296   -10.075 -1.008  1.00 20.99 ? 36  GLN A N   1 
ATOM   269  C CA  . GLN A 1 38 ? 7.910   -9.345  -2.109  1.00 23.18 ? 36  GLN A CA  1 
ATOM   270  C C   . GLN A 1 38 ? 8.320   -7.943  -1.700  1.00 21.36 ? 36  GLN A C   1 
ATOM   271  O O   . GLN A 1 38 ? 7.528   -7.220  -1.110  1.00 22.51 ? 36  GLN A O   1 
ATOM   272  C CB  . GLN A 1 38 ? 6.940   -9.264  -3.295  1.00 25.67 ? 36  GLN A CB  1 
ATOM   273  C CG  . GLN A 1 38 ? 6.916   -10.505 -4.174  1.00 33.69 ? 36  GLN A CG  1 
ATOM   274  C CD  . GLN A 1 38 ? 5.894   -10.413 -5.291  1.00 37.00 ? 36  GLN A CD  1 
ATOM   275  O OE1 . GLN A 1 38 ? 5.534   -9.323  -5.731  1.00 39.07 ? 36  GLN A OE1 1 
ATOM   276  N NE2 . GLN A 1 38 ? 5.432   -11.564 -5.764  1.00 39.39 ? 36  GLN A NE2 1 
ATOM   277  N N   . ILE A 1 39 ? 9.546   -7.558  -2.037  1.00 22.77 ? 37  ILE A N   1 
ATOM   278  C CA  . ILE A 1 39 ? 10.041  -6.229  -1.704  1.00 23.07 ? 37  ILE A CA  1 
ATOM   279  C C   . ILE A 1 39 ? 10.626  -5.574  -2.945  1.00 25.59 ? 37  ILE A C   1 
ATOM   280  O O   . ILE A 1 39 ? 11.713  -5.951  -3.402  1.00 26.97 ? 37  ILE A O   1 
ATOM   281  C CB  . ILE A 1 39 ? 11.167  -6.283  -0.643  1.00 22.88 ? 37  ILE A CB  1 
ATOM   282  C CG1 . ILE A 1 39 ? 10.727  -7.155  0.538   1.00 23.42 ? 37  ILE A CG1 1 
ATOM   283  C CG2 . ILE A 1 39 ? 11.483  -4.869  -0.158  1.00 20.79 ? 37  ILE A CG2 1 
ATOM   284  C CD1 . ILE A 1 39 ? 11.775  -7.214  1.640   1.00 24.95 ? 37  ILE A CD1 1 
ATOM   285  N N   . PRO A 1 40 ? 9.912   -4.606  -3.527  1.00 28.18 ? 38  PRO A N   1 
ATOM   286  C CA  . PRO A 1 40 ? 10.422  -3.929  -4.718  1.00 30.73 ? 38  PRO A CA  1 
ATOM   287  C C   . PRO A 1 40 ? 11.748  -3.245  -4.425  1.00 32.38 ? 38  PRO A C   1 
ATOM   288  O O   . PRO A 1 40 ? 11.908  -2.592  -3.390  1.00 33.22 ? 38  PRO A O   1 
ATOM   289  C CB  . PRO A 1 40 ? 9.313   -2.938  -5.050  1.00 29.93 ? 38  PRO A CB  1 
ATOM   290  C CG  . PRO A 1 40 ? 8.091   -3.682  -4.640  1.00 29.17 ? 38  PRO A CG  1 
ATOM   291  C CD  . PRO A 1 40 ? 8.512   -4.236  -3.282  1.00 28.05 ? 38  PRO A CD  1 
ATOM   292  N N   . LEU A 1 41 ? 12.700  -3.385  -5.338  1.00 34.29 ? 39  LEU A N   1 
ATOM   293  C CA  . LEU A 1 41 ? 14.010  -2.785  -5.122  1.00 37.25 ? 39  LEU A CA  1 
ATOM   294  C C   . LEU A 1 41 ? 14.365  -1.734  -6.154  1.00 38.92 ? 39  LEU A C   1 
ATOM   295  O O   . LEU A 1 41 ? 13.829  -1.722  -7.255  1.00 37.93 ? 39  LEU A O   1 
ATOM   296  C CB  . LEU A 1 41 ? 15.104  -3.860  -5.169  1.00 38.12 ? 39  LEU A CB  1 
ATOM   297  C CG  . LEU A 1 41 ? 14.937  -5.208  -4.429  1.00 38.87 ? 39  LEU A CG  1 
ATOM   298  C CD1 . LEU A 1 41 ? 16.199  -6.022  -4.598  1.00 38.36 ? 39  LEU A CD1 1 
ATOM   299  C CD2 . LEU A 1 41 ? 14.662  -4.984  -2.966  1.00 40.66 ? 39  LEU A CD2 1 
ATOM   300  N N   . ASP A 1 42 ? 15.279  -0.847  -5.780  1.00 40.88 ? 40  ASP A N   1 
ATOM   301  C CA  . ASP A 1 42 ? 15.791  0.172   -6.692  1.00 43.20 ? 40  ASP A CA  1 
ATOM   302  C C   . ASP A 1 42 ? 17.209  -0.326  -6.934  1.00 44.25 ? 40  ASP A C   1 
ATOM   303  O O   . ASP A 1 42 ? 18.060  -0.239  -6.047  1.00 44.58 ? 40  ASP A O   1 
ATOM   304  C CB  . ASP A 1 42 ? 15.823  1.558   -6.037  1.00 43.17 ? 40  ASP A CB  1 
ATOM   305  C CG  . ASP A 1 42 ? 16.401  2.615   -6.949  1.00 43.98 ? 40  ASP A CG  1 
ATOM   306  O OD1 . ASP A 1 42 ? 16.636  2.331   -8.149  1.00 45.75 ? 40  ASP A OD1 1 
ATOM   307  O OD2 . ASP A 1 42 ? 16.631  3.758   -6.496  1.00 44.20 ? 40  ASP A OD2 1 
ATOM   308  N N   . TYR A 1 43 ? 17.455  -0.866  -8.126  1.00 46.97 ? 41  TYR A N   1 
ATOM   309  C CA  . TYR A 1 43 ? 18.766  -1.423  -8.452  1.00 49.15 ? 41  TYR A CA  1 
ATOM   310  C C   . TYR A 1 43 ? 19.894  -0.402  -8.533  1.00 49.85 ? 41  TYR A C   1 
ATOM   311  O O   . TYR A 1 43 ? 21.065  -0.779  -8.497  1.00 50.39 ? 41  TYR A O   1 
ATOM   312  C CB  . TYR A 1 43 ? 18.705  -2.235  -9.753  1.00 50.33 ? 41  TYR A CB  1 
ATOM   313  C CG  . TYR A 1 43 ? 18.529  -1.403  -10.994 1.00 51.72 ? 41  TYR A CG  1 
ATOM   314  C CD1 . TYR A 1 43 ? 17.273  -1.196  -11.544 1.00 52.87 ? 41  TYR A CD1 1 
ATOM   315  C CD2 . TYR A 1 43 ? 19.624  -0.824  -11.623 1.00 52.50 ? 41  TYR A CD2 1 
ATOM   316  C CE1 . TYR A 1 43 ? 17.111  -0.435  -12.689 1.00 53.67 ? 41  TYR A CE1 1 
ATOM   317  C CE2 . TYR A 1 43 ? 19.472  -0.057  -12.768 1.00 53.23 ? 41  TYR A CE2 1 
ATOM   318  C CZ  . TYR A 1 43 ? 18.210  0.133   -13.295 1.00 53.70 ? 41  TYR A CZ  1 
ATOM   319  O OH  . TYR A 1 43 ? 18.046  0.902   -14.421 1.00 54.12 ? 41  TYR A OH  1 
ATOM   320  N N   . GLU A 1 44 ? 19.558  0.883   -8.640  1.00 50.12 ? 42  GLU A N   1 
ATOM   321  C CA  . GLU A 1 44 ? 20.585  1.925   -8.693  1.00 50.70 ? 42  GLU A CA  1 
ATOM   322  C C   . GLU A 1 44 ? 21.168  2.129   -7.295  1.00 50.26 ? 42  GLU A C   1 
ATOM   323  O O   . GLU A 1 44 ? 22.350  2.455   -7.145  1.00 50.62 ? 42  GLU A O   1 
ATOM   324  C CB  . GLU A 1 44 ? 20.004  3.263   -9.167  1.00 51.85 ? 42  GLU A CB  1 
ATOM   325  C CG  . GLU A 1 44 ? 19.457  3.310   -10.591 1.00 53.78 ? 42  GLU A CG  1 
ATOM   326  C CD  . GLU A 1 44 ? 19.176  4.731   -11.043 1.00 54.48 ? 42  GLU A CD  1 
ATOM   327  O OE1 . GLU A 1 44 ? 18.822  5.564   -10.178 1.00 55.37 ? 42  GLU A OE1 1 
ATOM   328  O OE2 . GLU A 1 44 ? 19.301  5.022   -12.256 1.00 54.33 ? 42  GLU A OE2 1 
ATOM   329  N N   . THR A 1 45 ? 20.327  1.947   -6.280  1.00 49.64 ? 43  THR A N   1 
ATOM   330  C CA  . THR A 1 45 ? 20.725  2.113   -4.885  1.00 48.48 ? 43  THR A CA  1 
ATOM   331  C C   . THR A 1 45 ? 20.941  0.770   -4.187  1.00 47.70 ? 43  THR A C   1 
ATOM   332  O O   . THR A 1 45 ? 21.767  0.666   -3.279  1.00 48.16 ? 43  THR A O   1 
ATOM   333  C CB  . THR A 1 45 ? 19.639  2.893   -4.109  1.00 48.52 ? 43  THR A CB  1 
ATOM   334  O OG1 . THR A 1 45 ? 18.416  2.136   -4.096  1.00 48.47 ? 43  THR A OG1 1 
ATOM   335  C CG2 . THR A 1 45 ? 19.376  4.246   -4.768  1.00 48.33 ? 43  THR A CG2 1 
ATOM   336  N N   . GLU A 1 46 ? 20.202  -0.242  -4.640  1.00 46.40 ? 44  GLU A N   1 
ATOM   337  C CA  . GLU A 1 46 ? 20.264  -1.599  -4.102  1.00 45.16 ? 44  GLU A CA  1 
ATOM   338  C C   . GLU A 1 46 ? 19.437  -1.705  -2.828  1.00 43.47 ? 44  GLU A C   1 
ATOM   339  O O   . GLU A 1 46 ? 19.522  -2.697  -2.103  1.00 44.34 ? 44  GLU A O   1 
ATOM   340  C CB  . GLU A 1 46 ? 21.700  -2.019  -3.775  1.00 46.56 ? 44  GLU A CB  1 
ATOM   341  C CG  . GLU A 1 46 ? 22.458  -2.699  -4.906  1.00 48.96 ? 44  GLU A CG  1 
ATOM   342  C CD  . GLU A 1 46 ? 23.879  -3.058  -4.512  1.00 50.35 ? 44  GLU A CD  1 
ATOM   343  O OE1 . GLU A 1 46 ? 24.672  -2.139  -4.189  1.00 51.25 ? 44  GLU A OE1 1 
ATOM   344  O OE2 . GLU A 1 46 ? 24.216  -4.263  -4.527  1.00 50.45 ? 44  GLU A OE2 1 
ATOM   345  N N   . LYS A 1 47 ? 18.652  -0.670  -2.551  1.00 39.89 ? 45  LYS A N   1 
ATOM   346  C CA  . LYS A 1 47 ? 17.813  -0.633  -1.361  1.00 35.26 ? 45  LYS A CA  1 
ATOM   347  C C   . LYS A 1 47 ? 16.347  -0.683  -1.748  1.00 31.84 ? 45  LYS A C   1 
ATOM   348  O O   . LYS A 1 47 ? 15.995  -0.349  -2.877  1.00 30.36 ? 45  LYS A O   1 
ATOM   349  C CB  . LYS A 1 47 ? 18.108  0.639   -0.564  1.00 37.24 ? 45  LYS A CB  1 
ATOM   350  C CG  . LYS A 1 47 ? 19.509  0.678   0.026   1.00 37.97 ? 45  LYS A CG  1 
ATOM   351  C CD  . LYS A 1 47 ? 19.814  2.037   0.636   1.00 40.35 ? 45  LYS A CD  1 
ATOM   352  C CE  . LYS A 1 47 ? 21.187  2.059   1.286   1.00 41.37 ? 45  LYS A CE  1 
ATOM   353  N NZ  . LYS A 1 47 ? 21.542  3.408   1.804   1.00 42.10 ? 45  LYS A NZ  1 
ATOM   354  N N   . HIS A 1 48 ? 15.492  -1.101  -0.820  1.00 28.26 ? 46  HIS A N   1 
ATOM   355  C CA  . HIS A 1 48 ? 14.062  -1.166  -1.107  1.00 25.72 ? 46  HIS A CA  1 
ATOM   356  C C   . HIS A 1 48 ? 13.459  0.234   -1.074  1.00 25.64 ? 46  HIS A C   1 
ATOM   357  O O   . HIS A 1 48 ? 14.108  1.182   -0.626  1.00 24.45 ? 46  HIS A O   1 
ATOM   358  C CB  . HIS A 1 48 ? 13.343  -2.089  -0.111  1.00 24.08 ? 46  HIS A CB  1 
ATOM   359  C CG  . HIS A 1 48 ? 13.446  -1.655  1.317   1.00 21.96 ? 46  HIS A CG  1 
ATOM   360  N ND1 . HIS A 1 48 ? 12.938  -0.457  1.776   1.00 21.99 ? 46  HIS A ND1 1 
ATOM   361  C CD2 . HIS A 1 48 ? 13.954  -2.285  2.402   1.00 22.67 ? 46  HIS A CD2 1 
ATOM   362  C CE1 . HIS A 1 48 ? 13.127  -0.371  3.080   1.00 22.68 ? 46  HIS A CE1 1 
ATOM   363  N NE2 . HIS A 1 48 ? 13.742  -1.468  3.485   1.00 22.13 ? 46  HIS A NE2 1 
ATOM   364  N N   . ARG A 1 49 ? 12.218  0.361   -1.537  1.00 23.62 ? 47  ARG A N   1 
ATOM   365  C CA  . ARG A 1 49 ? 11.549  1.658   -1.595  1.00 23.46 ? 47  ARG A CA  1 
ATOM   366  C C   . ARG A 1 49 ? 10.654  2.000   -0.405  1.00 22.26 ? 47  ARG A C   1 
ATOM   367  O O   . ARG A 1 49 ? 9.833   2.916   -0.480  1.00 22.72 ? 47  ARG A O   1 
ATOM   368  C CB  . ARG A 1 49 ? 10.746  1.758   -2.894  1.00 26.27 ? 47  ARG A CB  1 
ATOM   369  C CG  . ARG A 1 49 ? 11.585  1.537   -4.152  1.00 28.66 ? 47  ARG A CG  1 
ATOM   370  C CD  . ARG A 1 49 ? 10.817  1.929   -5.409  1.00 33.40 ? 47  ARG A CD  1 
ATOM   371  N NE  . ARG A 1 49 ? 11.707  2.146   -6.548  1.00 36.67 ? 47  ARG A NE  1 
ATOM   372  C CZ  . ARG A 1 49 ? 12.080  1.199   -7.401  1.00 37.84 ? 47  ARG A CZ  1 
ATOM   373  N NH1 . ARG A 1 49 ? 11.635  -0.041  -7.256  1.00 39.58 ? 47  ARG A NH1 1 
ATOM   374  N NH2 . ARG A 1 49 ? 12.905  1.493   -8.400  1.00 39.12 ? 47  ARG A NH2 1 
ATOM   375  N N   . GLY A 1 50 ? 10.811  1.268   0.693   1.00 20.19 ? 48  GLY A N   1 
ATOM   376  C CA  . GLY A 1 50 ? 10.016  1.544   1.877   1.00 18.13 ? 48  GLY A CA  1 
ATOM   377  C C   . GLY A 1 50 ? 8.720   0.763   2.049   1.00 18.20 ? 48  GLY A C   1 
ATOM   378  O O   . GLY A 1 50 ? 7.976   1.014   2.995   1.00 18.21 ? 48  GLY A O   1 
ATOM   379  N N   . PHE A 1 51 ? 8.437   -0.180  1.158   1.00 17.79 ? 49  PHE A N   1 
ATOM   380  C CA  . PHE A 1 51 ? 7.213   -0.969  1.283   1.00 16.77 ? 49  PHE A CA  1 
ATOM   381  C C   . PHE A 1 51 ? 7.385   -2.391  0.757   1.00 16.39 ? 49  PHE A C   1 
ATOM   382  O O   . PHE A 1 51 ? 8.366   -2.699  0.087   1.00 17.55 ? 49  PHE A O   1 
ATOM   383  C CB  . PHE A 1 51 ? 6.064   -0.271  0.544   1.00 15.73 ? 49  PHE A CB  1 
ATOM   384  C CG  . PHE A 1 51 ? 6.189   -0.305  -0.946  1.00 18.12 ? 49  PHE A CG  1 
ATOM   385  C CD1 . PHE A 1 51 ? 5.625   -1.343  -1.687  1.00 18.08 ? 49  PHE A CD1 1 
ATOM   386  C CD2 . PHE A 1 51 ? 6.882   0.697   -1.613  1.00 20.00 ? 49  PHE A CD2 1 
ATOM   387  C CE1 . PHE A 1 51 ? 5.739   -1.381  -3.078  1.00 19.06 ? 49  PHE A CE1 1 
ATOM   388  C CE2 . PHE A 1 51 ? 7.006   0.674   -3.004  1.00 19.89 ? 49  PHE A CE2 1 
ATOM   389  C CZ  . PHE A 1 51 ? 6.436   -0.369  -3.740  1.00 20.10 ? 49  PHE A CZ  1 
ATOM   390  N N   . ALA A 1 52 ? 6.424   -3.255  1.073   1.00 14.53 ? 50  ALA A N   1 
ATOM   391  C CA  . ALA A 1 52 ? 6.461   -4.650  0.638   1.00 15.13 ? 50  ALA A CA  1 
ATOM   392  C C   . ALA A 1 52 ? 5.066   -5.250  0.655   1.00 15.37 ? 50  ALA A C   1 
ATOM   393  O O   . ALA A 1 52 ? 4.123   -4.643  1.153   1.00 14.01 ? 50  ALA A O   1 
ATOM   394  C CB  . ALA A 1 52 ? 7.378   -5.450  1.565   1.00 14.75 ? 50  ALA A CB  1 
ATOM   395  N N   . PHE A 1 53 ? 4.949   -6.454  0.110   1.00 17.22 ? 51  PHE A N   1 
ATOM   396  C CA  . PHE A 1 53 ? 3.676   -7.161  0.098   1.00 16.79 ? 51  PHE A CA  1 
ATOM   397  C C   . PHE A 1 53 ? 3.887   -8.503  0.773   1.00 16.09 ? 51  PHE A C   1 
ATOM   398  O O   . PHE A 1 53 ? 4.786   -9.250  0.410   1.00 16.81 ? 51  PHE A O   1 
ATOM   399  C CB  . PHE A 1 53 ? 3.190   -7.372  -1.336  1.00 16.83 ? 51  PHE A CB  1 
ATOM   400  C CG  . PHE A 1 53 ? 2.894   -6.091  -2.060  1.00 16.79 ? 51  PHE A CG  1 
ATOM   401  C CD1 . PHE A 1 53 ? 1.742   -5.359  -1.767  1.00 15.76 ? 51  PHE A CD1 1 
ATOM   402  C CD2 . PHE A 1 53 ? 3.776   -5.600  -3.018  1.00 17.70 ? 51  PHE A CD2 1 
ATOM   403  C CE1 . PHE A 1 53 ? 1.477   -4.147  -2.425  1.00 15.54 ? 51  PHE A CE1 1 
ATOM   404  C CE2 . PHE A 1 53 ? 3.521   -4.391  -3.678  1.00 16.06 ? 51  PHE A CE2 1 
ATOM   405  C CZ  . PHE A 1 53 ? 2.367   -3.662  -3.384  1.00 16.72 ? 51  PHE A CZ  1 
ATOM   406  N N   . VAL A 1 54 ? 3.053   -8.806  1.758   1.00 15.47 ? 52  VAL A N   1 
ATOM   407  C CA  . VAL A 1 54 ? 3.175   -10.067 2.473   1.00 15.66 ? 52  VAL A CA  1 
ATOM   408  C C   . VAL A 1 54 ? 1.919   -10.880 2.238   1.00 15.33 ? 52  VAL A C   1 
ATOM   409  O O   . VAL A 1 54 ? 0.816   -10.405 2.492   1.00 15.30 ? 52  VAL A O   1 
ATOM   410  C CB  . VAL A 1 54 ? 3.355   -9.831  3.990   1.00 15.13 ? 52  VAL A CB  1 
ATOM   411  C CG1 . VAL A 1 54 ? 3.419   -11.171 4.734   1.00 15.25 ? 52  VAL A CG1 1 
ATOM   412  C CG2 . VAL A 1 54 ? 4.626   -9.033  4.226   1.00 14.58 ? 52  VAL A CG2 1 
ATOM   413  N N   . GLU A 1 55 ? 2.092   -12.101 1.750   1.00 15.48 ? 53  GLU A N   1 
ATOM   414  C CA  . GLU A 1 55 ? 0.959   -12.961 1.456   1.00 16.25 ? 53  GLU A CA  1 
ATOM   415  C C   . GLU A 1 55 ? 0.837   -14.086 2.470   1.00 16.20 ? 53  GLU A C   1 
ATOM   416  O O   . GLU A 1 55 ? 1.756   -14.894 2.628   1.00 16.10 ? 53  GLU A O   1 
ATOM   417  C CB  . GLU A 1 55 ? 1.105   -13.558 0.051   1.00 17.75 ? 53  GLU A CB  1 
ATOM   418  C CG  . GLU A 1 55 ? -0.029  -14.485 -0.380  1.00 21.44 ? 53  GLU A CG  1 
ATOM   419  C CD  . GLU A 1 55 ? 0.236   -15.133 -1.721  1.00 25.23 ? 53  GLU A CD  1 
ATOM   420  O OE1 . GLU A 1 55 ? -0.515  -14.843 -2.679  1.00 27.62 ? 53  GLU A OE1 1 
ATOM   421  O OE2 . GLU A 1 55 ? 1.195   -15.936 -1.833  1.00 28.48 ? 53  GLU A OE2 1 
ATOM   422  N N   . PHE A 1 56 ? -0.292  -14.129 3.167   1.00 14.60 ? 54  PHE A N   1 
ATOM   423  C CA  . PHE A 1 56 ? -0.544  -15.181 4.141   1.00 15.56 ? 54  PHE A CA  1 
ATOM   424  C C   . PHE A 1 56 ? -1.195  -16.379 3.476   1.00 16.18 ? 54  PHE A C   1 
ATOM   425  O O   . PHE A 1 56 ? -1.799  -16.251 2.412   1.00 17.04 ? 54  PHE A O   1 
ATOM   426  C CB  . PHE A 1 56 ? -1.490  -14.688 5.239   1.00 15.73 ? 54  PHE A CB  1 
ATOM   427  C CG  . PHE A 1 56 ? -0.793  -13.936 6.338   1.00 17.34 ? 54  PHE A CG  1 
ATOM   428  C CD1 . PHE A 1 56 ? -0.540  -12.579 6.237   1.00 17.12 ? 54  PHE A CD1 1 
ATOM   429  C CD2 . PHE A 1 56 ? -0.384  -14.606 7.488   1.00 17.41 ? 54  PHE A CD2 1 
ATOM   430  C CE1 . PHE A 1 56 ? 0.137   -11.898 7.271   1.00 14.53 ? 54  PHE A CE1 1 
ATOM   431  C CE2 . PHE A 1 56 ? 0.288   -13.947 8.519   1.00 18.36 ? 54  PHE A CE2 1 
ATOM   432  C CZ  . PHE A 1 56 ? 0.543   -12.580 8.416   1.00 16.62 ? 54  PHE A CZ  1 
ATOM   433  N N   . GLU A 1 57 ? -1.078  -17.543 4.112   1.00 15.62 ? 55  GLU A N   1 
ATOM   434  C CA  . GLU A 1 57 ? -1.704  -18.762 3.594   1.00 17.94 ? 55  GLU A CA  1 
ATOM   435  C C   . GLU A 1 57 ? -3.210  -18.628 3.769   1.00 17.03 ? 55  GLU A C   1 
ATOM   436  O O   . GLU A 1 57 ? -3.982  -18.959 2.884   1.00 17.50 ? 55  GLU A O   1 
ATOM   437  C CB  . GLU A 1 57 ? -1.222  -19.992 4.375   1.00 22.57 ? 55  GLU A CB  1 
ATOM   438  C CG  . GLU A 1 57 ? -0.362  -20.948 3.574   1.00 29.78 ? 55  GLU A CG  1 
ATOM   439  C CD  . GLU A 1 57 ? -0.254  -22.295 4.236   1.00 32.99 ? 55  GLU A CD  1 
ATOM   440  O OE1 . GLU A 1 57 ? -1.290  -22.998 4.324   1.00 36.01 ? 55  GLU A OE1 1 
ATOM   441  O OE2 . GLU A 1 57 ? 0.862   -22.667 4.662   1.00 35.60 ? 55  GLU A OE2 1 
ATOM   442  N N   . LEU A 1 58 ? -3.613  -18.127 4.928   1.00 16.53 ? 56  LEU A N   1 
ATOM   443  C CA  . LEU A 1 58 ? -5.035  -17.963 5.233   1.00 18.60 ? 56  LEU A CA  1 
ATOM   444  C C   . LEU A 1 58 ? -5.450  -16.508 5.308   1.00 18.15 ? 56  LEU A C   1 
ATOM   445  O O   . LEU A 1 58 ? -4.731  -15.672 5.869   1.00 18.18 ? 56  LEU A O   1 
ATOM   446  C CB  . LEU A 1 58 ? -5.367  -18.635 6.564   1.00 18.72 ? 56  LEU A CB  1 
ATOM   447  C CG  . LEU A 1 58 ? -4.912  -20.101 6.670   1.00 22.19 ? 56  LEU A CG  1 
ATOM   448  C CD1 . LEU A 1 58 ? -5.019  -20.552 8.137   1.00 20.70 ? 56  LEU A CD1 1 
ATOM   449  C CD2 . LEU A 1 58 ? -5.733  -20.940 5.684   1.00 23.10 ? 56  LEU A CD2 1 
ATOM   450  N N   . ALA A 1 59 ? -6.627  -16.208 4.767   1.00 18.63 ? 57  ALA A N   1 
ATOM   451  C CA  . ALA A 1 59 ? -7.144  -14.838 4.784   1.00 16.88 ? 57  ALA A CA  1 
ATOM   452  C C   . ALA A 1 59 ? -7.455  -14.399 6.206   1.00 18.09 ? 57  ALA A C   1 
ATOM   453  O O   . ALA A 1 59 ? -7.295  -13.230 6.538   1.00 17.47 ? 57  ALA A O   1 
ATOM   454  C CB  . ALA A 1 59 ? -8.406  -14.743 3.923   1.00 19.03 ? 57  ALA A CB  1 
ATOM   455  N N   . GLU A 1 60 ? -7.904  -15.335 7.040   1.00 18.75 ? 58  GLU A N   1 
ATOM   456  C CA  . GLU A 1 60 ? -8.223  -15.019 8.431   1.00 20.79 ? 58  GLU A CA  1 
ATOM   457  C C   . GLU A 1 60 ? -6.984  -14.552 9.186   1.00 20.42 ? 58  GLU A C   1 
ATOM   458  O O   . GLU A 1 60 ? -7.065  -13.674 10.040  1.00 20.16 ? 58  GLU A O   1 
ATOM   459  C CB  . GLU A 1 60 ? -8.865  -16.238 9.125   1.00 24.60 ? 58  GLU A CB  1 
ATOM   460  C CG  . GLU A 1 60 ? -8.005  -17.499 9.140   1.00 32.04 ? 58  GLU A CG  1 
ATOM   461  C CD  . GLU A 1 60 ? -8.762  -18.729 9.615   1.00 37.26 ? 58  GLU A CD  1 
ATOM   462  O OE1 . GLU A 1 60 ? -9.087  -18.835 10.832  1.00 39.02 ? 58  GLU A OE1 1 
ATOM   463  O OE2 . GLU A 1 60 ? -9.049  -19.608 8.756   1.00 38.55 ? 58  GLU A OE2 1 
ATOM   464  N N   . ASP A 1 61 ? -5.842  -15.141 8.858   1.00 18.48 ? 59  ASP A N   1 
ATOM   465  C CA  . ASP A 1 61 ? -4.593  -14.764 9.499   1.00 19.55 ? 59  ASP A CA  1 
ATOM   466  C C   . ASP A 1 61 ? -4.140  -13.390 9.005   1.00 18.28 ? 59  ASP A C   1 
ATOM   467  O O   . ASP A 1 61 ? -3.598  -12.584 9.767   1.00 19.28 ? 59  ASP A O   1 
ATOM   468  C CB  . ASP A 1 61 ? -3.494  -15.801 9.223   1.00 19.92 ? 59  ASP A CB  1 
ATOM   469  C CG  . ASP A 1 61 ? -3.752  -17.124 9.900   1.00 23.26 ? 59  ASP A CG  1 
ATOM   470  O OD1 . ASP A 1 61 ? -4.568  -17.174 10.848  1.00 25.99 ? 59  ASP A OD1 1 
ATOM   471  O OD2 . ASP A 1 61 ? -3.124  -18.136 9.503   1.00 22.97 ? 59  ASP A OD2 1 
ATOM   472  N N   . ALA A 1 62 ? -4.359  -13.129 7.721   1.00 18.20 ? 60  ALA A N   1 
ATOM   473  C CA  . ALA A 1 62 ? -3.995  -11.841 7.131   1.00 18.32 ? 60  ALA A CA  1 
ATOM   474  C C   . ALA A 1 62 ? -4.813  -10.759 7.831   1.00 17.99 ? 60  ALA A C   1 
ATOM   475  O O   . ALA A 1 62 ? -4.321  -9.667  8.098   1.00 17.18 ? 60  ALA A O   1 
ATOM   476  C CB  . ALA A 1 62 ? -4.302  -11.845 5.629   1.00 16.65 ? 60  ALA A CB  1 
ATOM   477  N N   . ALA A 1 63 ? -6.066  -11.086 8.137   1.00 18.46 ? 61  ALA A N   1 
ATOM   478  C CA  . ALA A 1 63 ? -6.964  -10.159 8.816   1.00 19.85 ? 61  ALA A CA  1 
ATOM   479  C C   . ALA A 1 63 ? -6.489  -9.826  10.231  1.00 20.45 ? 61  ALA A C   1 
ATOM   480  O O   . ALA A 1 63 ? -6.532  -8.667  10.648  1.00 20.78 ? 61  ALA A O   1 
ATOM   481  C CB  . ALA A 1 63 ? -8.375  -10.737 8.867   1.00 19.27 ? 61  ALA A CB  1 
ATOM   482  N N   . ALA A 1 64 ? -6.056  -10.844 10.971  1.00 20.00 ? 62  ALA A N   1 
ATOM   483  C CA  . ALA A 1 64 ? -5.573  -10.644 12.331  1.00 20.48 ? 62  ALA A CA  1 
ATOM   484  C C   . ALA A 1 64 ? -4.301  -9.806  12.308  1.00 21.49 ? 62  ALA A C   1 
ATOM   485  O O   . ALA A 1 64 ? -4.073  -8.975  13.190  1.00 20.72 ? 62  ALA A O   1 
ATOM   486  C CB  . ALA A 1 64 ? -5.305  -11.986 13.008  1.00 20.96 ? 62  ALA A CB  1 
ATOM   487  N N   . ALA A 1 65 ? -3.473  -10.025 11.294  1.00 20.30 ? 63  ALA A N   1 
ATOM   488  C CA  . ALA A 1 65 ? -2.234  -9.276  11.160  1.00 21.90 ? 63  ALA A CA  1 
ATOM   489  C C   . ALA A 1 65 ? -2.495  -7.793  10.918  1.00 21.77 ? 63  ALA A C   1 
ATOM   490  O O   . ALA A 1 65 ? -1.825  -6.931  11.493  1.00 20.27 ? 63  ALA A O   1 
ATOM   491  C CB  . ALA A 1 65 ? -1.398  -9.852  10.026  1.00 20.21 ? 63  ALA A CB  1 
ATOM   492  N N   . ILE A 1 66 ? -3.470  -7.493  10.064  1.00 21.91 ? 64  ILE A N   1 
ATOM   493  C CA  . ILE A 1 66 ? -3.826  -6.099  9.777   1.00 23.67 ? 64  ILE A CA  1 
ATOM   494  C C   . ILE A 1 66 ? -4.235  -5.387  11.060  1.00 25.87 ? 64  ILE A C   1 
ATOM   495  O O   . ILE A 1 66 ? -3.800  -4.271  11.329  1.00 25.93 ? 64  ILE A O   1 
ATOM   496  C CB  . ILE A 1 66 ? -5.019  -6.009  8.791   1.00 22.85 ? 64  ILE A CB  1 
ATOM   497  C CG1 . ILE A 1 66 ? -4.597  -6.512  7.399   1.00 21.95 ? 64  ILE A CG1 1 
ATOM   498  C CG2 . ILE A 1 66 ? -5.547  -4.575  8.704   1.00 23.15 ? 64  ILE A CG2 1 
ATOM   499  C CD1 . ILE A 1 66 ? -5.743  -6.503  6.384   1.00 22.37 ? 64  ILE A CD1 1 
ATOM   500  N N   . ASP A 1 67 ? -5.086  -6.045  11.841  1.00 27.78 ? 65  ASP A N   1 
ATOM   501  C CA  . ASP A 1 67 ? -5.592  -5.470  13.086  1.00 30.20 ? 65  ASP A CA  1 
ATOM   502  C C   . ASP A 1 67 ? -4.521  -5.180  14.134  1.00 29.98 ? 65  ASP A C   1 
ATOM   503  O O   . ASP A 1 67 ? -4.560  -4.145  14.796  1.00 30.70 ? 65  ASP A O   1 
ATOM   504  C CB  . ASP A 1 67 ? -6.661  -6.382  13.703  1.00 32.69 ? 65  ASP A CB  1 
ATOM   505  C CG  . ASP A 1 67 ? -7.863  -6.580  12.790  1.00 37.09 ? 65  ASP A CG  1 
ATOM   506  O OD1 . ASP A 1 67 ? -8.173  -5.658  12.007  1.00 39.36 ? 65  ASP A OD1 1 
ATOM   507  O OD2 . ASP A 1 67 ? -8.508  -7.648  12.875  1.00 40.43 ? 65  ASP A OD2 1 
ATOM   508  N N   . ASN A 1 68 ? -3.570  -6.097  14.284  1.00 29.16 ? 66  ASN A N   1 
ATOM   509  C CA  . ASN A 1 68 ? -2.517  -5.940  15.279  1.00 28.16 ? 66  ASN A CA  1 
ATOM   510  C C   . ASN A 1 68 ? -1.242  -5.242  14.813  1.00 27.18 ? 66  ASN A C   1 
ATOM   511  O O   . ASN A 1 68 ? -0.506  -4.705  15.635  1.00 28.12 ? 66  ASN A O   1 
ATOM   512  C CB  . ASN A 1 68 ? -2.147  -7.304  15.868  1.00 30.24 ? 66  ASN A CB  1 
ATOM   513  C CG  . ASN A 1 68 ? -3.321  -7.978  16.553  1.00 32.21 ? 66  ASN A CG  1 
ATOM   514  O OD1 . ASN A 1 68 ? -3.978  -8.852  15.979  1.00 33.92 ? 66  ASN A OD1 1 
ATOM   515  N ND2 . ASN A 1 68 ? -3.600  -7.565  17.787  1.00 32.84 ? 66  ASN A ND2 1 
ATOM   516  N N   . MET A 1 69 ? -0.977  -5.237  13.510  1.00 24.47 ? 67  MET A N   1 
ATOM   517  C CA  . MET A 1 69 ? 0.245   -4.618  13.011  1.00 22.64 ? 67  MET A CA  1 
ATOM   518  C C   . MET A 1 69 ? 0.111   -3.211  12.425  1.00 21.85 ? 67  MET A C   1 
ATOM   519  O O   . MET A 1 69 ? 1.090   -2.471  12.390  1.00 20.81 ? 67  MET A O   1 
ATOM   520  C CB  . MET A 1 69 ? 0.913   -5.546  11.993  1.00 22.01 ? 67  MET A CB  1 
ATOM   521  C CG  . MET A 1 69 ? 1.370   -6.887  12.582  1.00 20.33 ? 67  MET A CG  1 
ATOM   522  S SD  . MET A 1 69 ? 2.706   -6.744  13.793  1.00 22.81 ? 67  MET A SD  1 
ATOM   523  C CE  . MET A 1 69 ? 4.113   -6.864  12.716  1.00 20.54 ? 67  MET A CE  1 
ATOM   524  N N   . ASN A 1 70 ? -1.079  -2.840  11.955  1.00 21.75 ? 68  ASN A N   1 
ATOM   525  C CA  . ASN A 1 70 ? -1.269  -1.501  11.394  1.00 22.41 ? 68  ASN A CA  1 
ATOM   526  C C   . ASN A 1 70 ? -0.932  -0.474  12.473  1.00 23.68 ? 68  ASN A C   1 
ATOM   527  O O   . ASN A 1 70 ? -1.432  -0.561  13.593  1.00 22.87 ? 68  ASN A O   1 
ATOM   528  C CB  . ASN A 1 70 ? -2.716  -1.297  10.943  1.00 21.67 ? 68  ASN A CB  1 
ATOM   529  C CG  . ASN A 1 70 ? -2.932  0.048   10.283  1.00 24.69 ? 68  ASN A CG  1 
ATOM   530  O OD1 . ASN A 1 70 ? -3.912  0.742   10.562  1.00 29.45 ? 68  ASN A OD1 1 
ATOM   531  N ND2 . ASN A 1 70 ? -2.021  0.424   9.399   1.00 22.23 ? 68  ASN A ND2 1 
ATOM   532  N N   . GLU A 1 71 ? -0.078  0.483   12.128  1.00 24.23 ? 69  GLU A N   1 
ATOM   533  C CA  . GLU A 1 71 ? 0.345   1.537   13.046  1.00 26.61 ? 69  GLU A CA  1 
ATOM   534  C C   . GLU A 1 71 ? 1.198   1.040   14.204  1.00 26.56 ? 69  GLU A C   1 
ATOM   535  O O   . GLU A 1 71 ? 1.360   1.741   15.208  1.00 25.49 ? 69  GLU A O   1 
ATOM   536  C CB  . GLU A 1 71 ? -0.864  2.295   13.605  1.00 28.24 ? 69  GLU A CB  1 
ATOM   537  C CG  . GLU A 1 71 ? -1.665  3.058   12.564  1.00 33.30 ? 69  GLU A CG  1 
ATOM   538  C CD  . GLU A 1 71 ? -2.601  4.073   13.191  1.00 37.15 ? 69  GLU A CD  1 
ATOM   539  O OE1 . GLU A 1 71 ? -2.102  5.076   13.746  1.00 40.20 ? 69  GLU A OE1 1 
ATOM   540  O OE2 . GLU A 1 71 ? -3.832  3.865   13.137  1.00 39.75 ? 69  GLU A OE2 1 
ATOM   541  N N   . SER A 1 72 ? 1.734   -0.171  14.078  1.00 25.38 ? 70  SER A N   1 
ATOM   542  C CA  . SER A 1 72 ? 2.593   -0.714  15.122  1.00 25.02 ? 70  SER A CA  1 
ATOM   543  C C   . SER A 1 72 ? 4.003   -0.225  14.816  1.00 25.02 ? 70  SER A C   1 
ATOM   544  O O   . SER A 1 72 ? 4.231   0.400   13.780  1.00 23.82 ? 70  SER A O   1 
ATOM   545  C CB  . SER A 1 72 ? 2.557   -2.245  15.118  1.00 24.34 ? 70  SER A CB  1 
ATOM   546  O OG  . SER A 1 72 ? 3.147   -2.774  13.943  1.00 22.27 ? 70  SER A OG  1 
ATOM   547  N N   . GLU A 1 73 ? 4.944   -0.515  15.707  1.00 26.83 ? 71  GLU A N   1 
ATOM   548  C CA  . GLU A 1 73 ? 6.327   -0.088  15.521  1.00 28.02 ? 71  GLU A CA  1 
ATOM   549  C C   . GLU A 1 73 ? 7.233   -1.220  15.048  1.00 28.26 ? 71  GLU A C   1 
ATOM   550  O O   . GLU A 1 73 ? 7.161   -2.344  15.546  1.00 29.24 ? 71  GLU A O   1 
ATOM   551  C CB  . GLU A 1 73 ? 6.879   0.495   16.831  1.00 29.96 ? 71  GLU A CB  1 
ATOM   552  C CG  . GLU A 1 73 ? 8.361   0.864   16.783  1.00 34.78 ? 71  GLU A CG  1 
ATOM   553  C CD  . GLU A 1 73 ? 8.880   1.425   18.105  1.00 37.76 ? 71  GLU A CD  1 
ATOM   554  O OE1 . GLU A 1 73 ? 8.397   2.498   18.529  1.00 38.57 ? 71  GLU A OE1 1 
ATOM   555  O OE2 . GLU A 1 73 ? 9.769   0.792   18.719  1.00 37.15 ? 71  GLU A OE2 1 
ATOM   556  N N   . LEU A 1 74 ? 8.084   -0.908  14.080  1.00 27.54 ? 72  LEU A N   1 
ATOM   557  C CA  . LEU A 1 74 ? 9.033   -1.870  13.539  1.00 27.94 ? 72  LEU A CA  1 
ATOM   558  C C   . LEU A 1 74 ? 10.333  -1.118  13.274  1.00 28.16 ? 72  LEU A C   1 
ATOM   559  O O   . LEU A 1 74 ? 10.364  -0.161  12.503  1.00 27.79 ? 72  LEU A O   1 
ATOM   560  C CB  . LEU A 1 74 ? 8.492   -2.483  12.241  1.00 28.22 ? 72  LEU A CB  1 
ATOM   561  C CG  . LEU A 1 74 ? 9.387   -3.525  11.570  1.00 28.50 ? 72  LEU A CG  1 
ATOM   562  C CD1 . LEU A 1 74 ? 9.652   -4.683  12.531  1.00 26.12 ? 72  LEU A CD1 1 
ATOM   563  C CD2 . LEU A 1 74 ? 8.721   -4.020  10.293  1.00 26.45 ? 72  LEU A CD2 1 
ATOM   564  N N   . PHE A 1 75 ? 11.404  -1.541  13.937  1.00 27.68 ? 73  PHE A N   1 
ATOM   565  C CA  . PHE A 1 75 ? 12.695  -0.890  13.779  1.00 27.93 ? 73  PHE A CA  1 
ATOM   566  C C   . PHE A 1 75 ? 12.625  0.598   14.113  1.00 28.09 ? 73  PHE A C   1 
ATOM   567  O O   . PHE A 1 75 ? 13.219  1.424   13.426  1.00 28.11 ? 73  PHE A O   1 
ATOM   568  C CB  . PHE A 1 75 ? 13.220  -1.079  12.350  1.00 29.39 ? 73  PHE A CB  1 
ATOM   569  C CG  . PHE A 1 75 ? 14.440  -1.954  12.265  1.00 30.40 ? 73  PHE A CG  1 
ATOM   570  C CD1 . PHE A 1 75 ? 15.622  -1.584  12.900  1.00 30.59 ? 73  PHE A CD1 1 
ATOM   571  C CD2 . PHE A 1 75 ? 14.398  -3.162  11.576  1.00 30.13 ? 73  PHE A CD2 1 
ATOM   572  C CE1 . PHE A 1 75 ? 16.749  -2.409  12.854  1.00 31.74 ? 73  PHE A CE1 1 
ATOM   573  C CE2 . PHE A 1 75 ? 15.515  -3.995  11.521  1.00 29.93 ? 73  PHE A CE2 1 
ATOM   574  C CZ  . PHE A 1 75 ? 16.693  -3.619  12.162  1.00 31.13 ? 73  PHE A CZ  1 
ATOM   575  N N   . GLY A 1 76 ? 11.880  0.932   15.163  1.00 28.74 ? 74  GLY A N   1 
ATOM   576  C CA  . GLY A 1 76 ? 11.782  2.316   15.596  1.00 30.09 ? 74  GLY A CA  1 
ATOM   577  C C   . GLY A 1 76 ? 10.744  3.223   14.965  1.00 31.21 ? 74  GLY A C   1 
ATOM   578  O O   . GLY A 1 76 ? 10.547  4.341   15.440  1.00 33.14 ? 74  GLY A O   1 
ATOM   579  N N   . ARG A 1 77 ? 10.074  2.778   13.909  1.00 30.20 ? 75  ARG A N   1 
ATOM   580  C CA  . ARG A 1 77 ? 9.076   3.634   13.279  1.00 29.83 ? 75  ARG A CA  1 
ATOM   581  C C   . ARG A 1 77 ? 7.739   2.945   13.038  1.00 28.41 ? 75  ARG A C   1 
ATOM   582  O O   . ARG A 1 77 ? 7.642   1.719   13.040  1.00 26.39 ? 75  ARG A O   1 
ATOM   583  C CB  . ARG A 1 77 ? 9.613   4.188   11.960  1.00 30.11 ? 75  ARG A CB  1 
ATOM   584  C CG  . ARG A 1 77 ? 9.761   3.156   10.866  1.00 31.51 ? 75  ARG A CG  1 
ATOM   585  C CD  . ARG A 1 77 ? 10.320  3.799   9.620   1.00 32.13 ? 75  ARG A CD  1 
ATOM   586  N NE  . ARG A 1 77 ? 11.698  4.229   9.823   1.00 33.73 ? 75  ARG A NE  1 
ATOM   587  C CZ  . ARG A 1 77 ? 12.410  4.907   8.930   1.00 33.20 ? 75  ARG A CZ  1 
ATOM   588  N NH1 . ARG A 1 77 ? 11.877  5.245   7.764   1.00 34.13 ? 75  ARG A NH1 1 
ATOM   589  N NH2 . ARG A 1 77 ? 13.667  5.217   9.190   1.00 33.55 ? 75  ARG A NH2 1 
ATOM   590  N N   . THR A 1 78 ? 6.714   3.760   12.820  1.00 27.74 ? 76  THR A N   1 
ATOM   591  C CA  . THR A 1 78 ? 5.357   3.282   12.592  1.00 26.32 ? 76  THR A CA  1 
ATOM   592  C C   . THR A 1 78 ? 5.169   2.720   11.191  1.00 23.91 ? 76  THR A C   1 
ATOM   593  O O   . THR A 1 78 ? 5.601   3.318   10.209  1.00 25.94 ? 76  THR A O   1 
ATOM   594  C CB  . THR A 1 78 ? 4.341   4.425   12.789  1.00 28.37 ? 76  THR A CB  1 
ATOM   595  O OG1 . THR A 1 78 ? 4.596   5.077   14.039  1.00 27.98 ? 76  THR A OG1 1 
ATOM   596  C CG2 . THR A 1 78 ? 2.920   3.883   12.791  1.00 26.31 ? 76  THR A CG2 1 
ATOM   597  N N   . ILE A 1 79 ? 4.519   1.566   11.102  1.00 22.06 ? 77  ILE A N   1 
ATOM   598  C CA  . ILE A 1 79 ? 4.263   0.957   9.809   1.00 19.15 ? 77  ILE A CA  1 
ATOM   599  C C   . ILE A 1 79 ? 2.773   1.002   9.481   1.00 17.30 ? 77  ILE A C   1 
ATOM   600  O O   . ILE A 1 79 ? 1.933   1.172   10.367  1.00 18.06 ? 77  ILE A O   1 
ATOM   601  C CB  . ILE A 1 79 ? 4.751   -0.513  9.750   1.00 17.57 ? 77  ILE A CB  1 
ATOM   602  C CG1 . ILE A 1 79 ? 4.114   -1.334  10.870  1.00 15.29 ? 77  ILE A CG1 1 
ATOM   603  C CG2 . ILE A 1 79 ? 6.271   -0.557  9.848   1.00 16.60 ? 77  ILE A CG2 1 
ATOM   604  C CD1 . ILE A 1 79 ? 4.374   -2.841  10.732  1.00 15.92 ? 77  ILE A CD1 1 
ATOM   605  N N   . ARG A 1 80 ? 2.464   0.855   8.198   1.00 17.34 ? 78  ARG A N   1 
ATOM   606  C CA  . ARG A 1 80 ? 1.092   0.876   7.704   1.00 18.39 ? 78  ARG A CA  1 
ATOM   607  C C   . ARG A 1 80 ? 0.795   -0.489  7.108   1.00 17.94 ? 78  ARG A C   1 
ATOM   608  O O   . ARG A 1 80 ? 1.557   -0.983  6.277   1.00 18.41 ? 78  ARG A O   1 
ATOM   609  C CB  . ARG A 1 80 ? 0.937   1.947   6.622   1.00 18.64 ? 78  ARG A CB  1 
ATOM   610  C CG  . ARG A 1 80 ? 1.353   3.337   7.065   1.00 22.49 ? 78  ARG A CG  1 
ATOM   611  C CD  . ARG A 1 80 ? 0.408   3.881   8.121   1.00 26.52 ? 78  ARG A CD  1 
ATOM   612  N NE  . ARG A 1 80 ? 0.892   5.135   8.694   1.00 29.54 ? 78  ARG A NE  1 
ATOM   613  C CZ  . ARG A 1 80 ? 0.249   5.826   9.629   1.00 30.45 ? 78  ARG A CZ  1 
ATOM   614  N NH1 . ARG A 1 80 ? -0.914  5.391   10.097  1.00 30.58 ? 78  ARG A NH1 1 
ATOM   615  N NH2 . ARG A 1 80 ? 0.777   6.945   10.107  1.00 31.87 ? 78  ARG A NH2 1 
ATOM   616  N N   . VAL A 1 81 ? -0.313  -1.091  7.523   1.00 16.84 ? 79  VAL A N   1 
ATOM   617  C CA  . VAL A 1 81 ? -0.688  -2.412  7.032   1.00 16.81 ? 79  VAL A CA  1 
ATOM   618  C C   . VAL A 1 81 ? -2.167  -2.466  6.638   1.00 16.89 ? 79  VAL A C   1 
ATOM   619  O O   . VAL A 1 81 ? -3.037  -2.052  7.402   1.00 18.56 ? 79  VAL A O   1 
ATOM   620  C CB  . VAL A 1 81 ? -0.423  -3.490  8.113   1.00 15.69 ? 79  VAL A CB  1 
ATOM   621  C CG1 . VAL A 1 81 ? -0.636  -4.877  7.530   1.00 18.04 ? 79  VAL A CG1 1 
ATOM   622  C CG2 . VAL A 1 81 ? 0.992   -3.343  8.662   1.00 14.22 ? 79  VAL A CG2 1 
ATOM   623  N N   . ASN A 1 82 ? -2.441  -2.986  5.444   1.00 16.28 ? 80  ASN A N   1 
ATOM   624  C CA  . ASN A 1 82 ? -3.811  -3.101  4.955   1.00 17.71 ? 80  ASN A CA  1 
ATOM   625  C C   . ASN A 1 82 ? -3.879  -4.088  3.793   1.00 16.44 ? 80  ASN A C   1 
ATOM   626  O O   . ASN A 1 82 ? -2.847  -4.502  3.271   1.00 17.01 ? 80  ASN A O   1 
ATOM   627  C CB  . ASN A 1 82 ? -4.316  -1.723  4.507   1.00 17.88 ? 80  ASN A CB  1 
ATOM   628  C CG  . ASN A 1 82 ? -3.378  -1.049  3.524   1.00 21.28 ? 80  ASN A CG  1 
ATOM   629  O OD1 . ASN A 1 82 ? -3.380  -1.358  2.333   1.00 22.85 ? 80  ASN A OD1 1 
ATOM   630  N ND2 . ASN A 1 82 ? -2.559  -0.132  4.024   1.00 21.11 ? 80  ASN A ND2 1 
ATOM   631  N N   . LEU A 1 83 ? -5.085  -4.489  3.404   1.00 15.74 ? 81  LEU A N   1 
ATOM   632  C CA  . LEU A 1 83 ? -5.235  -5.395  2.274   1.00 16.64 ? 81  LEU A CA  1 
ATOM   633  C C   . LEU A 1 83 ? -4.616  -4.681  1.085   1.00 16.64 ? 81  LEU A C   1 
ATOM   634  O O   . LEU A 1 83 ? -4.820  -3.472  0.909   1.00 16.97 ? 81  LEU A O   1 
ATOM   635  C CB  . LEU A 1 83 ? -6.714  -5.670  1.993   1.00 18.94 ? 81  LEU A CB  1 
ATOM   636  C CG  . LEU A 1 83 ? -7.495  -6.465  3.037   1.00 20.60 ? 81  LEU A CG  1 
ATOM   637  C CD1 . LEU A 1 83 ? -8.971  -6.450  2.664   1.00 21.87 ? 81  LEU A CD1 1 
ATOM   638  C CD2 . LEU A 1 83 ? -6.965  -7.898  3.110   1.00 20.46 ? 81  LEU A CD2 1 
ATOM   639  N N   . ALA A 1 84 ? -3.850  -5.408  0.284   1.00 17.08 ? 82  ALA A N   1 
ATOM   640  C CA  . ALA A 1 84 ? -3.198  -4.819  -0.876  1.00 19.81 ? 82  ALA A CA  1 
ATOM   641  C C   . ALA A 1 84 ? -4.180  -4.467  -1.970  1.00 21.02 ? 82  ALA A C   1 
ATOM   642  O O   . ALA A 1 84 ? -3.995  -3.489  -2.694  1.00 20.99 ? 82  ALA A O   1 
ATOM   643  C CB  . ALA A 1 84 ? -2.153  -5.767  -1.424  1.00 17.93 ? 82  ALA A CB  1 
ATOM   644  N N   . LYS A 1 85 ? -5.242  -5.254  -2.085  1.00 23.98 ? 83  LYS A N   1 
ATOM   645  C CA  . LYS A 1 85 ? -6.227  -4.980  -3.120  1.00 28.70 ? 83  LYS A CA  1 
ATOM   646  C C   . LYS A 1 85 ? -7.583  -5.591  -2.857  1.00 29.84 ? 83  LYS A C   1 
ATOM   647  O O   . LYS A 1 85 ? -8.230  -5.986  -3.835  1.00 33.04 ? 83  LYS A O   1 
ATOM   648  C CB  . LYS A 1 85 ? -5.696  -5.448  -4.464  1.00 29.94 ? 83  LYS A CB  1 
ATOM   649  C CG  . LYS A 1 85 ? -5.605  -6.956  -4.605  1.00 33.82 ? 83  LYS A CG  1 
ATOM   650  C CD  . LYS A 1 85 ? -4.188  -7.442  -4.872  1.00 36.34 ? 83  LYS A CD  1 
ATOM   651  C CE  . LYS A 1 85 ? -4.225  -8.939  -5.130  1.00 39.84 ? 83  LYS A CE  1 
ATOM   652  N NZ  . LYS A 1 85 ? -5.267  -9.305  -6.135  1.00 41.52 ? 83  LYS A NZ  1 
ATOM   653  O OXT . LYS A 1 85 ? -7.997  -5.641  -1.676  1.00 31.58 ? 83  LYS A OXT 1 
ATOM   654  N N   . MET B 1 3  ? 0.262   16.597  17.105  1.00 50.93 ? 1   MET B N   1 
ATOM   655  C CA  . MET B 1 3  ? 1.215   17.514  16.563  1.00 50.71 ? 1   MET B CA  1 
ATOM   656  C C   . MET B 1 3  ? 1.064   17.254  15.031  1.00 49.82 ? 1   MET B C   1 
ATOM   657  O O   . MET B 1 3  ? 1.009   16.190  14.682  1.00 49.54 ? 1   MET B O   1 
ATOM   658  C CB  . MET B 1 3  ? 2.558   17.208  17.138  1.00 51.47 ? 1   MET B CB  1 
ATOM   659  C CG  . MET B 1 3  ? 2.932   18.019  18.392  1.00 52.77 ? 1   MET B CG  1 
ATOM   660  S SD  . MET B 1 3  ? 4.544   18.697  18.567  1.00 55.46 ? 1   MET B SD  1 
ATOM   661  C CE  . MET B 1 3  ? 4.371   20.174  17.896  1.00 54.80 ? 1   MET B CE  1 
ATOM   662  N N   . ALA B 1 4  ? 0.892   18.255  14.187  1.00 48.39 ? 2   ALA B N   1 
ATOM   663  C CA  . ALA B 1 4  ? 0.965   18.221  12.726  1.00 47.20 ? 2   ALA B CA  1 
ATOM   664  C C   . ALA B 1 4  ? 1.872   17.309  12.014  1.00 46.47 ? 2   ALA B C   1 
ATOM   665  O O   . ALA B 1 4  ? 2.982   17.305  12.163  1.00 46.18 ? 2   ALA B O   1 
ATOM   666  C CB  . ALA B 1 4  ? 1.185   19.666  12.198  1.00 46.82 ? 2   ALA B CB  1 
ATOM   667  N N   . THR B 1 5  ? 1.327   16.532  11.168  1.00 45.46 ? 3   THR B N   1 
ATOM   668  C CA  . THR B 1 5  ? 2.076   15.634  10.252  1.00 44.21 ? 3   THR B CA  1 
ATOM   669  C C   . THR B 1 5  ? 2.170   16.231  8.840   1.00 42.62 ? 3   THR B C   1 
ATOM   670  O O   . THR B 1 5  ? 1.386   17.006  8.382   1.00 42.80 ? 3   THR B O   1 
ATOM   671  C CB  . THR B 1 5  ? 1.455   14.192  10.296  1.00 45.28 ? 3   THR B CB  1 
ATOM   672  O OG1 . THR B 1 5  ? 1.864   13.369  9.246   1.00 45.08 ? 3   THR B OG1 1 
ATOM   673  C CG2 . THR B 1 5  ? -0.007  14.209  10.233  1.00 45.29 ? 3   THR B CG2 1 
ATOM   674  N N   . THR B 1 6  ? 3.082   15.778  8.141   1.00 40.14 ? 4   THR B N   1 
ATOM   675  C CA  . THR B 1 6  ? 3.172   16.217  6.764   1.00 39.05 ? 4   THR B CA  1 
ATOM   676  C C   . THR B 1 6  ? 3.125   15.011  5.841   1.00 37.49 ? 4   THR B C   1 
ATOM   677  O O   . THR B 1 6  ? 3.621   15.055  4.716   1.00 37.48 ? 4   THR B O   1 
ATOM   678  C CB  . THR B 1 6  ? 4.476   16.998  6.508   1.00 39.28 ? 4   THR B CB  1 
ATOM   679  O OG1 . THR B 1 6  ? 5.594   16.120  6.676   1.00 40.87 ? 4   THR B OG1 1 
ATOM   680  C CG2 . THR B 1 6  ? 4.599   18.191  7.470   1.00 40.12 ? 4   THR B CG2 1 
ATOM   681  N N   . LYS B 1 7  ? 2.531   13.928  6.334   1.00 35.22 ? 5   LYS B N   1 
ATOM   682  C CA  . LYS B 1 7  ? 2.381   12.695  5.563   1.00 32.46 ? 5   LYS B CA  1 
ATOM   683  C C   . LYS B 1 7  ? 1.379   13.023  4.468   1.00 29.75 ? 5   LYS B C   1 
ATOM   684  O O   . LYS B 1 7  ? 0.194   13.189  4.740   1.00 28.15 ? 5   LYS B O   1 
ATOM   685  C CB  . LYS B 1 7  ? 1.833   11.577  6.458   1.00 34.74 ? 5   LYS B CB  1 
ATOM   686  C CG  . LYS B 1 7  ? 2.782   11.116  7.551   1.00 37.13 ? 5   LYS B CG  1 
ATOM   687  C CD  . LYS B 1 7  ? 3.969   10.380  6.954   1.00 39.50 ? 5   LYS B CD  1 
ATOM   688  C CE  . LYS B 1 7  ? 4.993   10.025  8.010   1.00 39.74 ? 5   LYS B CE  1 
ATOM   689  N NZ  . LYS B 1 7  ? 4.378   9.307   9.156   1.00 41.60 ? 5   LYS B NZ  1 
ATOM   690  N N   . ARG B 1 8  ? 1.866   13.106  3.234   1.00 27.71 ? 6   ARG B N   1 
ATOM   691  C CA  . ARG B 1 8  ? 1.027   13.473  2.098   1.00 26.15 ? 6   ARG B CA  1 
ATOM   692  C C   . ARG B 1 8  ? 0.866   12.380  1.042   1.00 24.19 ? 6   ARG B C   1 
ATOM   693  O O   . ARG B 1 8  ? 0.143   12.566  0.061   1.00 23.35 ? 6   ARG B O   1 
ATOM   694  C CB  . ARG B 1 8  ? 1.620   14.706  1.406   1.00 26.81 ? 6   ARG B CB  1 
ATOM   695  C CG  . ARG B 1 8  ? 2.059   15.838  2.325   1.00 28.33 ? 6   ARG B CG  1 
ATOM   696  C CD  . ARG B 1 8  ? 3.189   16.631  1.670   1.00 29.08 ? 6   ARG B CD  1 
ATOM   697  N NE  . ARG B 1 8  ? 2.871   16.947  0.282   1.00 31.56 ? 6   ARG B NE  1 
ATOM   698  C CZ  . ARG B 1 8  ? 3.764   17.318  -0.628  1.00 30.53 ? 6   ARG B CZ  1 
ATOM   699  N NH1 . ARG B 1 8  ? 5.045   17.426  -0.303  1.00 32.54 ? 6   ARG B NH1 1 
ATOM   700  N NH2 . ARG B 1 8  ? 3.376   17.564  -1.870  1.00 29.05 ? 6   ARG B NH2 1 
ATOM   701  N N   . VAL B 1 9  ? 1.547   11.254  1.227   1.00 21.88 ? 7   VAL B N   1 
ATOM   702  C CA  . VAL B 1 9  ? 1.488   10.170  0.250   1.00 19.84 ? 7   VAL B CA  1 
ATOM   703  C C   . VAL B 1 9  ? 0.550   9.031   0.639   1.00 18.91 ? 7   VAL B C   1 
ATOM   704  O O   . VAL B 1 9  ? 0.621   8.505   1.751   1.00 17.23 ? 7   VAL B O   1 
ATOM   705  C CB  . VAL B 1 9  ? 2.890   9.584   -0.005  1.00 21.25 ? 7   VAL B CB  1 
ATOM   706  C CG1 . VAL B 1 9  ? 2.827   8.542   -1.117  1.00 18.84 ? 7   VAL B CG1 1 
ATOM   707  C CG2 . VAL B 1 9  ? 3.857   10.700  -0.366  1.00 20.64 ? 7   VAL B CG2 1 
ATOM   708  N N   . LEU B 1 10 ? -0.321  8.650   -0.290  1.00 16.93 ? 8   LEU B N   1 
ATOM   709  C CA  . LEU B 1 10 ? -1.271  7.571   -0.045  1.00 16.86 ? 8   LEU B CA  1 
ATOM   710  C C   . LEU B 1 10 ? -0.990  6.344   -0.903  1.00 16.49 ? 8   LEU B C   1 
ATOM   711  O O   . LEU B 1 10 ? -0.478  6.451   -2.018  1.00 15.59 ? 8   LEU B O   1 
ATOM   712  C CB  . LEU B 1 10 ? -2.703  8.030   -0.354  1.00 18.45 ? 8   LEU B CB  1 
ATOM   713  C CG  . LEU B 1 10 ? -3.257  9.319   0.250   1.00 18.38 ? 8   LEU B CG  1 
ATOM   714  C CD1 . LEU B 1 10 ? -4.709  9.493   -0.190  1.00 18.76 ? 8   LEU B CD1 1 
ATOM   715  C CD2 . LEU B 1 10 ? -3.164  9.263   1.757   1.00 20.11 ? 8   LEU B CD2 1 
ATOM   716  N N   . TYR B 1 11 ? -1.310  5.172   -0.366  1.00 15.38 ? 9   TYR B N   1 
ATOM   717  C CA  . TYR B 1 11 ? -1.176  3.934   -1.121  1.00 15.24 ? 9   TYR B CA  1 
ATOM   718  C C   . TYR B 1 11 ? -2.592  3.708   -1.633  1.00 15.72 ? 9   TYR B C   1 
ATOM   719  O O   . TYR B 1 11 ? -3.548  3.861   -0.876  1.00 14.46 ? 9   TYR B O   1 
ATOM   720  C CB  . TYR B 1 11 ? -0.792  2.757   -0.219  1.00 15.16 ? 9   TYR B CB  1 
ATOM   721  C CG  . TYR B 1 11 ? -0.990  1.399   -0.875  1.00 12.72 ? 9   TYR B CG  1 
ATOM   722  C CD1 . TYR B 1 11 ? -0.034  0.871   -1.742  1.00 14.21 ? 9   TYR B CD1 1 
ATOM   723  C CD2 . TYR B 1 11 ? -2.137  0.646   -0.628  1.00 15.88 ? 9   TYR B CD2 1 
ATOM   724  C CE1 . TYR B 1 11 ? -0.213  -0.380  -2.349  1.00 14.37 ? 9   TYR B CE1 1 
ATOM   725  C CE2 . TYR B 1 11 ? -2.331  -0.610  -1.231  1.00 13.86 ? 9   TYR B CE2 1 
ATOM   726  C CZ  . TYR B 1 11 ? -1.365  -1.112  -2.087  1.00 15.53 ? 9   TYR B CZ  1 
ATOM   727  O OH  . TYR B 1 11 ? -1.549  -2.345  -2.685  1.00 14.89 ? 9   TYR B OH  1 
ATOM   728  N N   . VAL B 1 12 ? -2.728  3.362   -2.910  1.00 15.25 ? 10  VAL B N   1 
ATOM   729  C CA  . VAL B 1 12 ? -4.046  3.104   -3.486  1.00 15.19 ? 10  VAL B CA  1 
ATOM   730  C C   . VAL B 1 12 ? -3.997  1.768   -4.210  1.00 14.64 ? 10  VAL B C   1 
ATOM   731  O O   . VAL B 1 12 ? -3.388  1.655   -5.274  1.00 15.19 ? 10  VAL B O   1 
ATOM   732  C CB  . VAL B 1 12 ? -4.460  4.214   -4.488  1.00 15.44 ? 10  VAL B CB  1 
ATOM   733  C CG1 . VAL B 1 12 ? -5.875  3.952   -4.995  1.00 14.34 ? 10  VAL B CG1 1 
ATOM   734  C CG2 . VAL B 1 12 ? -4.385  5.580   -3.818  1.00 12.32 ? 10  VAL B CG2 1 
ATOM   735  N N   . GLY B 1 13 ? -4.626  0.754   -3.618  1.00 15.03 ? 11  GLY B N   1 
ATOM   736  C CA  . GLY B 1 13 ? -4.623  -0.570  -4.215  1.00 13.62 ? 11  GLY B CA  1 
ATOM   737  C C   . GLY B 1 13 ? -5.995  -1.049  -4.668  1.00 15.98 ? 11  GLY B C   1 
ATOM   738  O O   . GLY B 1 13 ? -7.003  -0.431  -4.351  1.00 18.18 ? 11  GLY B O   1 
ATOM   739  N N   . GLY B 1 14 ? -6.024  -2.152  -5.411  1.00 16.55 ? 12  GLY B N   1 
ATOM   740  C CA  . GLY B 1 14 ? -7.278  -2.685  -5.908  1.00 16.21 ? 12  GLY B CA  1 
ATOM   741  C C   . GLY B 1 14 ? -7.691  -2.009  -7.195  1.00 17.63 ? 12  GLY B C   1 
ATOM   742  O O   . GLY B 1 14 ? -8.876  -1.837  -7.476  1.00 16.60 ? 12  GLY B O   1 
ATOM   743  N N   . LEU B 1 15 ? -6.698  -1.646  -7.998  1.00 16.39 ? 13  LEU B N   1 
ATOM   744  C CA  . LEU B 1 15 ? -6.961  -0.960  -9.258  1.00 15.97 ? 13  LEU B CA  1 
ATOM   745  C C   . LEU B 1 15 ? -7.214  -1.889  -10.420 1.00 16.04 ? 13  LEU B C   1 
ATOM   746  O O   . LEU B 1 15 ? -6.420  -2.790  -10.690 1.00 14.82 ? 13  LEU B O   1 
ATOM   747  C CB  . LEU B 1 15 ? -5.798  -0.014  -9.603  1.00 15.60 ? 13  LEU B CB  1 
ATOM   748  C CG  . LEU B 1 15 ? -5.398  1.038   -8.533  1.00 15.75 ? 13  LEU B CG  1 
ATOM   749  C CD1 . LEU B 1 15 ? -4.230  1.873   -9.026  1.00 18.56 ? 13  LEU B CD1 1 
ATOM   750  C CD2 . LEU B 1 15 ? -6.568  1.923   -8.233  1.00 17.25 ? 13  LEU B CD2 1 
ATOM   751  N N   . ALA B 1 16 ? -8.324  -1.650  -11.112 1.00 15.63 ? 14  ALA B N   1 
ATOM   752  C CA  . ALA B 1 16 ? -8.692  -2.448  -12.273 1.00 15.96 ? 14  ALA B CA  1 
ATOM   753  C C   . ALA B 1 16 ? -7.726  -2.068  -13.391 1.00 16.88 ? 14  ALA B C   1 
ATOM   754  O O   . ALA B 1 16 ? -7.126  -0.984  -13.353 1.00 13.62 ? 14  ALA B O   1 
ATOM   755  C CB  . ALA B 1 16 ? -10.119 -2.130  -12.681 1.00 16.00 ? 14  ALA B CB  1 
ATOM   756  N N   . GLU B 1 17 ? -7.573  -2.936  -14.389 1.00 16.36 ? 15  GLU B N   1 
ATOM   757  C CA  . GLU B 1 17 ? -6.648  -2.640  -15.489 1.00 19.32 ? 15  GLU B CA  1 
ATOM   758  C C   . GLU B 1 17 ? -7.044  -1.393  -16.284 1.00 18.81 ? 15  GLU B C   1 
ATOM   759  O O   . GLU B 1 17 ? -6.206  -0.783  -16.951 1.00 18.73 ? 15  GLU B O   1 
ATOM   760  C CB  . GLU B 1 17 ? -6.515  -3.854  -16.427 1.00 22.01 ? 15  GLU B CB  1 
ATOM   761  C CG  . GLU B 1 17 ? -7.520  -3.927  -17.580 1.00 23.01 ? 15  GLU B CG  1 
ATOM   762  C CD  . GLU B 1 17 ? -7.183  -5.014  -18.580 1.00 26.52 ? 15  GLU B CD  1 
ATOM   763  O OE1 . GLU B 1 17 ? -5.993  -5.153  -18.960 1.00 26.05 ? 15  GLU B OE1 1 
ATOM   764  O OE2 . GLU B 1 17 ? -8.101  -5.747  -19.027 1.00 25.89 ? 15  GLU B OE2 1 
ATOM   765  N N   . GLU B 1 18 ? -8.313  -1.003  -16.188 1.00 18.04 ? 16  GLU B N   1 
ATOM   766  C CA  . GLU B 1 18 ? -8.820  0.171   -16.901 1.00 19.78 ? 16  GLU B CA  1 
ATOM   767  C C   . GLU B 1 18 ? -8.451  1.485   -16.204 1.00 20.89 ? 16  GLU B C   1 
ATOM   768  O O   . GLU B 1 18 ? -8.682  2.564   -16.748 1.00 21.72 ? 16  GLU B O   1 
ATOM   769  C CB  . GLU B 1 18 ? -10.342 0.081   -17.048 1.00 20.99 ? 16  GLU B CB  1 
ATOM   770  C CG  . GLU B 1 18 ? -10.813 -1.101  -17.893 1.00 22.52 ? 16  GLU B CG  1 
ATOM   771  C CD  . GLU B 1 18 ? -10.996 -2.378  -17.090 1.00 23.17 ? 16  GLU B CD  1 
ATOM   772  O OE1 . GLU B 1 18 ? -10.444 -2.483  -15.976 1.00 22.89 ? 16  GLU B OE1 1 
ATOM   773  O OE2 . GLU B 1 18 ? -11.694 -3.291  -17.578 1.00 23.22 ? 16  GLU B OE2 1 
ATOM   774  N N   . VAL B 1 19 ? -7.889  1.389   -15.002 1.00 20.18 ? 17  VAL B N   1 
ATOM   775  C CA  . VAL B 1 19 ? -7.488  2.577   -14.260 1.00 20.60 ? 17  VAL B CA  1 
ATOM   776  C C   . VAL B 1 19 ? -6.042  2.921   -14.590 1.00 21.08 ? 17  VAL B C   1 
ATOM   777  O O   . VAL B 1 19 ? -5.179  2.050   -14.608 1.00 22.27 ? 17  VAL B O   1 
ATOM   778  C CB  . VAL B 1 19 ? -7.598  2.366   -12.729 1.00 20.64 ? 17  VAL B CB  1 
ATOM   779  C CG1 . VAL B 1 19 ? -7.077  3.591   -11.990 1.00 19.13 ? 17  VAL B CG1 1 
ATOM   780  C CG2 . VAL B 1 19 ? -9.041  2.092   -12.341 1.00 18.71 ? 17  VAL B CG2 1 
ATOM   781  N N   . ASP B 1 20 ? -5.786  4.191   -14.877 1.00 21.43 ? 18  ASP B N   1 
ATOM   782  C CA  . ASP B 1 20 ? -4.433  4.640   -15.165 1.00 21.33 ? 18  ASP B CA  1 
ATOM   783  C C   . ASP B 1 20 ? -4.210  5.955   -14.429 1.00 20.74 ? 18  ASP B C   1 
ATOM   784  O O   . ASP B 1 20 ? -5.046  6.365   -13.626 1.00 18.37 ? 18  ASP B O   1 
ATOM   785  C CB  . ASP B 1 20 ? -4.214  4.815   -16.675 1.00 23.49 ? 18  ASP B CB  1 
ATOM   786  C CG  . ASP B 1 20 ? -5.154  5.824   -17.294 1.00 24.50 ? 18  ASP B CG  1 
ATOM   787  O OD1 . ASP B 1 20 ? -5.811  6.568   -16.541 1.00 24.55 ? 18  ASP B OD1 1 
ATOM   788  O OD2 . ASP B 1 20 ? -5.230  5.880   -18.542 1.00 28.96 ? 18  ASP B OD2 1 
ATOM   789  N N   . ASP B 1 21 ? -3.091  6.615   -14.698 1.00 21.15 ? 19  ASP B N   1 
ATOM   790  C CA  . ASP B 1 21 ? -2.778  7.870   -14.020 1.00 22.02 ? 19  ASP B CA  1 
ATOM   791  C C   . ASP B 1 21 ? -3.837  8.953   -14.227 1.00 20.18 ? 19  ASP B C   1 
ATOM   792  O O   . ASP B 1 21 ? -4.125  9.724   -13.307 1.00 19.74 ? 19  ASP B O   1 
ATOM   793  C CB  . ASP B 1 21 ? -1.403  8.378   -14.470 1.00 25.45 ? 19  ASP B CB  1 
ATOM   794  C CG  . ASP B 1 21 ? -1.378  8.795   -15.924 1.00 28.93 ? 19  ASP B CG  1 
ATOM   795  O OD1 . ASP B 1 21 ? -1.819  8.004   -16.785 1.00 31.76 ? 19  ASP B OD1 1 
ATOM   796  O OD2 . ASP B 1 21 ? -0.908  9.916   -16.205 1.00 32.75 ? 19  ASP B OD2 1 
ATOM   797  N N   . LYS B 1 22 ? -4.422  9.011   -15.421 1.00 19.13 ? 20  LYS B N   1 
ATOM   798  C CA  . LYS B 1 22 ? -5.455  10.007  -15.710 1.00 19.70 ? 20  LYS B CA  1 
ATOM   799  C C   . LYS B 1 22 ? -6.703  9.767   -14.864 1.00 17.26 ? 20  LYS B C   1 
ATOM   800  O O   . LYS B 1 22 ? -7.310  10.710  -14.358 1.00 16.09 ? 20  LYS B O   1 
ATOM   801  C CB  . LYS B 1 22 ? -5.838  9.972   -17.192 1.00 23.10 ? 20  LYS B CB  1 
ATOM   802  C CG  . LYS B 1 22 ? -4.831  10.608  -18.145 1.00 27.87 ? 20  LYS B CG  1 
ATOM   803  C CD  . LYS B 1 22 ? -4.881  12.127  -18.069 1.00 33.70 ? 20  LYS B CD  1 
ATOM   804  C CE  . LYS B 1 22 ? -4.200  12.765  -19.275 1.00 35.73 ? 20  LYS B CE  1 
ATOM   805  N NZ  . LYS B 1 22 ? -4.863  12.368  -20.550 1.00 38.30 ? 20  LYS B NZ  1 
ATOM   806  N N   . VAL B 1 23 ? -7.093  8.502   -14.732 1.00 16.61 ? 21  VAL B N   1 
ATOM   807  C CA  . VAL B 1 23 ? -8.266  8.131   -13.939 1.00 16.47 ? 21  VAL B CA  1 
ATOM   808  C C   . VAL B 1 23 ? -8.050  8.445   -12.459 1.00 16.36 ? 21  VAL B C   1 
ATOM   809  O O   . VAL B 1 23 ? -8.944  8.958   -11.786 1.00 16.21 ? 21  VAL B O   1 
ATOM   810  C CB  . VAL B 1 23 ? -8.590  6.615   -14.095 1.00 15.99 ? 21  VAL B CB  1 
ATOM   811  C CG1 . VAL B 1 23 ? -9.708  6.209   -13.136 1.00 15.85 ? 21  VAL B CG1 1 
ATOM   812  C CG2 . VAL B 1 23 ? -9.007  6.322   -15.530 1.00 15.25 ? 21  VAL B CG2 1 
ATOM   813  N N   . LEU B 1 24 ? -6.863  8.130   -11.949 1.00 15.83 ? 22  LEU B N   1 
ATOM   814  C CA  . LEU B 1 24 ? -6.561  8.398   -10.549 1.00 16.55 ? 22  LEU B CA  1 
ATOM   815  C C   . LEU B 1 24 ? -6.564  9.899   -10.271 1.00 16.01 ? 22  LEU B C   1 
ATOM   816  O O   . LEU B 1 24 ? -7.045  10.347  -9.228  1.00 14.37 ? 22  LEU B O   1 
ATOM   817  C CB  . LEU B 1 24 ? -5.202  7.798   -10.174 1.00 17.41 ? 22  LEU B CB  1 
ATOM   818  C CG  . LEU B 1 24 ? -5.169  6.273   -10.030 1.00 18.23 ? 22  LEU B CG  1 
ATOM   819  C CD1 . LEU B 1 24 ? -3.739  5.797   -9.820  1.00 18.28 ? 22  LEU B CD1 1 
ATOM   820  C CD2 . LEU B 1 24 ? -6.040  5.859   -8.852  1.00 18.15 ? 22  LEU B CD2 1 
ATOM   821  N N   . HIS B 1 25 ? -6.030  10.671  -11.213 1.00 17.22 ? 23  HIS B N   1 
ATOM   822  C CA  . HIS B 1 25 ? -5.975  12.124  -11.072 1.00 18.72 ? 23  HIS B CA  1 
ATOM   823  C C   . HIS B 1 25 ? -7.397  12.665  -10.919 1.00 17.78 ? 23  HIS B C   1 
ATOM   824  O O   . HIS B 1 25 ? -7.689  13.445  -10.014 1.00 16.55 ? 23  HIS B O   1 
ATOM   825  C CB  . HIS B 1 25 ? -5.316  12.739  -12.310 1.00 20.45 ? 23  HIS B CB  1 
ATOM   826  C CG  . HIS B 1 25 ? -4.790  14.126  -12.098 1.00 25.88 ? 23  HIS B CG  1 
ATOM   827  N ND1 . HIS B 1 25 ? -5.075  14.869  -10.970 1.00 27.87 ? 23  HIS B ND1 1 
ATOM   828  C CD2 . HIS B 1 25 ? -3.996  14.904  -12.869 1.00 25.27 ? 23  HIS B CD2 1 
ATOM   829  C CE1 . HIS B 1 25 ? -4.478  16.044  -11.058 1.00 27.22 ? 23  HIS B CE1 1 
ATOM   830  N NE2 . HIS B 1 25 ? -3.816  16.092  -12.202 1.00 30.57 ? 23  HIS B NE2 1 
ATOM   831  N N   . ALA B 1 26 ? -8.286  12.234  -11.807 1.00 18.43 ? 24  ALA B N   1 
ATOM   832  C CA  . ALA B 1 26 ? -9.670  12.684  -11.771 1.00 18.06 ? 24  ALA B CA  1 
ATOM   833  C C   . ALA B 1 26 ? -10.389 12.223  -10.509 1.00 18.56 ? 24  ALA B C   1 
ATOM   834  O O   . ALA B 1 26 ? -11.244 12.933  -9.977  1.00 17.84 ? 24  ALA B O   1 
ATOM   835  C CB  . ALA B 1 26 ? -10.410 12.186  -13.009 1.00 18.30 ? 24  ALA B CB  1 
ATOM   836  N N   . ALA B 1 27 ? -10.028 11.040  -10.020 1.00 17.83 ? 25  ALA B N   1 
ATOM   837  C CA  . ALA B 1 27 ? -10.662 10.478  -8.829  1.00 18.02 ? 25  ALA B CA  1 
ATOM   838  C C   . ALA B 1 27 ? -10.247 11.134  -7.507  1.00 18.42 ? 25  ALA B C   1 
ATOM   839  O O   . ALA B 1 27 ? -11.045 11.224  -6.570  1.00 17.08 ? 25  ALA B O   1 
ATOM   840  C CB  . ALA B 1 27 ? -10.387 8.981   -8.765  1.00 18.80 ? 25  ALA B CB  1 
ATOM   841  N N   . PHE B 1 28 ? -9.005  11.599  -7.427  1.00 18.57 ? 26  PHE B N   1 
ATOM   842  C CA  . PHE B 1 28 ? -8.526  12.200  -6.188  1.00 19.10 ? 26  PHE B CA  1 
ATOM   843  C C   . PHE B 1 28 ? -8.405  13.721  -6.155  1.00 19.17 ? 26  PHE B C   1 
ATOM   844  O O   . PHE B 1 28 ? -8.270  14.303  -5.078  1.00 19.93 ? 26  PHE B O   1 
ATOM   845  C CB  . PHE B 1 28 ? -7.185  11.575  -5.790  1.00 17.76 ? 26  PHE B CB  1 
ATOM   846  C CG  . PHE B 1 28 ? -7.302  10.169  -5.274  1.00 19.21 ? 26  PHE B CG  1 
ATOM   847  C CD1 . PHE B 1 28 ? -7.387  9.091   -6.152  1.00 18.71 ? 26  PHE B CD1 1 
ATOM   848  C CD2 . PHE B 1 28 ? -7.345  9.923   -3.907  1.00 19.32 ? 26  PHE B CD2 1 
ATOM   849  C CE1 . PHE B 1 28 ? -7.508  7.784   -5.669  1.00 20.03 ? 26  PHE B CE1 1 
ATOM   850  C CE2 . PHE B 1 28 ? -7.466  8.624   -3.415  1.00 20.44 ? 26  PHE B CE2 1 
ATOM   851  C CZ  . PHE B 1 28 ? -7.550  7.552   -4.298  1.00 19.84 ? 26  PHE B CZ  1 
ATOM   852  N N   . ILE B 1 29 ? -8.469  14.371  -7.312  1.00 19.97 ? 27  ILE B N   1 
ATOM   853  C CA  . ILE B 1 29 ? -8.349  15.825  -7.343  1.00 20.52 ? 27  ILE B CA  1 
ATOM   854  C C   . ILE B 1 29 ? -9.471  16.571  -6.603  1.00 23.74 ? 27  ILE B C   1 
ATOM   855  O O   . ILE B 1 29 ? -9.287  17.723  -6.195  1.00 23.61 ? 27  ILE B O   1 
ATOM   856  C CB  . ILE B 1 29 ? -8.233  16.348  -8.800  1.00 22.43 ? 27  ILE B CB  1 
ATOM   857  C CG1 . ILE B 1 29 ? -7.771  17.807  -8.788  1.00 22.16 ? 27  ILE B CG1 1 
ATOM   858  C CG2 . ILE B 1 29 ? -9.560  16.212  -9.524  1.00 20.27 ? 27  ILE B CG2 1 
ATOM   859  C CD1 . ILE B 1 29 ? -7.495  18.374  -10.163 1.00 24.23 ? 27  ILE B CD1 1 
ATOM   860  N N   . PRO B 1 30 ? -10.644 15.930  -6.412  1.00 23.10 ? 28  PRO B N   1 
ATOM   861  C CA  . PRO B 1 30 ? -11.730 16.617  -5.703  1.00 23.98 ? 28  PRO B CA  1 
ATOM   862  C C   . PRO B 1 30 ? -11.389 16.974  -4.257  1.00 25.41 ? 28  PRO B C   1 
ATOM   863  O O   . PRO B 1 30 ? -12.046 17.824  -3.647  1.00 25.77 ? 28  PRO B O   1 
ATOM   864  C CB  . PRO B 1 30 ? -12.880 15.612  -5.779  1.00 22.65 ? 28  PRO B CB  1 
ATOM   865  C CG  . PRO B 1 30 ? -12.627 14.908  -7.064  1.00 24.24 ? 28  PRO B CG  1 
ATOM   866  C CD  . PRO B 1 30 ? -11.139 14.676  -7.010  1.00 22.65 ? 28  PRO B CD  1 
ATOM   867  N N   . PHE B 1 31 ? -10.364 16.325  -3.712  1.00 24.58 ? 29  PHE B N   1 
ATOM   868  C CA  . PHE B 1 31 ? -9.951  16.556  -2.327  1.00 23.69 ? 29  PHE B CA  1 
ATOM   869  C C   . PHE B 1 31 ? -8.852  17.608  -2.161  1.00 24.21 ? 29  PHE B C   1 
ATOM   870  O O   . PHE B 1 31 ? -8.629  18.122  -1.069  1.00 24.07 ? 29  PHE B O   1 
ATOM   871  C CB  . PHE B 1 31 ? -9.500  15.229  -1.715  1.00 24.10 ? 29  PHE B CB  1 
ATOM   872  C CG  . PHE B 1 31 ? -10.552 14.166  -1.769  1.00 23.84 ? 29  PHE B CG  1 
ATOM   873  C CD1 . PHE B 1 31 ? -11.649 14.217  -0.916  1.00 25.51 ? 29  PHE B CD1 1 
ATOM   874  C CD2 . PHE B 1 31 ? -10.482 13.148  -2.709  1.00 24.67 ? 29  PHE B CD2 1 
ATOM   875  C CE1 . PHE B 1 31 ? -12.661 13.270  -1.002  1.00 24.81 ? 29  PHE B CE1 1 
ATOM   876  C CE2 . PHE B 1 31 ? -11.489 12.197  -2.803  1.00 25.52 ? 29  PHE B CE2 1 
ATOM   877  C CZ  . PHE B 1 31 ? -12.581 12.260  -1.947  1.00 25.52 ? 29  PHE B CZ  1 
ATOM   878  N N   . GLY B 1 32 ? -8.170  17.931  -3.251  1.00 22.86 ? 30  GLY B N   1 
ATOM   879  C CA  . GLY B 1 32 ? -7.113  18.917  -3.180  1.00 23.72 ? 30  GLY B CA  1 
ATOM   880  C C   . GLY B 1 32 ? -6.119  18.700  -4.289  1.00 22.73 ? 30  GLY B C   1 
ATOM   881  O O   . GLY B 1 32 ? -6.158  17.680  -4.977  1.00 22.48 ? 30  GLY B O   1 
ATOM   882  N N   . ASP B 1 33 ? -5.210  19.648  -4.461  1.00 22.53 ? 31  ASP B N   1 
ATOM   883  C CA  . ASP B 1 33 ? -4.227  19.507  -5.519  1.00 23.44 ? 31  ASP B CA  1 
ATOM   884  C C   . ASP B 1 33 ? -3.252  18.347  -5.301  1.00 22.83 ? 31  ASP B C   1 
ATOM   885  O O   . ASP B 1 33 ? -2.869  18.027  -4.178  1.00 23.13 ? 31  ASP B O   1 
ATOM   886  C CB  . ASP B 1 33 ? -3.478  20.826  -5.730  1.00 27.28 ? 31  ASP B CB  1 
ATOM   887  C CG  . ASP B 1 33 ? -4.337  21.863  -6.405  1.00 29.30 ? 31  ASP B CG  1 
ATOM   888  O OD1 . ASP B 1 33 ? -5.297  21.481  -7.118  1.00 33.07 ? 31  ASP B OD1 1 
ATOM   889  O OD2 . ASP B 1 33 ? -4.061  23.069  -6.246  1.00 33.91 ? 31  ASP B OD2 1 
ATOM   890  N N   . ILE B 1 34 ? -2.861  17.731  -6.411  1.00 22.45 ? 32  ILE B N   1 
ATOM   891  C CA  . ILE B 1 34 ? -1.966  16.589  -6.399  1.00 21.99 ? 32  ILE B CA  1 
ATOM   892  C C   . ILE B 1 34 ? -0.606  16.940  -6.998  1.00 21.42 ? 32  ILE B C   1 
ATOM   893  O O   . ILE B 1 34 ? -0.522  17.547  -8.056  1.00 20.84 ? 32  ILE B O   1 
ATOM   894  C CB  . ILE B 1 34 ? -2.640  15.420  -7.164  1.00 21.99 ? 32  ILE B CB  1 
ATOM   895  C CG1 . ILE B 1 34 ? -3.869  14.958  -6.360  1.00 22.91 ? 32  ILE B CG1 1 
ATOM   896  C CG2 . ILE B 1 34 ? -1.666  14.283  -7.426  1.00 21.01 ? 32  ILE B CG2 1 
ATOM   897  C CD1 . ILE B 1 34 ? -4.822  14.094  -7.153  1.00 23.40 ? 32  ILE B CD1 1 
ATOM   898  N N   . THR B 1 35 ? 0.467   16.576  -6.308  1.00 21.38 ? 33  THR B N   1 
ATOM   899  C CA  . THR B 1 35 ? 1.825   16.873  -6.771  1.00 23.30 ? 33  THR B CA  1 
ATOM   900  C C   . THR B 1 35 ? 2.475   15.755  -7.579  1.00 22.58 ? 33  THR B C   1 
ATOM   901  O O   . THR B 1 35 ? 3.346   15.998  -8.412  1.00 22.63 ? 33  THR B O   1 
ATOM   902  C CB  . THR B 1 35 ? 2.743   17.195  -5.567  1.00 25.41 ? 33  THR B CB  1 
ATOM   903  O OG1 . THR B 1 35 ? 2.355   16.400  -4.431  1.00 25.71 ? 33  THR B OG1 1 
ATOM   904  C CG2 . THR B 1 35 ? 2.665   18.673  -5.225  1.00 27.24 ? 33  THR B CG2 1 
ATOM   905  N N   . ASP B 1 36 ? 2.042   14.525  -7.345  1.00 22.25 ? 34  ASP B N   1 
ATOM   906  C CA  . ASP B 1 36 ? 2.621   13.408  -8.075  1.00 21.86 ? 34  ASP B CA  1 
ATOM   907  C C   . ASP B 1 36 ? 1.755   12.157  -7.988  1.00 21.22 ? 34  ASP B C   1 
ATOM   908  O O   . ASP B 1 36 ? 1.034   11.946  -7.013  1.00 20.50 ? 34  ASP B O   1 
ATOM   909  C CB  . ASP B 1 36 ? 4.023   13.112  -7.517  1.00 25.72 ? 34  ASP B CB  1 
ATOM   910  C CG  . ASP B 1 36 ? 4.823   12.214  -8.405  1.00 29.28 ? 34  ASP B CG  1 
ATOM   911  O OD1 . ASP B 1 36 ? 5.369   11.193  -7.922  1.00 33.15 ? 34  ASP B OD1 1 
ATOM   912  O OD2 . ASP B 1 36 ? 4.950   12.516  -9.617  1.00 32.11 ? 34  ASP B OD2 1 
ATOM   913  N N   . ILE B 1 37 ? 1.826   11.349  -9.036  1.00 19.85 ? 35  ILE B N   1 
ATOM   914  C CA  . ILE B 1 37 ? 1.117   10.080  -9.097  1.00 19.84 ? 35  ILE B CA  1 
ATOM   915  C C   . ILE B 1 37 ? 2.120   9.075   -9.648  1.00 20.94 ? 35  ILE B C   1 
ATOM   916  O O   . ILE B 1 37 ? 2.659   9.263   -10.733 1.00 22.01 ? 35  ILE B O   1 
ATOM   917  C CB  . ILE B 1 37 ? -0.127  10.151  -10.019 1.00 20.18 ? 35  ILE B CB  1 
ATOM   918  C CG1 . ILE B 1 37 ? -1.223  10.986  -9.335  1.00 19.96 ? 35  ILE B CG1 1 
ATOM   919  C CG2 . ILE B 1 37 ? -0.651  8.741   -10.313 1.00 21.66 ? 35  ILE B CG2 1 
ATOM   920  C CD1 . ILE B 1 37 ? -2.501  11.122  -10.145 1.00 21.70 ? 35  ILE B CD1 1 
ATOM   921  N N   . GLN B 1 38 ? 2.389   8.023   -8.886  1.00 20.66 ? 36  GLN B N   1 
ATOM   922  C CA  . GLN B 1 38 ? 3.353   7.009   -9.289  1.00 22.81 ? 36  GLN B CA  1 
ATOM   923  C C   . GLN B 1 38 ? 2.694   5.640   -9.387  1.00 22.25 ? 36  GLN B C   1 
ATOM   924  O O   . GLN B 1 38 ? 2.044   5.186   -8.448  1.00 21.46 ? 36  GLN B O   1 
ATOM   925  C CB  . GLN B 1 38 ? 4.500   6.966   -8.281  1.00 25.36 ? 36  GLN B CB  1 
ATOM   926  C CG  . GLN B 1 38 ? 5.609   6.016   -8.640  1.00 32.53 ? 36  GLN B CG  1 
ATOM   927  C CD  . GLN B 1 38 ? 6.719   6.055   -7.621  1.00 37.08 ? 36  GLN B CD  1 
ATOM   928  O OE1 . GLN B 1 38 ? 6.731   5.281   -6.669  1.00 40.11 ? 36  GLN B OE1 1 
ATOM   929  N NE2 . GLN B 1 38 ? 7.658   6.976   -7.809  1.00 38.87 ? 36  GLN B NE2 1 
ATOM   930  N N   . ILE B 1 39 ? 2.884   4.987   -10.528 1.00 23.35 ? 37  ILE B N   1 
ATOM   931  C CA  . ILE B 1 39 ? 2.286   3.694   -10.791 1.00 24.33 ? 37  ILE B CA  1 
ATOM   932  C C   . ILE B 1 39 ? 3.352   2.738   -11.298 1.00 25.24 ? 37  ILE B C   1 
ATOM   933  O O   . ILE B 1 39 ? 3.751   2.807   -12.469 1.00 27.42 ? 37  ILE B O   1 
ATOM   934  C CB  . ILE B 1 39 ? 1.194   3.815   -11.879 1.00 25.69 ? 37  ILE B CB  1 
ATOM   935  C CG1 . ILE B 1 39 ? 0.237   4.958   -11.507 1.00 27.95 ? 37  ILE B CG1 1 
ATOM   936  C CG2 . ILE B 1 39 ? 0.419   2.511   -11.989 1.00 23.21 ? 37  ILE B CG2 1 
ATOM   937  C CD1 . ILE B 1 39 ? -0.662  5.370   -12.656 1.00 29.45 ? 37  ILE B CD1 1 
ATOM   938  N N   . PRO B 1 40 ? 3.851   1.860   -10.424 1.00 25.04 ? 38  PRO B N   1 
ATOM   939  C CA  . PRO B 1 40 ? 4.873   0.867   -10.756 1.00 25.35 ? 38  PRO B CA  1 
ATOM   940  C C   . PRO B 1 40 ? 4.339   -0.003  -11.895 1.00 26.80 ? 38  PRO B C   1 
ATOM   941  O O   . PRO B 1 40 ? 3.181   -0.410  -11.867 1.00 26.44 ? 38  PRO B O   1 
ATOM   942  C CB  . PRO B 1 40 ? 5.035   0.095   -9.449  1.00 24.41 ? 38  PRO B CB  1 
ATOM   943  C CG  . PRO B 1 40 ? 4.742   1.155   -8.406  1.00 24.71 ? 38  PRO B CG  1 
ATOM   944  C CD  . PRO B 1 40 ? 3.528   1.830   -8.992  1.00 22.76 ? 38  PRO B CD  1 
ATOM   945  N N   . LEU B 1 41 ? 5.179   -0.280  -12.888 1.00 27.73 ? 39  LEU B N   1 
ATOM   946  C CA  . LEU B 1 41 ? 4.777   -1.062  -14.050 1.00 30.10 ? 39  LEU B CA  1 
ATOM   947  C C   . LEU B 1 41 ? 5.450   -2.422  -14.116 1.00 31.45 ? 39  LEU B C   1 
ATOM   948  O O   . LEU B 1 41 ? 6.569   -2.600  -13.639 1.00 29.29 ? 39  LEU B O   1 
ATOM   949  C CB  . LEU B 1 41 ? 5.083   -0.289  -15.340 1.00 29.19 ? 39  LEU B CB  1 
ATOM   950  C CG  . LEU B 1 41 ? 4.369   1.042   -15.579 1.00 29.68 ? 39  LEU B CG  1 
ATOM   951  C CD1 . LEU B 1 41 ? 4.737   1.552   -16.966 1.00 30.97 ? 39  LEU B CD1 1 
ATOM   952  C CD2 . LEU B 1 41 ? 2.863   0.864   -15.470 1.00 29.70 ? 39  LEU B CD2 1 
ATOM   953  N N   . ASP B 1 42 ? 4.746   -3.383  -14.706 1.00 33.11 ? 40  ASP B N   1 
ATOM   954  C CA  . ASP B 1 42 ? 5.250   -4.740  -14.872 1.00 36.88 ? 40  ASP B CA  1 
ATOM   955  C C   . ASP B 1 42 ? 6.297   -4.713  -15.984 1.00 37.95 ? 40  ASP B C   1 
ATOM   956  O O   . ASP B 1 42 ? 6.092   -4.073  -17.015 1.00 37.56 ? 40  ASP B O   1 
ATOM   957  C CB  . ASP B 1 42 ? 4.097   -5.673  -15.261 1.00 38.19 ? 40  ASP B CB  1 
ATOM   958  C CG  . ASP B 1 42 ? 4.539   -7.103  -15.414 1.00 40.88 ? 40  ASP B CG  1 
ATOM   959  O OD1 . ASP B 1 42 ? 4.253   -7.917  -14.507 1.00 42.79 ? 40  ASP B OD1 1 
ATOM   960  O OD2 . ASP B 1 42 ? 5.189   -7.416  -16.435 1.00 41.59 ? 40  ASP B OD2 1 
ATOM   961  N N   . TYR B 1 43 ? 7.417   -5.395  -15.758 1.00 39.59 ? 41  TYR B N   1 
ATOM   962  C CA  . TYR B 1 43 ? 8.515   -5.475  -16.724 1.00 41.46 ? 41  TYR B CA  1 
ATOM   963  C C   . TYR B 1 43 ? 8.077   -5.989  -18.103 1.00 42.77 ? 41  TYR B C   1 
ATOM   964  O O   . TYR B 1 43 ? 8.379   -5.385  -19.131 1.00 42.33 ? 41  TYR B O   1 
ATOM   965  C CB  . TYR B 1 43 ? 9.606   -6.398  -16.170 1.00 41.48 ? 41  TYR B CB  1 
ATOM   966  C CG  . TYR B 1 43 ? 10.926  -6.320  -16.896 1.00 41.61 ? 41  TYR B CG  1 
ATOM   967  C CD1 . TYR B 1 43 ? 11.774  -5.235  -16.716 1.00 41.71 ? 41  TYR B CD1 1 
ATOM   968  C CD2 . TYR B 1 43 ? 11.333  -7.330  -17.760 1.00 41.88 ? 41  TYR B CD2 1 
ATOM   969  C CE1 . TYR B 1 43 ? 12.999  -5.158  -17.381 1.00 41.57 ? 41  TYR B CE1 1 
ATOM   970  C CE2 . TYR B 1 43 ? 12.550  -7.259  -18.433 1.00 42.09 ? 41  TYR B CE2 1 
ATOM   971  C CZ  . TYR B 1 43 ? 13.378  -6.180  -18.242 1.00 41.46 ? 41  TYR B CZ  1 
ATOM   972  O OH  . TYR B 1 43 ? 14.569  -6.119  -18.931 1.00 42.21 ? 41  TYR B OH  1 
ATOM   973  N N   . GLU B 1 44 ? 7.360   -7.111  -18.099 1.00 44.93 ? 42  GLU B N   1 
ATOM   974  C CA  . GLU B 1 44 ? 6.877   -7.789  -19.308 1.00 46.84 ? 42  GLU B CA  1 
ATOM   975  C C   . GLU B 1 44 ? 5.765   -7.098  -20.092 1.00 47.28 ? 42  GLU B C   1 
ATOM   976  O O   . GLU B 1 44 ? 5.884   -6.889  -21.300 1.00 47.44 ? 42  GLU B O   1 
ATOM   977  C CB  . GLU B 1 44 ? 6.375   -9.192  -18.948 1.00 47.80 ? 42  GLU B CB  1 
ATOM   978  C CG  . GLU B 1 44 ? 7.383   -10.096 -18.256 1.00 50.15 ? 42  GLU B CG  1 
ATOM   979  C CD  . GLU B 1 44 ? 8.606   -10.352 -19.098 1.00 51.47 ? 42  GLU B CD  1 
ATOM   980  O OE1 . GLU B 1 44 ? 8.461   -10.466 -20.332 1.00 52.27 ? 42  GLU B OE1 1 
ATOM   981  O OE2 . GLU B 1 44 ? 9.720   -10.450 -18.533 1.00 52.78 ? 42  GLU B OE2 1 
ATOM   982  N N   . THR B 1 45 ? 4.684   -6.767  -19.392 1.00 47.28 ? 43  THR B N   1 
ATOM   983  C CA  . THR B 1 45 ? 3.501   -6.163  -19.979 1.00 45.95 ? 43  THR B CA  1 
ATOM   984  C C   . THR B 1 45 ? 3.465   -4.633  -20.010 1.00 45.73 ? 43  THR B C   1 
ATOM   985  O O   . THR B 1 45 ? 2.675   -4.045  -20.754 1.00 45.78 ? 43  THR B O   1 
ATOM   986  C CB  . THR B 1 45 ? 2.260   -6.650  -19.205 1.00 46.44 ? 43  THR B CB  1 
ATOM   987  O OG1 . THR B 1 45 ? 2.203   -5.997  -17.925 1.00 46.00 ? 43  THR B OG1 1 
ATOM   988  C CG2 . THR B 1 45 ? 2.345   -8.161  -18.956 1.00 45.55 ? 43  THR B CG2 1 
ATOM   989  N N   . GLU B 1 46 ? 4.316   -3.998  -19.212 1.00 44.98 ? 44  GLU B N   1 
ATOM   990  C CA  . GLU B 1 46 ? 4.348   -2.547  -19.135 1.00 44.54 ? 44  GLU B CA  1 
ATOM   991  C C   . GLU B 1 46 ? 3.019   -2.028  -18.628 1.00 42.33 ? 44  GLU B C   1 
ATOM   992  O O   . GLU B 1 46 ? 2.636   -0.886  -18.884 1.00 42.76 ? 44  GLU B O   1 
ATOM   993  C CB  . GLU B 1 46 ? 4.645   -1.920  -20.497 1.00 47.48 ? 44  GLU B CB  1 
ATOM   994  C CG  . GLU B 1 46 ? 4.758   -0.421  -20.448 1.00 52.08 ? 44  GLU B CG  1 
ATOM   995  C CD  . GLU B 1 46 ? 5.098   0.183   -21.784 1.00 54.77 ? 44  GLU B CD  1 
ATOM   996  O OE1 . GLU B 1 46 ? 5.210   -0.578  -22.769 1.00 56.91 ? 44  GLU B OE1 1 
ATOM   997  O OE2 . GLU B 1 46 ? 5.265   1.420   -21.850 1.00 55.00 ? 44  GLU B OE2 1 
ATOM   998  N N   . LYS B 1 47 ? 2.297   -2.888  -17.930 1.00 39.04 ? 45  LYS B N   1 
ATOM   999  C CA  . LYS B 1 47 ? 1.022   -2.511  -17.360 1.00 35.04 ? 45  LYS B CA  1 
ATOM   1000 C C   . LYS B 1 47 ? 1.171   -2.484  -15.827 1.00 30.84 ? 45  LYS B C   1 
ATOM   1001 O O   . LYS B 1 47 ? 2.075   -3.119  -15.277 1.00 29.47 ? 45  LYS B O   1 
ATOM   1002 C CB  . LYS B 1 47 ? -0.028  -3.499  -17.847 1.00 36.71 ? 45  LYS B CB  1 
ATOM   1003 C CG  . LYS B 1 47 ? 0.197   -4.917  -17.376 1.00 38.46 ? 45  LYS B CG  1 
ATOM   1004 C CD  . LYS B 1 47 ? -0.893  -5.852  -17.872 1.00 40.40 ? 45  LYS B CD  1 
ATOM   1005 C CE  . LYS B 1 47 ? -1.631  -5.390  -19.106 1.00 40.90 ? 45  LYS B CE  1 
ATOM   1006 N NZ  . LYS B 1 47 ? -2.458  -4.178  -18.928 1.00 41.63 ? 45  LYS B NZ  1 
ATOM   1007 N N   . HIS B 1 48 ? 0.332   -1.708  -15.144 1.00 27.16 ? 46  HIS B N   1 
ATOM   1008 C CA  . HIS B 1 48 ? 0.461   -1.585  -13.692 1.00 23.67 ? 46  HIS B CA  1 
ATOM   1009 C C   . HIS B 1 48 ? 0.154   -2.881  -12.958 1.00 23.78 ? 46  HIS B C   1 
ATOM   1010 O O   . HIS B 1 48 ? -0.443  -3.797  -13.530 1.00 22.23 ? 46  HIS B O   1 
ATOM   1011 C CB  . HIS B 1 48 ? -0.388  -0.416  -13.162 1.00 23.60 ? 46  HIS B CB  1 
ATOM   1012 C CG  . HIS B 1 48 ? -1.867  -0.635  -13.239 1.00 23.29 ? 46  HIS B CG  1 
ATOM   1013 N ND1 . HIS B 1 48 ? -2.524  -1.570  -12.467 1.00 21.84 ? 46  HIS B ND1 1 
ATOM   1014 C CD2 . HIS B 1 48 ? -2.826  0.000   -13.956 1.00 22.42 ? 46  HIS B CD2 1 
ATOM   1015 C CE1 . HIS B 1 48 ? -3.822  -1.497  -12.701 1.00 20.51 ? 46  HIS B CE1 1 
ATOM   1016 N NE2 . HIS B 1 48 ? -4.031  -0.551  -13.599 1.00 22.86 ? 46  HIS B NE2 1 
ATOM   1017 N N   . ARG B 1 49 ? 0.573   -2.957  -11.699 1.00 21.57 ? 47  ARG B N   1 
ATOM   1018 C CA  . ARG B 1 49 ? 0.395   -4.160  -10.900 1.00 21.91 ? 47  ARG B CA  1 
ATOM   1019 C C   . ARG B 1 49 ? -0.780  -4.113  -9.936  1.00 20.43 ? 47  ARG B C   1 
ATOM   1020 O O   . ARG B 1 49 ? -0.829  -4.894  -8.990  1.00 21.81 ? 47  ARG B O   1 
ATOM   1021 C CB  . ARG B 1 49 ? 1.674   -4.448  -10.110 1.00 25.17 ? 47  ARG B CB  1 
ATOM   1022 C CG  . ARG B 1 49 ? 2.946   -4.497  -10.945 1.00 30.06 ? 47  ARG B CG  1 
ATOM   1023 C CD  . ARG B 1 49 ? 4.043   -5.191  -10.150 1.00 36.13 ? 47  ARG B CD  1 
ATOM   1024 N NE  . ARG B 1 49 ? 5.340   -5.191  -10.821 1.00 41.43 ? 47  ARG B NE  1 
ATOM   1025 C CZ  . ARG B 1 49 ? 6.098   -4.112  -10.980 1.00 42.92 ? 47  ARG B CZ  1 
ATOM   1026 N NH1 . ARG B 1 49 ? 5.685   -2.939  -10.517 1.00 44.28 ? 47  ARG B NH1 1 
ATOM   1027 N NH2 . ARG B 1 49 ? 7.273   -4.208  -11.587 1.00 43.71 ? 47  ARG B NH2 1 
ATOM   1028 N N   . GLY B 1 50 ? -1.716  -3.198  -10.166 1.00 17.73 ? 48  GLY B N   1 
ATOM   1029 C CA  . GLY B 1 50 ? -2.876  -3.106  -9.294  1.00 16.94 ? 48  GLY B CA  1 
ATOM   1030 C C   . GLY B 1 50 ? -2.816  -2.051  -8.200  1.00 14.53 ? 48  GLY B C   1 
ATOM   1031 O O   . GLY B 1 50 ? -3.749  -1.922  -7.413  1.00 14.99 ? 48  GLY B O   1 
ATOM   1032 N N   . PHE B 1 51 ? -1.735  -1.286  -8.140  1.00 15.28 ? 49  PHE B N   1 
ATOM   1033 C CA  . PHE B 1 51 ? -1.628  -0.262  -7.111  1.00 13.41 ? 49  PHE B CA  1 
ATOM   1034 C C   . PHE B 1 51 ? -0.857  0.962   -7.576  1.00 14.42 ? 49  PHE B C   1 
ATOM   1035 O O   . PHE B 1 51 ? -0.212  0.948   -8.626  1.00 14.02 ? 49  PHE B O   1 
ATOM   1036 C CB  . PHE B 1 51 ? -0.978  -0.849  -5.848  1.00 15.09 ? 49  PHE B CB  1 
ATOM   1037 C CG  . PHE B 1 51 ? 0.481   -1.176  -6.005  1.00 15.07 ? 49  PHE B CG  1 
ATOM   1038 C CD1 . PHE B 1 51 ? 1.459   -0.294  -5.547  1.00 15.55 ? 49  PHE B CD1 1 
ATOM   1039 C CD2 . PHE B 1 51 ? 0.878   -2.359  -6.620  1.00 16.10 ? 49  PHE B CD2 1 
ATOM   1040 C CE1 . PHE B 1 51 ? 2.813   -0.584  -5.700  1.00 16.35 ? 49  PHE B CE1 1 
ATOM   1041 C CE2 . PHE B 1 51 ? 2.228   -2.663  -6.780  1.00 16.58 ? 49  PHE B CE2 1 
ATOM   1042 C CZ  . PHE B 1 51 ? 3.198   -1.771  -6.319  1.00 16.85 ? 49  PHE B CZ  1 
ATOM   1043 N N   . ALA B 1 52 ? -0.937  2.027   -6.788  1.00 14.97 ? 50  ALA B N   1 
ATOM   1044 C CA  . ALA B 1 52 ? -0.250  3.271   -7.105  1.00 15.10 ? 50  ALA B CA  1 
ATOM   1045 C C   . ALA B 1 52 ? -0.052  4.110   -5.847  1.00 15.64 ? 50  ALA B C   1 
ATOM   1046 O O   . ALA B 1 52 ? -0.609  3.810   -4.787  1.00 15.37 ? 50  ALA B O   1 
ATOM   1047 C CB  . ALA B 1 52 ? -1.060  4.060   -8.135  1.00 14.91 ? 50  ALA B CB  1 
ATOM   1048 N N   . PHE B 1 53 ? 0.747   5.163   -5.978  1.00 15.82 ? 51  PHE B N   1 
ATOM   1049 C CA  . PHE B 1 53 ? 1.006   6.075   -4.879  1.00 14.94 ? 51  PHE B CA  1 
ATOM   1050 C C   . PHE B 1 53 ? 0.586   7.466   -5.331  1.00 15.02 ? 51  PHE B C   1 
ATOM   1051 O O   . PHE B 1 53 ? 1.070   7.965   -6.347  1.00 15.50 ? 51  PHE B O   1 
ATOM   1052 C CB  . PHE B 1 53 ? 2.493   6.068   -4.511  1.00 15.02 ? 51  PHE B CB  1 
ATOM   1053 C CG  . PHE B 1 53 ? 2.961   4.774   -3.916  1.00 17.07 ? 51  PHE B CG  1 
ATOM   1054 C CD1 . PHE B 1 53 ? 2.504   4.361   -2.666  1.00 17.10 ? 51  PHE B CD1 1 
ATOM   1055 C CD2 . PHE B 1 53 ? 3.856   3.965   -4.604  1.00 18.65 ? 51  PHE B CD2 1 
ATOM   1056 C CE1 . PHE B 1 53 ? 2.938   3.152   -2.111  1.00 14.25 ? 51  PHE B CE1 1 
ATOM   1057 C CE2 . PHE B 1 53 ? 4.292   2.758   -4.055  1.00 17.55 ? 51  PHE B CE2 1 
ATOM   1058 C CZ  . PHE B 1 53 ? 3.830   2.356   -2.809  1.00 17.04 ? 51  PHE B CZ  1 
ATOM   1059 N N   . VAL B 1 54 ? -0.328  8.073   -4.583  1.00 15.06 ? 52  VAL B N   1 
ATOM   1060 C CA  . VAL B 1 54 ? -0.820  9.406   -4.901  1.00 15.83 ? 52  VAL B CA  1 
ATOM   1061 C C   . VAL B 1 54 ? -0.346  10.381  -3.829  1.00 16.34 ? 52  VAL B C   1 
ATOM   1062 O O   . VAL B 1 54 ? -0.602  10.194  -2.645  1.00 17.40 ? 52  VAL B O   1 
ATOM   1063 C CB  . VAL B 1 54 ? -2.365  9.448   -4.951  1.00 14.92 ? 52  VAL B CB  1 
ATOM   1064 C CG1 . VAL B 1 54 ? -2.840  10.876  -5.229  1.00 15.37 ? 52  VAL B CG1 1 
ATOM   1065 C CG2 . VAL B 1 54 ? -2.879  8.503   -6.037  1.00 14.66 ? 52  VAL B CG2 1 
ATOM   1066 N N   . GLU B 1 55 ? 0.352   11.424  -4.254  1.00 17.89 ? 53  GLU B N   1 
ATOM   1067 C CA  . GLU B 1 55 ? 0.877   12.418  -3.329  1.00 18.96 ? 53  GLU B CA  1 
ATOM   1068 C C   . GLU B 1 55 ? 0.112   13.731  -3.438  1.00 18.72 ? 53  GLU B C   1 
ATOM   1069 O O   . GLU B 1 55 ? 0.045   14.326  -4.512  1.00 18.34 ? 53  GLU B O   1 
ATOM   1070 C CB  . GLU B 1 55 ? 2.367   12.665  -3.624  1.00 20.77 ? 53  GLU B CB  1 
ATOM   1071 C CG  . GLU B 1 55 ? 3.000   13.781  -2.801  1.00 24.45 ? 53  GLU B CG  1 
ATOM   1072 C CD  . GLU B 1 55 ? 4.357   14.158  -3.296  1.00 27.67 ? 53  GLU B CD  1 
ATOM   1073 O OE1 . GLU B 1 55 ? 5.373   13.667  -2.746  1.00 30.65 ? 53  GLU B OE1 1 
ATOM   1074 O OE2 . GLU B 1 55 ? 4.447   14.945  -4.273  1.00 31.63 ? 53  GLU B OE2 1 
ATOM   1075 N N   . PHE B 1 56 ? -0.474  14.176  -2.329  1.00 18.78 ? 54  PHE B N   1 
ATOM   1076 C CA  . PHE B 1 56 ? -1.221  15.437  -2.294  1.00 19.95 ? 54  PHE B CA  1 
ATOM   1077 C C   . PHE B 1 56 ? -0.314  16.575  -1.867  1.00 20.54 ? 54  PHE B C   1 
ATOM   1078 O O   . PHE B 1 56 ? 0.696   16.357  -1.202  1.00 20.44 ? 54  PHE B O   1 
ATOM   1079 C CB  . PHE B 1 56 ? -2.377  15.362  -1.296  1.00 18.73 ? 54  PHE B CB  1 
ATOM   1080 C CG  . PHE B 1 56 ? -3.579  14.635  -1.810  1.00 20.38 ? 54  PHE B CG  1 
ATOM   1081 C CD1 . PHE B 1 56 ? -3.693  13.250  -1.673  1.00 21.65 ? 54  PHE B CD1 1 
ATOM   1082 C CD2 . PHE B 1 56 ? -4.608  15.335  -2.432  1.00 20.81 ? 54  PHE B CD2 1 
ATOM   1083 C CE1 . PHE B 1 56 ? -4.827  12.570  -2.146  1.00 20.75 ? 54  PHE B CE1 1 
ATOM   1084 C CE2 . PHE B 1 56 ? -5.748  14.665  -2.910  1.00 21.80 ? 54  PHE B CE2 1 
ATOM   1085 C CZ  . PHE B 1 56 ? -5.859  13.284  -2.767  1.00 21.54 ? 54  PHE B CZ  1 
ATOM   1086 N N   . GLU B 1 57 ? -0.695  17.794  -2.227  1.00 21.92 ? 55  GLU B N   1 
ATOM   1087 C CA  . GLU B 1 57 ? 0.070   18.985  -1.862  1.00 24.60 ? 55  GLU B CA  1 
ATOM   1088 C C   . GLU B 1 57 ? 0.065   19.148  -0.345  1.00 24.09 ? 55  GLU B C   1 
ATOM   1089 O O   . GLU B 1 57 ? 1.103   19.393  0.278   1.00 24.83 ? 55  GLU B O   1 
ATOM   1090 C CB  . GLU B 1 57 ? -0.566  20.227  -2.500  1.00 27.72 ? 55  GLU B CB  1 
ATOM   1091 C CG  . GLU B 1 57 ? 0.081   21.536  -2.103  1.00 34.78 ? 55  GLU B CG  1 
ATOM   1092 C CD  . GLU B 1 57 ? 1.231   21.903  -3.010  1.00 39.17 ? 55  GLU B CD  1 
ATOM   1093 O OE1 . GLU B 1 57 ? 2.126   21.053  -3.201  1.00 42.68 ? 55  GLU B OE1 1 
ATOM   1094 O OE2 . GLU B 1 57 ? 1.237   23.040  -3.529  1.00 41.67 ? 55  GLU B OE2 1 
ATOM   1095 N N   . LEU B 1 58 ? -1.120  19.003  0.238   1.00 23.18 ? 56  LEU B N   1 
ATOM   1096 C CA  . LEU B 1 58 ? -1.295  19.153  1.677   1.00 23.88 ? 56  LEU B CA  1 
ATOM   1097 C C   . LEU B 1 58 ? -1.659  17.840  2.359   1.00 23.99 ? 56  LEU B C   1 
ATOM   1098 O O   . LEU B 1 58 ? -2.410  17.026  1.806   1.00 23.02 ? 56  LEU B O   1 
ATOM   1099 C CB  . LEU B 1 58 ? -2.398  20.182  1.962   1.00 25.63 ? 56  LEU B CB  1 
ATOM   1100 C CG  . LEU B 1 58 ? -2.224  21.590  1.354   1.00 26.56 ? 56  LEU B CG  1 
ATOM   1101 C CD1 . LEU B 1 58 ? -3.479  22.404  1.622   1.00 26.77 ? 56  LEU B CD1 1 
ATOM   1102 C CD2 . LEU B 1 58 ? -0.998  22.247  1.925   1.00 24.66 ? 56  LEU B CD2 1 
ATOM   1103 N N   . ALA B 1 59 ? -1.145  17.641  3.569   1.00 22.21 ? 57  ALA B N   1 
ATOM   1104 C CA  . ALA B 1 59 ? -1.423  16.428  4.331   1.00 21.88 ? 57  ALA B CA  1 
ATOM   1105 C C   . ALA B 1 59 ? -2.880  16.318  4.750   1.00 21.83 ? 57  ALA B C   1 
ATOM   1106 O O   . ALA B 1 59 ? -3.432  15.223  4.830   1.00 23.26 ? 57  ALA B O   1 
ATOM   1107 C CB  . ALA B 1 59 ? -0.516  16.381  5.572   1.00 22.35 ? 57  ALA B CB  1 
ATOM   1108 N N   . GLU B 1 60 ? -3.510  17.458  5.013   1.00 22.46 ? 58  GLU B N   1 
ATOM   1109 C CA  . GLU B 1 60 ? -4.909  17.473  5.448   1.00 24.43 ? 58  GLU B CA  1 
ATOM   1110 C C   . GLU B 1 60 ? -5.829  17.030  4.318   1.00 23.41 ? 58  GLU B C   1 
ATOM   1111 O O   . GLU B 1 60 ? -6.879  16.441  4.560   1.00 25.85 ? 58  GLU B O   1 
ATOM   1112 C CB  . GLU B 1 60 ? -5.292  18.875  5.965   1.00 27.52 ? 58  GLU B CB  1 
ATOM   1113 C CG  . GLU B 1 60 ? -5.646  19.911  4.903   1.00 31.05 ? 58  GLU B CG  1 
ATOM   1114 C CD  . GLU B 1 60 ? -5.561  21.328  5.421   1.00 36.02 ? 58  GLU B CD  1 
ATOM   1115 O OE1 . GLU B 1 60 ? -6.576  22.073  5.351   1.00 37.68 ? 58  GLU B OE1 1 
ATOM   1116 O OE2 . GLU B 1 60 ? -4.474  21.720  5.910   1.00 37.24 ? 58  GLU B OE2 1 
ATOM   1117 N N   . ASP B 1 61 ? -5.421  17.295  3.081   1.00 23.39 ? 59  ASP B N   1 
ATOM   1118 C CA  . ASP B 1 61 ? -6.221  16.884  1.938   1.00 21.69 ? 59  ASP B CA  1 
ATOM   1119 C C   . ASP B 1 61 ? -6.068  15.377  1.754   1.00 21.94 ? 59  ASP B C   1 
ATOM   1120 O O   . ASP B 1 61 ? -7.021  14.692  1.394   1.00 21.49 ? 59  ASP B O   1 
ATOM   1121 C CB  . ASP B 1 61 ? -5.777  17.608  0.668   1.00 21.56 ? 59  ASP B CB  1 
ATOM   1122 C CG  . ASP B 1 61 ? -6.160  19.080  0.667   1.00 22.67 ? 59  ASP B CG  1 
ATOM   1123 O OD1 . ASP B 1 61 ? -7.066  19.467  1.432   1.00 23.93 ? 59  ASP B OD1 1 
ATOM   1124 O OD2 . ASP B 1 61 ? -5.557  19.843  -0.117  1.00 22.25 ? 59  ASP B OD2 1 
ATOM   1125 N N   . ALA B 1 62 ? -4.867  14.864  2.004   1.00 21.69 ? 60  ALA B N   1 
ATOM   1126 C CA  . ALA B 1 62 ? -4.625  13.431  1.873   1.00 23.00 ? 60  ALA B CA  1 
ATOM   1127 C C   . ALA B 1 62 ? -5.463  12.677  2.905   1.00 23.95 ? 60  ALA B C   1 
ATOM   1128 O O   . ALA B 1 62 ? -5.955  11.574  2.641   1.00 23.69 ? 60  ALA B O   1 
ATOM   1129 C CB  . ALA B 1 62 ? -3.140  13.123  2.069   1.00 21.59 ? 60  ALA B CB  1 
ATOM   1130 N N   . ALA B 1 63 ? -5.628  13.280  4.077   1.00 24.51 ? 61  ALA B N   1 
ATOM   1131 C CA  . ALA B 1 63 ? -6.405  12.671  5.151   1.00 24.40 ? 61  ALA B CA  1 
ATOM   1132 C C   . ALA B 1 63 ? -7.875  12.582  4.761   1.00 24.40 ? 61  ALA B C   1 
ATOM   1133 O O   . ALA B 1 63 ? -8.547  11.590  5.045   1.00 24.41 ? 61  ALA B O   1 
ATOM   1134 C CB  . ALA B 1 63 ? -6.250  13.478  6.432   1.00 26.64 ? 61  ALA B CB  1 
ATOM   1135 N N   . ALA B 1 64 ? -8.367  13.626  4.105   1.00 23.55 ? 62  ALA B N   1 
ATOM   1136 C CA  . ALA B 1 64 ? -9.752  13.678  3.656   1.00 23.05 ? 62  ALA B CA  1 
ATOM   1137 C C   . ALA B 1 64 ? -10.018 12.579  2.630   1.00 24.34 ? 62  ALA B C   1 
ATOM   1138 O O   . ALA B 1 64 ? -11.032 11.882  2.700   1.00 24.12 ? 62  ALA B O   1 
ATOM   1139 C CB  . ALA B 1 64 ? -10.047 15.043  3.043   1.00 23.42 ? 62  ALA B CB  1 
ATOM   1140 N N   . ALA B 1 65 ? -9.104  12.437  1.673   1.00 23.36 ? 63  ALA B N   1 
ATOM   1141 C CA  . ALA B 1 65 ? -9.238  11.430  0.630   1.00 23.23 ? 63  ALA B CA  1 
ATOM   1142 C C   . ALA B 1 65 ? -9.300  10.031  1.224   1.00 23.45 ? 63  ALA B C   1 
ATOM   1143 O O   . ALA B 1 65 ? -10.098 9.203   0.793   1.00 20.34 ? 63  ALA B O   1 
ATOM   1144 C CB  . ALA B 1 65 ? -8.075  11.540  -0.359  1.00 22.38 ? 63  ALA B CB  1 
ATOM   1145 N N   . ILE B 1 66 ? -8.463  9.759   2.218   1.00 23.62 ? 64  ILE B N   1 
ATOM   1146 C CA  . ILE B 1 66 ? -8.475  8.435   2.842   1.00 24.75 ? 64  ILE B CA  1 
ATOM   1147 C C   . ILE B 1 66 ? -9.846  8.146   3.441   1.00 26.59 ? 64  ILE B C   1 
ATOM   1148 O O   . ILE B 1 66 ? -10.408 7.075   3.236   1.00 25.46 ? 64  ILE B O   1 
ATOM   1149 C CB  . ILE B 1 66 ? -7.412  8.320   3.967   1.00 25.03 ? 64  ILE B CB  1 
ATOM   1150 C CG1 . ILE B 1 66 ? -6.008  8.527   3.388   1.00 24.13 ? 64  ILE B CG1 1 
ATOM   1151 C CG2 . ILE B 1 66 ? -7.471  6.947   4.626   1.00 26.20 ? 64  ILE B CG2 1 
ATOM   1152 C CD1 . ILE B 1 66 ? -4.915  8.506   4.452   1.00 26.06 ? 64  ILE B CD1 1 
ATOM   1153 N N   . ASP B 1 67 ? -10.372 9.106   4.192   1.00 28.49 ? 65  ASP B N   1 
ATOM   1154 C CA  . ASP B 1 67 ? -11.673 8.948   4.835   1.00 30.98 ? 65  ASP B CA  1 
ATOM   1155 C C   . ASP B 1 67 ? -12.809 8.712   3.844   1.00 30.82 ? 65  ASP B C   1 
ATOM   1156 O O   . ASP B 1 67 ? -13.744 7.967   4.126   1.00 31.28 ? 65  ASP B O   1 
ATOM   1157 C CB  . ASP B 1 67 ? -12.007 10.186  5.679   1.00 34.79 ? 65  ASP B CB  1 
ATOM   1158 C CG  . ASP B 1 67 ? -12.919 9.876   6.851   1.00 38.40 ? 65  ASP B CG  1 
ATOM   1159 O OD1 . ASP B 1 67 ? -13.967 10.547  7.004   1.00 40.90 ? 65  ASP B OD1 1 
ATOM   1160 O OD2 . ASP B 1 67 ? -12.569 8.967   7.640   1.00 40.33 ? 65  ASP B OD2 1 
ATOM   1161 N N   . ASN B 1 68 ? -12.728 9.353   2.686   1.00 29.34 ? 66  ASN B N   1 
ATOM   1162 C CA  . ASN B 1 68 ? -13.772 9.233   1.675   1.00 29.51 ? 66  ASN B CA  1 
ATOM   1163 C C   . ASN B 1 68 ? -13.557 8.180   0.598   1.00 26.85 ? 66  ASN B C   1 
ATOM   1164 O O   . ASN B 1 68 ? -14.519 7.644   0.061   1.00 27.80 ? 66  ASN B O   1 
ATOM   1165 C CB  . ASN B 1 68 ? -13.994 10.593  1.010   1.00 31.77 ? 66  ASN B CB  1 
ATOM   1166 C CG  . ASN B 1 68 ? -14.597 11.613  1.960   1.00 36.09 ? 66  ASN B CG  1 
ATOM   1167 O OD1 . ASN B 1 68 ? -15.768 11.510  2.338   1.00 37.32 ? 66  ASN B OD1 1 
ATOM   1168 N ND2 . ASN B 1 68 ? -13.802 12.606  2.349   1.00 36.45 ? 66  ASN B ND2 1 
ATOM   1169 N N   . MET B 1 69 ? -12.305 7.868   0.285   1.00 25.17 ? 67  MET B N   1 
ATOM   1170 C CA  . MET B 1 69 ? -12.030 6.901   -0.772  1.00 22.87 ? 67  MET B CA  1 
ATOM   1171 C C   . MET B 1 69 ? -11.718 5.479   -0.333  1.00 21.83 ? 67  MET B C   1 
ATOM   1172 O O   . MET B 1 69 ? -11.859 4.556   -1.130  1.00 21.42 ? 67  MET B O   1 
ATOM   1173 C CB  . MET B 1 69 ? -10.902 7.427   -1.663  1.00 22.85 ? 67  MET B CB  1 
ATOM   1174 C CG  . MET B 1 69 ? -11.228 8.747   -2.347  1.00 24.20 ? 67  MET B CG  1 
ATOM   1175 S SD  . MET B 1 69 ? -12.561 8.606   -3.554  1.00 23.35 ? 67  MET B SD  1 
ATOM   1176 C CE  . MET B 1 69 ? -11.616 8.247   -5.031  1.00 24.67 ? 67  MET B CE  1 
ATOM   1177 N N   . ASN B 1 70 ? -11.283 5.291   0.913   1.00 21.41 ? 68  ASN B N   1 
ATOM   1178 C CA  . ASN B 1 70 ? -10.982 3.943   1.383   1.00 22.03 ? 68  ASN B CA  1 
ATOM   1179 C C   . ASN B 1 70 ? -12.236 3.077   1.315   1.00 22.96 ? 68  ASN B C   1 
ATOM   1180 O O   . ASN B 1 70 ? -13.288 3.454   1.827   1.00 22.04 ? 68  ASN B O   1 
ATOM   1181 C CB  . ASN B 1 70 ? -10.467 3.954   2.824   1.00 23.00 ? 68  ASN B CB  1 
ATOM   1182 C CG  . ASN B 1 70 ? -10.038 2.578   3.294   1.00 22.74 ? 68  ASN B CG  1 
ATOM   1183 O OD1 . ASN B 1 70 ? -10.145 2.248   4.476   1.00 27.22 ? 68  ASN B OD1 1 
ATOM   1184 N ND2 . ASN B 1 70 ? -9.538  1.769   2.369   1.00 20.90 ? 68  ASN B ND2 1 
ATOM   1185 N N   . GLU B 1 71 ? -12.106 1.918   0.677   1.00 23.88 ? 69  GLU B N   1 
ATOM   1186 C CA  . GLU B 1 71 ? -13.203 0.972   0.520   1.00 24.77 ? 69  GLU B CA  1 
ATOM   1187 C C   . GLU B 1 71 ? -14.316 1.509   -0.367  1.00 24.45 ? 69  GLU B C   1 
ATOM   1188 O O   . GLU B 1 71 ? -15.453 1.031   -0.315  1.00 23.01 ? 69  GLU B O   1 
ATOM   1189 C CB  . GLU B 1 71 ? -13.767 0.569   1.884   1.00 26.48 ? 69  GLU B CB  1 
ATOM   1190 C CG  . GLU B 1 71 ? -12.789 -0.234  2.733   1.00 31.48 ? 69  GLU B CG  1 
ATOM   1191 C CD  . GLU B 1 71 ? -13.398 -0.689  4.045   1.00 35.74 ? 69  GLU B CD  1 
ATOM   1192 O OE1 . GLU B 1 71 ? -14.396 -1.441  4.007   1.00 38.25 ? 69  GLU B OE1 1 
ATOM   1193 O OE2 . GLU B 1 71 ? -12.882 -0.292  5.112   1.00 39.65 ? 69  GLU B OE2 1 
ATOM   1194 N N   . SER B 1 72 ? -13.986 2.511   -1.173  1.00 22.80 ? 70  SER B N   1 
ATOM   1195 C CA  . SER B 1 72 ? -14.953 3.072   -2.104  1.00 22.55 ? 70  SER B CA  1 
ATOM   1196 C C   . SER B 1 72 ? -14.829 2.225   -3.366  1.00 23.85 ? 70  SER B C   1 
ATOM   1197 O O   . SER B 1 72 ? -13.941 1.378   -3.467  1.00 23.39 ? 70  SER B O   1 
ATOM   1198 C CB  . SER B 1 72 ? -14.618 4.524   -2.436  1.00 23.50 ? 70  SER B CB  1 
ATOM   1199 O OG  . SER B 1 72 ? -13.441 4.608   -3.216  1.00 21.28 ? 70  SER B OG  1 
ATOM   1200 N N   . GLU B 1 73 ? -15.701 2.458   -4.334  1.00 23.66 ? 71  GLU B N   1 
ATOM   1201 C CA  . GLU B 1 73 ? -15.664 1.682   -5.558  1.00 24.91 ? 71  GLU B CA  1 
ATOM   1202 C C   . GLU B 1 73 ? -15.103 2.477   -6.733  1.00 23.78 ? 71  GLU B C   1 
ATOM   1203 O O   . GLU B 1 73 ? -15.455 3.635   -6.940  1.00 24.26 ? 71  GLU B O   1 
ATOM   1204 C CB  . GLU B 1 73 ? -17.069 1.181   -5.889  1.00 27.95 ? 71  GLU B CB  1 
ATOM   1205 C CG  . GLU B 1 73 ? -17.163 0.296   -7.112  1.00 33.99 ? 71  GLU B CG  1 
ATOM   1206 C CD  . GLU B 1 73 ? -18.537 -0.346  -7.243  1.00 36.92 ? 71  GLU B CD  1 
ATOM   1207 O OE1 . GLU B 1 73 ? -19.541 0.394   -7.299  1.00 39.83 ? 71  GLU B OE1 1 
ATOM   1208 O OE2 . GLU B 1 73 ? -18.619 -1.591  -7.288  1.00 39.10 ? 71  GLU B OE2 1 
ATOM   1209 N N   . LEU B 1 74 ? -14.223 1.842   -7.498  1.00 22.69 ? 72  LEU B N   1 
ATOM   1210 C CA  . LEU B 1 74 ? -13.600 2.452   -8.663  1.00 23.59 ? 72  LEU B CA  1 
ATOM   1211 C C   . LEU B 1 74 ? -13.580 1.395   -9.757  1.00 22.80 ? 72  LEU B C   1 
ATOM   1212 O O   . LEU B 1 74 ? -12.929 0.358   -9.631  1.00 22.86 ? 72  LEU B O   1 
ATOM   1213 C CB  . LEU B 1 74 ? -12.185 2.929   -8.316  1.00 24.05 ? 72  LEU B CB  1 
ATOM   1214 C CG  . LEU B 1 74 ? -11.476 3.789   -9.379  1.00 24.06 ? 72  LEU B CG  1 
ATOM   1215 C CD1 . LEU B 1 74 ? -12.345 4.970   -9.801  1.00 23.69 ? 72  LEU B CD1 1 
ATOM   1216 C CD2 . LEU B 1 74 ? -10.152 4.276   -8.814  1.00 23.78 ? 72  LEU B CD2 1 
ATOM   1217 N N   . PHE B 1 75 ? -14.320 1.658   -10.826 1.00 22.64 ? 73  PHE B N   1 
ATOM   1218 C CA  . PHE B 1 75 ? -14.445 0.722   -11.937 1.00 24.71 ? 73  PHE B CA  1 
ATOM   1219 C C   . PHE B 1 75 ? -14.838 -0.679  -11.485 1.00 24.91 ? 73  PHE B C   1 
ATOM   1220 O O   . PHE B 1 75 ? -14.233 -1.657  -11.905 1.00 26.75 ? 73  PHE B O   1 
ATOM   1221 C CB  . PHE B 1 75 ? -13.151 0.658   -12.739 1.00 26.59 ? 73  PHE B CB  1 
ATOM   1222 C CG  . PHE B 1 75 ? -13.369 0.658   -14.219 1.00 29.15 ? 73  PHE B CG  1 
ATOM   1223 C CD1 . PHE B 1 75 ? -13.302 1.835   -14.956 1.00 29.09 ? 73  PHE B CD1 1 
ATOM   1224 C CD2 . PHE B 1 75 ? -13.672 -0.528  -14.873 1.00 30.04 ? 73  PHE B CD2 1 
ATOM   1225 C CE1 . PHE B 1 75 ? -13.547 1.828   -16.340 1.00 29.82 ? 73  PHE B CE1 1 
ATOM   1226 C CE2 . PHE B 1 75 ? -13.917 -0.552  -16.247 1.00 29.68 ? 73  PHE B CE2 1 
ATOM   1227 C CZ  . PHE B 1 75 ? -13.853 0.630   -16.994 1.00 32.30 ? 73  PHE B CZ  1 
ATOM   1228 N N   . GLY B 1 76 ? -15.863 -0.758  -10.638 1.00 24.49 ? 74  GLY B N   1 
ATOM   1229 C CA  . GLY B 1 76 ? -16.348 -2.041  -10.148 1.00 25.63 ? 74  GLY B CA  1 
ATOM   1230 C C   . GLY B 1 76 ? -15.507 -2.732  -9.090  1.00 25.81 ? 74  GLY B C   1 
ATOM   1231 O O   . GLY B 1 76 ? -15.902 -3.767  -8.554  1.00 27.10 ? 74  GLY B O   1 
ATOM   1232 N N   . ARG B 1 77 ? -14.348 -2.161  -8.782  1.00 24.82 ? 75  ARG B N   1 
ATOM   1233 C CA  . ARG B 1 77 ? -13.445 -2.726  -7.783  1.00 24.77 ? 75  ARG B CA  1 
ATOM   1234 C C   . ARG B 1 77 ? -13.438 -1.915  -6.500  1.00 23.28 ? 75  ARG B C   1 
ATOM   1235 O O   . ARG B 1 77 ? -13.473 -0.685  -6.531  1.00 24.07 ? 75  ARG B O   1 
ATOM   1236 C CB  . ARG B 1 77 ? -12.017 -2.766  -8.331  1.00 25.35 ? 75  ARG B CB  1 
ATOM   1237 C CG  . ARG B 1 77 ? -11.712 -3.933  -9.221  1.00 27.40 ? 75  ARG B CG  1 
ATOM   1238 C CD  . ARG B 1 77 ? -11.658 -5.221  -8.410  1.00 27.27 ? 75  ARG B CD  1 
ATOM   1239 N NE  . ARG B 1 77 ? -10.414 -5.399  -7.646  1.00 26.85 ? 75  ARG B NE  1 
ATOM   1240 C CZ  . ARG B 1 77 ? -9.211  -5.648  -8.164  1.00 26.41 ? 75  ARG B CZ  1 
ATOM   1241 N NH1 . ARG B 1 77 ? -9.041  -5.752  -9.470  1.00 26.26 ? 75  ARG B NH1 1 
ATOM   1242 N NH2 . ARG B 1 77 ? -8.177  -5.821  -7.362  1.00 27.52 ? 75  ARG B NH2 1 
ATOM   1243 N N   . THR B 1 78 ? -13.396 -2.614  -5.371  1.00 22.90 ? 76  THR B N   1 
ATOM   1244 C CA  . THR B 1 78 ? -13.319 -1.948  -4.079  1.00 21.95 ? 76  THR B CA  1 
ATOM   1245 C C   . THR B 1 78 ? -11.848 -1.571  -3.953  1.00 22.05 ? 76  THR B C   1 
ATOM   1246 O O   . THR B 1 78 ? -10.978 -2.410  -4.168  1.00 22.52 ? 76  THR B O   1 
ATOM   1247 C CB  . THR B 1 78 ? -13.681 -2.905  -2.927  1.00 21.21 ? 76  THR B CB  1 
ATOM   1248 O OG1 . THR B 1 78 ? -15.027 -3.371  -3.103  1.00 21.39 ? 76  THR B OG1 1 
ATOM   1249 C CG2 . THR B 1 78 ? -13.550 -2.199  -1.586  1.00 20.68 ? 76  THR B CG2 1 
ATOM   1250 N N   . ILE B 1 79 ? -11.555 -0.321  -3.612  1.00 20.61 ? 77  ILE B N   1 
ATOM   1251 C CA  . ILE B 1 79 ? -10.156 0.079   -3.496  1.00 19.86 ? 77  ILE B CA  1 
ATOM   1252 C C   . ILE B 1 79 ? -9.677  0.193   -2.052  1.00 19.03 ? 77  ILE B C   1 
ATOM   1253 O O   . ILE B 1 79 ? -10.474 0.358   -1.128  1.00 18.75 ? 77  ILE B O   1 
ATOM   1254 C CB  . ILE B 1 79 ? -9.889  1.411   -4.242  1.00 18.32 ? 77  ILE B CB  1 
ATOM   1255 C CG1 . ILE B 1 79 ? -10.795 2.515   -3.697  1.00 17.38 ? 77  ILE B CG1 1 
ATOM   1256 C CG2 . ILE B 1 79 ? -10.129 1.214   -5.735  1.00 16.54 ? 77  ILE B CG2 1 
ATOM   1257 C CD1 . ILE B 1 79 ? -10.615 3.850   -4.395  1.00 17.34 ? 77  ILE B CD1 1 
ATOM   1258 N N   . ARG B 1 80 ? -8.363  0.088   -1.872  1.00 19.68 ? 78  ARG B N   1 
ATOM   1259 C CA  . ARG B 1 80 ? -7.743  0.167   -0.555  1.00 19.22 ? 78  ARG B CA  1 
ATOM   1260 C C   . ARG B 1 80 ? -6.894  1.429   -0.498  1.00 19.24 ? 78  ARG B C   1 
ATOM   1261 O O   . ARG B 1 80 ? -5.948  1.578   -1.265  1.00 19.33 ? 78  ARG B O   1 
ATOM   1262 C CB  . ARG B 1 80 ? -6.855  -1.053  -0.324  1.00 19.20 ? 78  ARG B CB  1 
ATOM   1263 C CG  . ARG B 1 80 ? -7.492  -2.358  -0.750  1.00 19.98 ? 78  ARG B CG  1 
ATOM   1264 C CD  . ARG B 1 80 ? -8.771  -2.639  0.019   1.00 24.32 ? 78  ARG B CD  1 
ATOM   1265 N NE  . ARG B 1 80 ? -9.443  -3.832  -0.487  1.00 26.18 ? 78  ARG B NE  1 
ATOM   1266 C CZ  . ARG B 1 80 ? -10.577 -4.322  0.002   1.00 27.98 ? 78  ARG B CZ  1 
ATOM   1267 N NH1 . ARG B 1 80 ? -11.179 -3.728  1.022   1.00 29.19 ? 78  ARG B NH1 1 
ATOM   1268 N NH2 . ARG B 1 80 ? -11.119 -5.404  -0.542  1.00 29.16 ? 78  ARG B NH2 1 
ATOM   1269 N N   . VAL B 1 81 ? -7.234  2.333   0.414   1.00 18.24 ? 79  VAL B N   1 
ATOM   1270 C CA  . VAL B 1 81 ? -6.501  3.588   0.543   1.00 19.12 ? 79  VAL B CA  1 
ATOM   1271 C C   . VAL B 1 81 ? -6.010  3.787   1.977   1.00 20.25 ? 79  VAL B C   1 
ATOM   1272 O O   . VAL B 1 81 ? -6.777  3.659   2.929   1.00 20.91 ? 79  VAL B O   1 
ATOM   1273 C CB  . VAL B 1 81 ? -7.390  4.784   0.130   1.00 19.48 ? 79  VAL B CB  1 
ATOM   1274 C CG1 . VAL B 1 81 ? -6.564  6.064   0.101   1.00 19.05 ? 79  VAL B CG1 1 
ATOM   1275 C CG2 . VAL B 1 81 ? -8.023  4.516   -1.235  1.00 16.96 ? 79  VAL B CG2 1 
ATOM   1276 N N   . ASN B 1 82 ? -4.730  4.113   2.119   1.00 19.73 ? 80  ASN B N   1 
ATOM   1277 C CA  . ASN B 1 82 ? -4.114  4.315   3.428   1.00 19.80 ? 80  ASN B CA  1 
ATOM   1278 C C   . ASN B 1 82 ? -2.864  5.171   3.217   1.00 20.75 ? 80  ASN B C   1 
ATOM   1279 O O   . ASN B 1 82 ? -2.391  5.313   2.086   1.00 19.01 ? 80  ASN B O   1 
ATOM   1280 C CG  . ASN B 1 82 ? -3.301  2.992   5.463   1.00 23.73 ? 80  ASN B CG  1 
ATOM   1281 O OD1 . ASN B 1 82 ? -2.867  1.980   6.024   1.00 27.97 ? 80  ASN B OD1 1 
ATOM   1282 N ND2 . ASN B 1 82 ? -3.431  4.156   6.088   1.00 25.60 ? 80  ASN B ND2 1 
ATOM   1283 N N   . LEU B 1 83 ? -2.341  5.768   4.285   1.00 20.14 ? 81  LEU B N   1 
ATOM   1284 C CA  . LEU B 1 83 ? -1.111  6.542   4.157   1.00 19.84 ? 81  LEU B CA  1 
ATOM   1285 C C   . LEU B 1 83 ? -0.073  5.513   3.708   1.00 18.79 ? 81  LEU B C   1 
ATOM   1286 O O   . LEU B 1 83 ? -0.081  4.383   4.183   1.00 18.65 ? 81  LEU B O   1 
ATOM   1287 C CB  . LEU B 1 83 ? -0.702  7.144   5.504   1.00 21.80 ? 81  LEU B CB  1 
ATOM   1288 C CG  . LEU B 1 83 ? -1.489  8.345   6.025   1.00 22.52 ? 81  LEU B CG  1 
ATOM   1289 C CD1 . LEU B 1 83 ? -0.978  8.717   7.408   1.00 22.65 ? 81  LEU B CD1 1 
ATOM   1290 C CD2 . LEU B 1 83 ? -1.340  9.522   5.064   1.00 21.13 ? 81  LEU B CD2 1 
ATOM   1291 N N   . ALA B 1 84 ? 0.813   5.891   2.795   1.00 20.05 ? 82  ALA B N   1 
ATOM   1292 C CA  . ALA B 1 84 ? 1.819   4.961   2.294   1.00 20.87 ? 82  ALA B CA  1 
ATOM   1293 C C   . ALA B 1 84 ? 2.885   4.621   3.334   1.00 23.53 ? 82  ALA B C   1 
ATOM   1294 O O   . ALA B 1 84 ? 3.561   3.596   3.229   1.00 22.86 ? 82  ALA B O   1 
ATOM   1295 N N   . LYS B 1 85 ? 3.026   5.476   4.341   1.00 25.72 ? 83  LYS B N   1 
ATOM   1296 C CA  . LYS B 1 85 ? 4.020   5.264   5.385   1.00 31.08 ? 83  LYS B CA  1 
ATOM   1297 C C   . LYS B 1 85 ? 3.728   6.114   6.616   1.00 32.21 ? 83  LYS B C   1 
ATOM   1298 O O   . LYS B 1 85 ? 2.706   6.829   6.605   1.00 33.08 ? 83  LYS B O   1 
ATOM   1299 C CB  . LYS B 1 85 ? 5.408   5.598   4.843   1.00 32.67 ? 83  LYS B CB  1 
ATOM   1300 C CG  . LYS B 1 85 ? 5.540   7.013   4.305   1.00 36.91 ? 83  LYS B CG  1 
ATOM   1301 C CD  . LYS B 1 85 ? 6.279   7.027   2.976   1.00 39.56 ? 83  LYS B CD  1 
ATOM   1302 C CE  . LYS B 1 85 ? 7.658   6.393   3.095   1.00 42.22 ? 83  LYS B CE  1 
ATOM   1303 N NZ  . LYS B 1 85 ? 8.308   6.223   1.765   1.00 42.91 ? 83  LYS B NZ  1 
ATOM   1304 O OXT . LYS B 1 85 ? 4.527   6.055   7.575   1.00 35.62 ? 83  LYS B OXT 1 
HETATM 1305 O O   . HOH C 2 .  ? -7.950  -10.918 5.090   1.00 16.76 ? 84  HOH A O   1 
HETATM 1306 O O   . HOH C 2 .  ? -4.608  -15.960 -5.364  1.00 40.20 ? 85  HOH A O   1 
HETATM 1307 O O   . HOH C 2 .  ? 10.087  -0.099  9.717   1.00 20.79 ? 86  HOH A O   1 
HETATM 1308 O O   . HOH C 2 .  ? -1.614  -17.925 7.191   1.00 17.90 ? 87  HOH A O   1 
HETATM 1309 O O   . HOH C 2 .  ? -1.604  -22.648 7.762   1.00 43.38 ? 88  HOH A O   1 
HETATM 1310 O O   . HOH C 2 .  ? 10.199  -1.481  -1.664  1.00 21.73 ? 89  HOH A O   1 
HETATM 1311 O O   . HOH C 2 .  ? 11.803  -4.390  -7.720  1.00 60.55 ? 90  HOH A O   1 
HETATM 1312 O O   . HOH C 2 .  ? -8.948  -17.865 6.239   1.00 22.17 ? 91  HOH A O   1 
HETATM 1313 O O   . HOH C 2 .  ? 15.014  -8.482  1.182   1.00 35.21 ? 92  HOH A O   1 
HETATM 1314 O O   . HOH C 2 .  ? 16.826  3.389   10.044  1.00 44.62 ? 93  HOH A O   1 
HETATM 1315 O O   . HOH C 2 .  ? -10.423 -5.016  -4.619  1.00 26.17 ? 94  HOH A O   1 
HETATM 1316 O O   . HOH C 2 .  ? 5.852   -19.074 6.498   1.00 26.45 ? 95  HOH A O   1 
HETATM 1317 O O   . HOH C 2 .  ? -4.540  -1.148  14.597  1.00 40.63 ? 96  HOH A O   1 
HETATM 1318 O O   . HOH C 2 .  ? 16.198  -5.896  0.675   1.00 54.59 ? 97  HOH A O   1 
HETATM 1319 O O   . HOH C 2 .  ? -8.724  -6.922  9.333   1.00 38.85 ? 98  HOH A O   1 
HETATM 1320 O O   . HOH C 2 .  ? -1.083  -21.174 -0.276  1.00 54.00 ? 99  HOH A O   1 
HETATM 1321 O O   . HOH C 2 .  ? -9.420  -8.162  -1.870  1.00 26.18 ? 100 HOH A O   1 
HETATM 1322 O O   . HOH C 2 .  ? -3.475  -20.648 0.640   1.00 51.04 ? 101 HOH A O   1 
HETATM 1323 O O   . HOH C 2 .  ? -5.272  -8.180  -0.917  1.00 25.50 ? 102 HOH A O   1 
HETATM 1324 O O   . HOH C 2 .  ? 18.869  -0.789  -16.106 1.00 46.61 ? 103 HOH A O   1 
HETATM 1325 O O   . HOH C 2 .  ? 15.704  3.843   7.361   1.00 36.64 ? 104 HOH A O   1 
HETATM 1326 O O   . HOH C 2 .  ? -1.241  -19.856 -3.409  1.00 44.25 ? 105 HOH A O   1 
HETATM 1327 O O   . HOH C 2 .  ? 10.770  -1.034  16.889  1.00 40.44 ? 106 HOH A O   1 
HETATM 1328 O O   . HOH C 2 .  ? 1.826   -17.482 17.245  1.00 46.64 ? 107 HOH A O   1 
HETATM 1329 O O   . HOH C 2 .  ? -3.646  -5.123  18.726  1.00 54.74 ? 108 HOH A O   1 
HETATM 1330 O O   . HOH C 2 .  ? 11.221  -9.527  -3.297  1.00 32.25 ? 109 HOH A O   1 
HETATM 1331 O O   . HOH C 2 .  ? 16.818  6.059   5.776   1.00 47.31 ? 110 HOH A O   1 
HETATM 1332 O O   . HOH C 2 .  ? 16.113  4.273   13.302  1.00 74.81 ? 111 HOH A O   1 
HETATM 1333 O O   . HOH C 2 .  ? 5.349   -4.373  14.776  1.00 30.37 ? 112 HOH A O   1 
HETATM 1334 O O   . HOH C 2 .  ? -9.668  -15.023 -3.534  1.00 34.44 ? 113 HOH A O   1 
HETATM 1335 O O   . HOH C 2 .  ? -2.937  -18.613 13.077  1.00 43.72 ? 114 HOH A O   1 
HETATM 1336 O O   . HOH C 2 .  ? -5.529  -0.917  8.002   1.00 31.42 ? 115 HOH A O   1 
HETATM 1337 O O   . HOH C 2 .  ? -16.761 -14.199 -7.479  1.00 29.85 ? 116 HOH A O   1 
HETATM 1338 O O   . HOH C 2 .  ? 15.809  1.207   1.564   1.00 31.19 ? 117 HOH A O   1 
HETATM 1339 O O   . HOH C 2 .  ? -6.666  -11.639 -6.351  1.00 25.04 ? 118 HOH A O   1 
HETATM 1340 O O   . HOH C 2 .  ? -8.959  -14.579 0.038   1.00 31.08 ? 119 HOH A O   1 
HETATM 1341 O O   . HOH C 2 .  ? 3.408   -21.345 3.751   1.00 77.06 ? 120 HOH A O   1 
HETATM 1342 O O   . HOH C 2 .  ? 12.264  6.525   15.888  1.00 31.17 ? 121 HOH A O   1 
HETATM 1343 O O   . HOH C 2 .  ? 16.474  -1.537  -15.990 1.00 39.79 ? 122 HOH A O   1 
HETATM 1344 O O   . HOH C 2 .  ? -3.444  -13.904 15.952  1.00 42.87 ? 123 HOH A O   1 
HETATM 1345 O O   . HOH C 2 .  ? 8.776   -13.947 -4.177  1.00 35.87 ? 124 HOH A O   1 
HETATM 1346 O O   . HOH C 2 .  ? 13.100  -14.550 9.087   1.00 25.30 ? 125 HOH A O   1 
HETATM 1347 O O   . HOH C 2 .  ? -9.425  -5.816  6.449   1.00 48.72 ? 126 HOH A O   1 
HETATM 1348 O O   . HOH C 2 .  ? 12.440  5.976   -1.827  1.00 38.89 ? 127 HOH A O   1 
HETATM 1349 O O   . HOH C 2 .  ? -7.268  -3.435  4.933   1.00 33.92 ? 128 HOH A O   1 
HETATM 1350 O O   . HOH C 2 .  ? -6.266  -19.160 11.599  1.00 37.10 ? 129 HOH A O   1 
HETATM 1351 O O   . HOH C 2 .  ? -3.126  -24.902 6.703   1.00 37.10 ? 130 HOH A O   1 
HETATM 1352 O O   . HOH C 2 .  ? 4.554   -1.590  18.228  1.00 28.95 ? 131 HOH A O   1 
HETATM 1353 O O   . HOH C 2 .  ? -6.937  -1.414  10.191  1.00 47.59 ? 132 HOH A O   1 
HETATM 1354 O O   . HOH C 2 .  ? 19.191  -10.643 6.337   1.00 31.68 ? 133 HOH A O   1 
HETATM 1355 O O   . HOH C 2 .  ? 20.178  3.399   7.535   1.00 38.61 ? 134 HOH A O   1 
HETATM 1356 O O   . HOH C 2 .  ? 3.568   -11.202 -1.768  1.00 32.71 ? 135 HOH A O   1 
HETATM 1357 O O   . HOH C 2 .  ? 5.478   -7.139  -5.329  1.00 58.30 ? 136 HOH A O   1 
HETATM 1358 O O   . HOH C 2 .  ? 5.835   -21.452 7.847   1.00 35.01 ? 137 HOH A O   1 
HETATM 1359 O O   . HOH C 2 .  ? -2.933  -23.544 2.874   1.00 73.32 ? 138 HOH A O   1 
HETATM 1360 O O   . HOH C 2 .  ? 17.107  -0.974  2.022   1.00 38.20 ? 139 HOH A O   1 
HETATM 1361 O O   . HOH C 2 .  ? 25.155  -3.899  -7.741  1.00 62.56 ? 140 HOH A O   1 
HETATM 1362 O O   . HOH C 2 .  ? -19.338 -14.026 -3.919  1.00 84.96 ? 141 HOH A O   1 
HETATM 1363 O O   . HOH C 2 .  ? 20.707  -14.006 6.609   1.00 51.43 ? 142 HOH A O   1 
HETATM 1364 O O   . HOH C 2 .  ? -5.975  -15.841 12.920  1.00 38.78 ? 143 HOH A O   1 
HETATM 1365 O O   . HOH C 2 .  ? 14.953  3.810   11.308  1.00 68.65 ? 144 HOH A O   1 
HETATM 1366 O O   . HOH C 2 .  ? -6.359  -5.950  18.198  1.00 52.25 ? 145 HOH A O   1 
HETATM 1367 O O   . HOH C 2 .  ? -10.423 -8.887  11.871  1.00 49.85 ? 146 HOH A O   1 
HETATM 1368 O O   . HOH C 2 .  ? 2.556   -19.237 12.042  1.00 39.89 ? 147 HOH A O   1 
HETATM 1369 O O   . HOH C 2 .  ? -0.973  -25.050 6.033   1.00 57.34 ? 148 HOH A O   1 
HETATM 1370 O O   . HOH C 2 .  ? 13.331  -8.256  -3.204  1.00 51.64 ? 149 HOH A O   1 
HETATM 1371 O O   . HOH C 2 .  ? 3.837   8.034   13.345  1.00 73.76 ? 150 HOH A O   1 
HETATM 1372 O O   . HOH C 2 .  ? 11.017  4.643   -4.478  1.00 50.53 ? 151 HOH A O   1 
HETATM 1373 O O   . HOH C 2 .  ? -6.640  1.260   7.506   1.00 53.38 ? 152 HOH A O   1 
HETATM 1374 O O   . HOH C 2 .  ? -3.686  -15.026 13.611  1.00 36.90 ? 153 HOH A O   1 
HETATM 1375 O O   . HOH C 2 .  ? 5.221   -9.101  15.542  1.00 38.40 ? 154 HOH A O   1 
HETATM 1376 O O   . HOH C 2 .  ? 9.427   5.593   7.432   1.00 35.93 ? 155 HOH A O   1 
HETATM 1377 O O   . HOH C 2 .  ? 12.405  4.559   0.950   1.00 44.79 ? 156 HOH A O   1 
HETATM 1378 O O   . HOH C 2 .  ? -8.993  -10.556 13.464  1.00 45.63 ? 157 HOH A O   1 
HETATM 1379 O O   . HOH C 2 .  ? -3.165  -14.496 -3.069  1.00 41.95 ? 158 HOH A O   1 
HETATM 1380 O O   . HOH D 2 .  ? -6.445  0.935   4.064   1.00 44.72 ? 84  HOH B O   1 
HETATM 1381 O O   . HOH D 2 .  ? 1.196   -0.849  -10.133 1.00 18.64 ? 85  HOH B O   1 
HETATM 1382 O O   . HOH D 2 .  ? -17.956 4.264   -4.217  1.00 34.69 ? 86  HOH B O   1 
HETATM 1383 O O   . HOH D 2 .  ? -9.771  -0.481  6.274   1.00 50.36 ? 87  HOH B O   1 
HETATM 1384 O O   . HOH D 2 .  ? -10.187 -0.123  -9.394  1.00 17.82 ? 88  HOH B O   1 
HETATM 1385 O O   . HOH D 2 .  ? 12.078  -11.063 -20.010 1.00 69.63 ? 89  HOH B O   1 
HETATM 1386 O O   . HOH D 2 .  ? -15.850 4.011   -11.386 1.00 19.80 ? 90  HOH B O   1 
HETATM 1387 O O   . HOH D 2 .  ? -7.787  10.277  7.266   1.00 38.87 ? 91  HOH B O   1 
HETATM 1388 O O   . HOH D 2 .  ? -3.411  18.955  -1.544  1.00 25.15 ? 92  HOH B O   1 
HETATM 1389 O O   . HOH D 2 .  ? -14.115 5.756   -5.667  1.00 23.57 ? 93  HOH B O   1 
HETATM 1390 O O   . HOH D 2 .  ? 14.990  -8.538  -19.945 1.00 40.89 ? 94  HOH B O   1 
HETATM 1391 O O   . HOH D 2 .  ? -9.964  -2.580  3.049   1.00 49.30 ? 95  HOH B O   1 
HETATM 1392 O O   . HOH D 2 .  ? -13.626 10.652  -6.615  1.00 25.99 ? 96  HOH B O   1 
HETATM 1393 O O   . HOH D 2 .  ? -2.184  13.161  6.073   1.00 26.80 ? 97  HOH B O   1 
HETATM 1394 O O   . HOH D 2 .  ? 2.733   8.853   3.395   1.00 20.92 ? 98  HOH B O   1 
HETATM 1395 O O   . HOH D 2 .  ? -2.694  -3.739  -15.292 1.00 24.96 ? 99  HOH B O   1 
HETATM 1396 O O   . HOH D 2 .  ? -1.647  12.412  -15.115 1.00 47.65 ? 100 HOH B O   1 
HETATM 1397 O O   . HOH D 2 .  ? -10.720 18.012  1.118   1.00 39.59 ? 101 HOH B O   1 
HETATM 1398 O O   . HOH D 2 .  ? -8.611  23.424  6.443   1.00 45.84 ? 102 HOH B O   1 
HETATM 1399 O O   . HOH D 2 .  ? -12.940 14.924  -10.700 1.00 28.52 ? 103 HOH B O   1 
HETATM 1400 O O   . HOH D 2 .  ? -3.098  23.497  -2.778  1.00 42.52 ? 104 HOH B O   1 
HETATM 1401 O O   . HOH D 2 .  ? 5.059   10.699  -11.508 1.00 51.10 ? 105 HOH B O   1 
HETATM 1402 O O   . HOH D 2 .  ? -10.207 -4.189  -19.818 1.00 32.62 ? 106 HOH B O   1 
HETATM 1403 O O   . HOH D 2 .  ? 6.896   5.277   8.680   1.00 25.56 ? 107 HOH B O   1 
HETATM 1404 O O   . HOH D 2 .  ? 2.615   12.800  -11.621 1.00 39.70 ? 108 HOH B O   1 
HETATM 1405 O O   . HOH D 2 .  ? -2.408  20.101  5.836   1.00 58.71 ? 109 HOH B O   1 
HETATM 1406 O O   . HOH D 2 .  ? -16.748 4.887   -8.948  1.00 27.65 ? 110 HOH B O   1 
HETATM 1407 O O   . HOH D 2 .  ? 4.497   18.277  -9.033  1.00 42.10 ? 111 HOH B O   1 
HETATM 1408 O O   . HOH D 2 .  ? 7.794   14.483  -2.683  1.00 52.93 ? 112 HOH B O   1 
HETATM 1409 O O   . HOH D 2 .  ? -13.918 -3.662  -19.029 1.00 66.64 ? 113 HOH B O   1 
HETATM 1410 O O   . HOH D 2 .  ? -15.030 18.540  -3.485  1.00 51.34 ? 114 HOH B O   1 
HETATM 1411 O O   . HOH D 2 .  ? 3.420   9.657   -5.523  1.00 36.65 ? 115 HOH B O   1 
HETATM 1412 O O   . HOH D 2 .  ? -7.725  -1.825  7.014   1.00 35.04 ? 116 HOH B O   1 
HETATM 1413 O O   . HOH D 2 .  ? -11.631 4.526   6.278   1.00 41.95 ? 117 HOH B O   1 
HETATM 1414 O O   . HOH D 2 .  ? -0.771  5.210   -16.000 1.00 39.26 ? 118 HOH B O   1 
HETATM 1415 O O   . HOH D 2 .  ? -17.695 -5.588  -10.472 1.00 47.48 ? 119 HOH B O   1 
HETATM 1416 O O   . HOH D 2 .  ? 4.610   8.985   -13.340 1.00 91.03 ? 120 HOH B O   1 
HETATM 1417 O O   . HOH D 2 .  ? 5.822   14.943  -9.983  1.00 39.50 ? 121 HOH B O   1 
HETATM 1418 O O   . HOH D 2 .  ? -17.493 1.814   -10.593 1.00 30.30 ? 122 HOH B O   1 
HETATM 1419 O O   . HOH D 2 .  ? 4.651   12.667  2.809   1.00 29.00 ? 123 HOH B O   1 
HETATM 1420 O O   . HOH D 2 .  ? 0.484   11.924  -13.627 1.00 49.19 ? 124 HOH B O   1 
HETATM 1421 O O   . HOH D 2 .  ? -13.602 11.255  10.036  1.00 49.56 ? 125 HOH B O   1 
HETATM 1422 O O   . HOH D 2 .  ? -6.043  -5.036  -9.024  1.00 29.94 ? 126 HOH B O   1 
HETATM 1423 O O   . HOH D 2 .  ? 2.192   23.809  -0.972  1.00 32.67 ? 127 HOH B O   1 
HETATM 1424 O O   . HOH D 2 .  ? 5.575   8.183   -4.250  1.00 41.69 ? 128 HOH B O   1 
HETATM 1425 O O   . HOH D 2 .  ? -9.166  4.628   7.121   1.00 45.35 ? 129 HOH B O   1 
HETATM 1426 O O   . HOH D 2 .  ? 6.600   11.224  -3.580  1.00 40.30 ? 130 HOH B O   1 
HETATM 1427 O O   . HOH D 2 .  ? -11.418 9.628   11.423  1.00 59.18 ? 131 HOH B O   1 
HETATM 1428 O O   . HOH D 2 .  ? 8.269   -3.180  -22.671 1.00 31.70 ? 132 HOH B O   1 
HETATM 1429 O O   . HOH D 2 .  ? 7.892   -2.372  -25.299 1.00 73.38 ? 133 HOH B O   1 
HETATM 1430 O O   . HOH D 2 .  ? -3.395  -1.815  -17.067 1.00 30.73 ? 134 HOH B O   1 
HETATM 1431 O O   . HOH D 2 .  ? 1.195   18.885  4.557   1.00 28.61 ? 135 HOH B O   1 
HETATM 1432 O O   . HOH D 2 .  ? -3.341  4.057   8.869   1.00 37.86 ? 136 HOH B O   1 
HETATM 1433 O O   . HOH D 2 .  ? -7.178  22.388  -0.735  1.00 44.60 ? 137 HOH B O   1 
HETATM 1434 O O   . HOH D 2 .  ? -0.944  -1.771  -21.123 1.00 61.01 ? 138 HOH B O   1 
HETATM 1435 O O   . HOH D 2 .  ? -15.372 -1.753  6.990   1.00 54.78 ? 139 HOH B O   1 
HETATM 1436 O O   . HOH D 2 .  ? -2.017  23.979  -6.297  1.00 74.88 ? 140 HOH B O   1 
HETATM 1437 O O   . HOH D 2 .  ? -14.030 -4.919  1.537   1.00 55.94 ? 141 HOH B O   1 
HETATM 1438 O O   . HOH D 2 .  ? 8.027   -6.629  -12.576 1.00 45.48 ? 142 HOH B O   1 
HETATM 1439 O O   . HOH D 2 .  ? -13.727 19.816  -5.099  1.00 48.21 ? 143 HOH B O   1 
HETATM 1440 O O   . HOH D 2 .  ? -16.909 6.608   0.246   1.00 46.00 ? 144 HOH B O   1 
HETATM 1441 O O   . HOH D 2 .  ? -7.269  3.485   5.862   1.00 35.78 ? 145 HOH B O   1 
HETATM 1442 O O   . HOH D 2 .  ? 5.843   13.695  0.248   1.00 39.93 ? 146 HOH B O   1 
HETATM 1443 O O   . HOH D 2 .  ? -3.329  18.110  -9.103  1.00 70.97 ? 147 HOH B O   1 
HETATM 1444 O O   . HOH D 2 .  ? 7.858   1.345   -12.897 1.00 71.31 ? 148 HOH B O   1 
HETATM 1445 O O   . HOH D 2 .  ? 0.101   10.074  -12.434 1.00 69.62 ? 149 HOH B O   1 
HETATM 1446 O O   . HOH D 2 .  ? -17.284 -0.850  -2.196  1.00 42.74 ? 150 HOH B O   1 
HETATM 1447 O O   . HOH D 2 .  ? -4.812  21.670  -2.183  1.00 41.76 ? 151 HOH B O   1 
HETATM 1448 O O   . HOH D 2 .  ? -6.972  21.876  1.630   1.00 59.65 ? 152 HOH B O   1 
# 
loop_
_pdbx_poly_seq_scheme.asym_id 
_pdbx_poly_seq_scheme.entity_id 
_pdbx_poly_seq_scheme.seq_id 
_pdbx_poly_seq_scheme.mon_id 
_pdbx_poly_seq_scheme.ndb_seq_num 
_pdbx_poly_seq_scheme.pdb_seq_num 
_pdbx_poly_seq_scheme.auth_seq_num 
_pdbx_poly_seq_scheme.pdb_mon_id 
_pdbx_poly_seq_scheme.auth_mon_id 
_pdbx_poly_seq_scheme.pdb_strand_id 
_pdbx_poly_seq_scheme.pdb_ins_code 
_pdbx_poly_seq_scheme.hetero 
A 1 1  GLY 1  -1 ?  ?   ?   A . n 
A 1 2  SER 2  0  ?  ?   ?   A . n 
A 1 3  MET 3  1  1  MET MET A . n 
A 1 4  ALA 4  2  2  ALA ALA A . n 
A 1 5  THR 5  3  3  THR THR A . n 
A 1 6  THR 6  4  4  THR THR A . n 
A 1 7  LYS 7  5  5  LYS LYS A . n 
A 1 8  ARG 8  6  6  ARG ARG A . n 
A 1 9  VAL 9  7  7  VAL VAL A . n 
A 1 10 LEU 10 8  8  LEU LEU A . n 
A 1 11 TYR 11 9  9  TYR TYR A . n 
A 1 12 VAL 12 10 10 VAL VAL A . n 
A 1 13 GLY 13 11 11 GLY GLY A . n 
A 1 14 GLY 14 12 12 GLY GLY A . n 
A 1 15 LEU 15 13 13 LEU LEU A . n 
A 1 16 ALA 16 14 14 ALA ALA A . n 
A 1 17 GLU 17 15 15 GLU GLU A . n 
A 1 18 GLU 18 16 16 GLU GLU A . n 
A 1 19 VAL 19 17 17 VAL VAL A . n 
A 1 20 ASP 20 18 18 ASP ASP A . n 
A 1 21 ASP 21 19 19 ASP ASP A . n 
A 1 22 LYS 22 20 20 LYS LYS A . n 
A 1 23 VAL 23 21 21 VAL VAL A . n 
A 1 24 LEU 24 22 22 LEU LEU A . n 
A 1 25 HIS 25 23 23 HIS HIS A . n 
A 1 26 ALA 26 24 24 ALA ALA A . n 
A 1 27 ALA 27 25 25 ALA ALA A . n 
A 1 28 PHE 28 26 26 PHE PHE A . n 
A 1 29 ILE 29 27 27 ILE ILE A . n 
A 1 30 PRO 30 28 28 PRO PRO A . n 
A 1 31 PHE 31 29 29 PHE PHE A . n 
A 1 32 GLY 32 30 30 GLY GLY A . n 
A 1 33 ASP 33 31 31 ASP ASP A . n 
A 1 34 ILE 34 32 32 ILE ILE A . n 
A 1 35 THR 35 33 33 THR THR A . n 
A 1 36 ASP 36 34 34 ASP ASP A . n 
A 1 37 ILE 37 35 35 ILE ILE A . n 
A 1 38 GLN 38 36 36 GLN GLN A . n 
A 1 39 ILE 39 37 37 ILE ILE A . n 
A 1 40 PRO 40 38 38 PRO PRO A . n 
A 1 41 LEU 41 39 39 LEU LEU A . n 
A 1 42 ASP 42 40 40 ASP ASP A . n 
A 1 43 TYR 43 41 41 TYR TYR A . n 
A 1 44 GLU 44 42 42 GLU GLU A . n 
A 1 45 THR 45 43 43 THR THR A . n 
A 1 46 GLU 46 44 44 GLU GLU A . n 
A 1 47 LYS 47 45 45 LYS LYS A . n 
A 1 48 HIS 48 46 46 HIS HIS A . n 
A 1 49 ARG 49 47 47 ARG ARG A . n 
A 1 50 GLY 50 48 48 GLY GLY A . n 
A 1 51 PHE 51 49 49 PHE PHE A . n 
A 1 52 ALA 52 50 50 ALA ALA A . n 
A 1 53 PHE 53 51 51 PHE PHE A . n 
A 1 54 VAL 54 52 52 VAL VAL A . n 
A 1 55 GLU 55 53 53 GLU GLU A . n 
A 1 56 PHE 56 54 54 PHE PHE A . n 
A 1 57 GLU 57 55 55 GLU GLU A . n 
A 1 58 LEU 58 56 56 LEU LEU A . n 
A 1 59 ALA 59 57 57 ALA ALA A . n 
A 1 60 GLU 60 58 58 GLU GLU A . n 
A 1 61 ASP 61 59 59 ASP ASP A . n 
A 1 62 ALA 62 60 60 ALA ALA A . n 
A 1 63 ALA 63 61 61 ALA ALA A . n 
A 1 64 ALA 64 62 62 ALA ALA A . n 
A 1 65 ALA 65 63 63 ALA ALA A . n 
A 1 66 ILE 66 64 64 ILE ILE A . n 
A 1 67 ASP 67 65 65 ASP ASP A . n 
A 1 68 ASN 68 66 66 ASN ASN A . n 
A 1 69 MET 69 67 67 MET MET A . n 
A 1 70 ASN 70 68 68 ASN ASN A . n 
A 1 71 GLU 71 69 69 GLU GLU A . n 
A 1 72 SER 72 70 70 SER SER A . n 
A 1 73 GLU 73 71 71 GLU GLU A . n 
A 1 74 LEU 74 72 72 LEU LEU A . n 
A 1 75 PHE 75 73 73 PHE PHE A . n 
A 1 76 GLY 76 74 74 GLY GLY A . n 
A 1 77 ARG 77 75 75 ARG ARG A . n 
A 1 78 THR 78 76 76 THR THR A . n 
A 1 79 ILE 79 77 77 ILE ILE A . n 
A 1 80 ARG 80 78 78 ARG ARG A . n 
A 1 81 VAL 81 79 79 VAL VAL A . n 
A 1 82 ASN 82 80 80 ASN ASN A . n 
A 1 83 LEU 83 81 81 LEU LEU A . n 
A 1 84 ALA 84 82 82 ALA ALA A . n 
A 1 85 LYS 85 83 83 LYS LYS A . n 
B 1 1  GLY 1  -1 ?  ?   ?   B . n 
B 1 2  SER 2  0  ?  ?   ?   B . n 
B 1 3  MET 3  1  1  MET MET B . n 
B 1 4  ALA 4  2  2  ALA ALA B . n 
B 1 5  THR 5  3  3  THR THR B . n 
B 1 6  THR 6  4  4  THR THR B . n 
B 1 7  LYS 7  5  5  LYS LYS B . n 
B 1 8  ARG 8  6  6  ARG ARG B . n 
B 1 9  VAL 9  7  7  VAL VAL B . n 
B 1 10 LEU 10 8  8  LEU LEU B . n 
B 1 11 TYR 11 9  9  TYR TYR B . n 
B 1 12 VAL 12 10 10 VAL VAL B . n 
B 1 13 GLY 13 11 11 GLY GLY B . n 
B 1 14 GLY 14 12 12 GLY GLY B . n 
B 1 15 LEU 15 13 13 LEU LEU B . n 
B 1 16 ALA 16 14 14 ALA ALA B . n 
B 1 17 GLU 17 15 15 GLU GLU B . n 
B 1 18 GLU 18 16 16 GLU GLU B . n 
B 1 19 VAL 19 17 17 VAL VAL B . n 
B 1 20 ASP 20 18 18 ASP ASP B . n 
B 1 21 ASP 21 19 19 ASP ASP B . n 
B 1 22 LYS 22 20 20 LYS LYS B . n 
B 1 23 VAL 23 21 21 VAL VAL B . n 
B 1 24 LEU 24 22 22 LEU LEU B . n 
B 1 25 HIS 25 23 23 HIS HIS B . n 
B 1 26 ALA 26 24 24 ALA ALA B . n 
B 1 27 ALA 27 25 25 ALA ALA B . n 
B 1 28 PHE 28 26 26 PHE PHE B . n 
B 1 29 ILE 29 27 27 ILE ILE B . n 
B 1 30 PRO 30 28 28 PRO PRO B . n 
B 1 31 PHE 31 29 29 PHE PHE B . n 
B 1 32 GLY 32 30 30 GLY GLY B . n 
B 1 33 ASP 33 31 31 ASP ASP B . n 
B 1 34 ILE 34 32 32 ILE ILE B . n 
B 1 35 THR 35 33 33 THR THR B . n 
B 1 36 ASP 36 34 34 ASP ASP B . n 
B 1 37 ILE 37 35 35 ILE ILE B . n 
B 1 38 GLN 38 36 36 GLN GLN B . n 
B 1 39 ILE 39 37 37 ILE ILE B . n 
B 1 40 PRO 40 38 38 PRO PRO B . n 
B 1 41 LEU 41 39 39 LEU LEU B . n 
B 1 42 ASP 42 40 40 ASP ASP B . n 
B 1 43 TYR 43 41 41 TYR TYR B . n 
B 1 44 GLU 44 42 42 GLU GLU B . n 
B 1 45 THR 45 43 43 THR THR B . n 
B 1 46 GLU 46 44 44 GLU GLU B . n 
B 1 47 LYS 47 45 45 LYS LYS B . n 
B 1 48 HIS 48 46 46 HIS HIS B . n 
B 1 49 ARG 49 47 47 ARG ARG B . n 
B 1 50 GLY 50 48 48 GLY GLY B . n 
B 1 51 PHE 51 49 49 PHE PHE B . n 
B 1 52 ALA 52 50 50 ALA ALA B . n 
B 1 53 PHE 53 51 51 PHE PHE B . n 
B 1 54 VAL 54 52 52 VAL VAL B . n 
B 1 55 GLU 55 53 53 GLU GLU B . n 
B 1 56 PHE 56 54 54 PHE PHE B . n 
B 1 57 GLU 57 55 55 GLU GLU B . n 
B 1 58 LEU 58 56 56 LEU LEU B . n 
B 1 59 ALA 59 57 57 ALA ALA B . n 
B 1 60 GLU 60 58 58 GLU GLU B . n 
B 1 61 ASP 61 59 59 ASP ASP B . n 
B 1 62 ALA 62 60 60 ALA ALA B . n 
B 1 63 ALA 63 61 61 ALA ALA B . n 
B 1 64 ALA 64 62 62 ALA ALA B . n 
B 1 65 ALA 65 63 63 ALA ALA B . n 
B 1 66 ILE 66 64 64 ILE ILE B . n 
B 1 67 ASP 67 65 65 ASP ASP B . n 
B 1 68 ASN 68 66 66 ASN ASN B . n 
B 1 69 MET 69 67 67 MET MET B . n 
B 1 70 ASN 70 68 68 ASN ASN B . n 
B 1 71 GLU 71 69 69 GLU GLU B . n 
B 1 72 SER 72 70 70 SER SER B . n 
B 1 73 GLU 73 71 71 GLU GLU B . n 
B 1 74 LEU 74 72 72 LEU LEU B . n 
B 1 75 PHE 75 73 73 PHE PHE B . n 
B 1 76 GLY 76 74 74 GLY GLY B . n 
B 1 77 ARG 77 75 75 ARG ARG B . n 
B 1 78 THR 78 76 76 THR THR B . n 
B 1 79 ILE 79 77 77 ILE ILE B . n 
B 1 80 ARG 80 78 78 ARG ARG B . n 
B 1 81 VAL 81 79 79 VAL VAL B . n 
B 1 82 ASN 82 80 80 ASN ASN B . n 
B 1 83 LEU 83 81 81 LEU LEU B . n 
B 1 84 ALA 84 82 82 ALA ALA B . n 
B 1 85 LYS 85 83 83 LYS LYS B . n 
# 
loop_
_pdbx_nonpoly_scheme.asym_id 
_pdbx_nonpoly_scheme.entity_id 
_pdbx_nonpoly_scheme.mon_id 
_pdbx_nonpoly_scheme.ndb_seq_num 
_pdbx_nonpoly_scheme.pdb_seq_num 
_pdbx_nonpoly_scheme.auth_seq_num 
_pdbx_nonpoly_scheme.pdb_mon_id 
_pdbx_nonpoly_scheme.auth_mon_id 
_pdbx_nonpoly_scheme.pdb_strand_id 
_pdbx_nonpoly_scheme.pdb_ins_code 
C 2 HOH 1  84  84  HOH HOH A . 
C 2 HOH 2  85  85  HOH HOH A . 
C 2 HOH 3  86  86  HOH HOH A . 
C 2 HOH 4  87  87  HOH HOH A . 
C 2 HOH 5  88  88  HOH HOH A . 
C 2 HOH 6  89  89  HOH HOH A . 
C 2 HOH 7  90  90  HOH HOH A . 
C 2 HOH 8  91  91  HOH HOH A . 
C 2 HOH 9  92  92  HOH HOH A . 
C 2 HOH 10 93  93  HOH HOH A . 
C 2 HOH 11 94  94  HOH HOH A . 
C 2 HOH 12 95  95  HOH HOH A . 
C 2 HOH 13 96  96  HOH HOH A . 
C 2 HOH 14 97  97  HOH HOH A . 
C 2 HOH 15 98  98  HOH HOH A . 
C 2 HOH 16 99  99  HOH HOH A . 
C 2 HOH 17 100 100 HOH HOH A . 
C 2 HOH 18 101 101 HOH HOH A . 
C 2 HOH 19 102 102 HOH HOH A . 
C 2 HOH 20 103 103 HOH HOH A . 
C 2 HOH 21 104 104 HOH HOH A . 
C 2 HOH 22 105 105 HOH HOH A . 
C 2 HOH 23 106 106 HOH HOH A . 
C 2 HOH 24 107 107 HOH HOH A . 
C 2 HOH 25 108 108 HOH HOH A . 
C 2 HOH 26 109 109 HOH HOH A . 
C 2 HOH 27 110 110 HOH HOH A . 
C 2 HOH 28 111 111 HOH HOH A . 
C 2 HOH 29 112 112 HOH HOH A . 
C 2 HOH 30 113 113 HOH HOH A . 
C 2 HOH 31 114 114 HOH HOH A . 
C 2 HOH 32 115 115 HOH HOH A . 
C 2 HOH 33 116 116 HOH HOH A . 
C 2 HOH 34 117 117 HOH HOH A . 
C 2 HOH 35 118 118 HOH HOH A . 
C 2 HOH 36 119 119 HOH HOH A . 
C 2 HOH 37 120 120 HOH HOH A . 
C 2 HOH 38 121 121 HOH HOH A . 
C 2 HOH 39 122 122 HOH HOH A . 
C 2 HOH 40 123 123 HOH HOH A . 
C 2 HOH 41 124 124 HOH HOH A . 
C 2 HOH 42 125 125 HOH HOH A . 
C 2 HOH 43 126 126 HOH HOH A . 
C 2 HOH 44 127 127 HOH HOH A . 
C 2 HOH 45 128 128 HOH HOH A . 
C 2 HOH 46 129 129 HOH HOH A . 
C 2 HOH 47 130 130 HOH HOH A . 
C 2 HOH 48 131 131 HOH HOH A . 
C 2 HOH 49 132 132 HOH HOH A . 
C 2 HOH 50 133 133 HOH HOH A . 
C 2 HOH 51 134 134 HOH HOH A . 
C 2 HOH 52 135 135 HOH HOH A . 
C 2 HOH 53 136 136 HOH HOH A . 
C 2 HOH 54 137 137 HOH HOH A . 
C 2 HOH 55 138 138 HOH HOH A . 
C 2 HOH 56 139 139 HOH HOH A . 
C 2 HOH 57 140 140 HOH HOH A . 
C 2 HOH 58 141 141 HOH HOH A . 
C 2 HOH 59 142 142 HOH HOH A . 
C 2 HOH 60 143 143 HOH HOH A . 
C 2 HOH 61 144 144 HOH HOH A . 
C 2 HOH 62 145 145 HOH HOH A . 
C 2 HOH 63 146 146 HOH HOH A . 
C 2 HOH 64 147 147 HOH HOH A . 
C 2 HOH 65 148 148 HOH HOH A . 
C 2 HOH 66 149 149 HOH HOH A . 
C 2 HOH 67 150 150 HOH HOH A . 
C 2 HOH 68 151 151 HOH HOH A . 
C 2 HOH 69 152 152 HOH HOH A . 
C 2 HOH 70 153 153 HOH HOH A . 
C 2 HOH 71 154 154 HOH HOH A . 
C 2 HOH 72 155 155 HOH HOH A . 
C 2 HOH 73 156 156 HOH HOH A . 
C 2 HOH 74 157 157 HOH HOH A . 
C 2 HOH 75 158 158 HOH HOH A . 
D 2 HOH 1  84  84  HOH HOH B . 
D 2 HOH 2  85  85  HOH HOH B . 
D 2 HOH 3  86  86  HOH HOH B . 
D 2 HOH 4  87  87  HOH HOH B . 
D 2 HOH 5  88  88  HOH HOH B . 
D 2 HOH 6  89  89  HOH HOH B . 
D 2 HOH 7  90  90  HOH HOH B . 
D 2 HOH 8  91  91  HOH HOH B . 
D 2 HOH 9  92  92  HOH HOH B . 
D 2 HOH 10 93  93  HOH HOH B . 
D 2 HOH 11 94  94  HOH HOH B . 
D 2 HOH 12 95  95  HOH HOH B . 
D 2 HOH 13 96  96  HOH HOH B . 
D 2 HOH 14 97  97  HOH HOH B . 
D 2 HOH 15 98  98  HOH HOH B . 
D 2 HOH 16 99  99  HOH HOH B . 
D 2 HOH 17 100 100 HOH HOH B . 
D 2 HOH 18 101 101 HOH HOH B . 
D 2 HOH 19 102 102 HOH HOH B . 
D 2 HOH 20 103 103 HOH HOH B . 
D 2 HOH 21 104 104 HOH HOH B . 
D 2 HOH 22 105 105 HOH HOH B . 
D 2 HOH 23 106 106 HOH HOH B . 
D 2 HOH 24 107 107 HOH HOH B . 
D 2 HOH 25 108 108 HOH HOH B . 
D 2 HOH 26 109 109 HOH HOH B . 
D 2 HOH 27 110 110 HOH HOH B . 
D 2 HOH 28 111 111 HOH HOH B . 
D 2 HOH 29 112 112 HOH HOH B . 
D 2 HOH 30 113 113 HOH HOH B . 
D 2 HOH 31 114 114 HOH HOH B . 
D 2 HOH 32 115 115 HOH HOH B . 
D 2 HOH 33 116 116 HOH HOH B . 
D 2 HOH 34 117 117 HOH HOH B . 
D 2 HOH 35 118 118 HOH HOH B . 
D 2 HOH 36 119 119 HOH HOH B . 
D 2 HOH 37 120 120 HOH HOH B . 
D 2 HOH 38 121 121 HOH HOH B . 
D 2 HOH 39 122 122 HOH HOH B . 
D 2 HOH 40 123 123 HOH HOH B . 
D 2 HOH 41 124 124 HOH HOH B . 
D 2 HOH 42 125 125 HOH HOH B . 
D 2 HOH 43 126 126 HOH HOH B . 
D 2 HOH 44 127 127 HOH HOH B . 
D 2 HOH 45 128 128 HOH HOH B . 
D 2 HOH 46 129 129 HOH HOH B . 
D 2 HOH 47 130 130 HOH HOH B . 
D 2 HOH 48 131 131 HOH HOH B . 
D 2 HOH 49 132 132 HOH HOH B . 
D 2 HOH 50 133 133 HOH HOH B . 
D 2 HOH 51 134 134 HOH HOH B . 
D 2 HOH 52 135 135 HOH HOH B . 
D 2 HOH 53 136 136 HOH HOH B . 
D 2 HOH 54 137 137 HOH HOH B . 
D 2 HOH 55 138 138 HOH HOH B . 
D 2 HOH 56 139 139 HOH HOH B . 
D 2 HOH 57 140 140 HOH HOH B . 
D 2 HOH 58 141 141 HOH HOH B . 
D 2 HOH 59 142 142 HOH HOH B . 
D 2 HOH 60 143 143 HOH HOH B . 
D 2 HOH 61 144 144 HOH HOH B . 
D 2 HOH 62 145 145 HOH HOH B . 
D 2 HOH 63 146 146 HOH HOH B . 
D 2 HOH 64 147 147 HOH HOH B . 
D 2 HOH 65 148 148 HOH HOH B . 
D 2 HOH 66 149 149 HOH HOH B . 
D 2 HOH 67 150 150 HOH HOH B . 
D 2 HOH 68 151 151 HOH HOH B . 
D 2 HOH 69 152 152 HOH HOH B . 
# 
loop_
_pdbx_struct_assembly.id 
_pdbx_struct_assembly.details 
_pdbx_struct_assembly.method_details 
_pdbx_struct_assembly.oligomeric_details 
_pdbx_struct_assembly.oligomeric_count 
1 author_defined_assembly ? monomeric 1 
2 author_defined_assembly ? monomeric 1 
# 
loop_
_pdbx_struct_assembly_gen.assembly_id 
_pdbx_struct_assembly_gen.oper_expression 
_pdbx_struct_assembly_gen.asym_id_list 
1 1 A,C 
2 1 B,D 
# 
_pdbx_struct_oper_list.id                   1 
_pdbx_struct_oper_list.type                 'identity operation' 
_pdbx_struct_oper_list.name                 1_555 
_pdbx_struct_oper_list.symmetry_operation   x,y,z 
_pdbx_struct_oper_list.matrix[1][1]         1.0000000000 
_pdbx_struct_oper_list.matrix[1][2]         0.0000000000 
_pdbx_struct_oper_list.matrix[1][3]         0.0000000000 
_pdbx_struct_oper_list.vector[1]            0.0000000000 
_pdbx_struct_oper_list.matrix[2][1]         0.0000000000 
_pdbx_struct_oper_list.matrix[2][2]         1.0000000000 
_pdbx_struct_oper_list.matrix[2][3]         0.0000000000 
_pdbx_struct_oper_list.vector[2]            0.0000000000 
_pdbx_struct_oper_list.matrix[3][1]         0.0000000000 
_pdbx_struct_oper_list.matrix[3][2]         0.0000000000 
_pdbx_struct_oper_list.matrix[3][3]         1.0000000000 
_pdbx_struct_oper_list.vector[3]            0.0000000000 
# 
loop_
_pdbx_audit_revision_history.ordinal 
_pdbx_audit_revision_history.data_content_type 
_pdbx_audit_revision_history.major_revision 
_pdbx_audit_revision_history.minor_revision 
_pdbx_audit_revision_history.revision_date 
1 'Structure model' 1 0 2010-05-12 
2 'Structure model' 1 1 2011-07-13 
3 'Structure model' 1 2 2012-10-10 
4 'Structure model' 1 3 2023-09-06 
# 
_pdbx_audit_revision_details.ordinal             1 
_pdbx_audit_revision_details.revision_ordinal    1 
_pdbx_audit_revision_details.data_content_type   'Structure model' 
_pdbx_audit_revision_details.provider            repository 
_pdbx_audit_revision_details.type                'Initial release' 
_pdbx_audit_revision_details.description         ? 
_pdbx_audit_revision_details.details             ? 
# 
loop_
_pdbx_audit_revision_group.ordinal 
_pdbx_audit_revision_group.revision_ordinal 
_pdbx_audit_revision_group.data_content_type 
_pdbx_audit_revision_group.group 
1 2 'Structure model' 'Version format compliance' 
2 3 'Structure model' 'Database references'       
3 4 'Structure model' 'Data collection'           
4 4 'Structure model' 'Database references'       
5 4 'Structure model' 'Refinement description'    
# 
loop_
_pdbx_audit_revision_category.ordinal 
_pdbx_audit_revision_category.revision_ordinal 
_pdbx_audit_revision_category.data_content_type 
_pdbx_audit_revision_category.category 
1 4 'Structure model' chem_comp_atom                
2 4 'Structure model' chem_comp_bond                
3 4 'Structure model' database_2                    
4 4 'Structure model' pdbx_initial_refinement_model 
5 4 'Structure model' struct_ref_seq_dif            
# 
loop_
_pdbx_audit_revision_item.ordinal 
_pdbx_audit_revision_item.revision_ordinal 
_pdbx_audit_revision_item.data_content_type 
_pdbx_audit_revision_item.item 
1 4 'Structure model' '_database_2.pdbx_DOI'                
2 4 'Structure model' '_database_2.pdbx_database_accession' 
3 4 'Structure model' '_struct_ref_seq_dif.details'         
# 
loop_
_software.name 
_software.classification 
_software.version 
_software.citation_id 
_software.pdbx_ordinal 
d*TREK 'data scaling'   .   ? 1 
BALBES phasing          .   ? 2 
CNS    refinement       1.1 ? 3 
d*TREK 'data reduction' .   ? 4 
# 
loop_
_pdbx_validate_torsion.id 
_pdbx_validate_torsion.PDB_model_num 
_pdbx_validate_torsion.auth_comp_id 
_pdbx_validate_torsion.auth_asym_id 
_pdbx_validate_torsion.auth_seq_id 
_pdbx_validate_torsion.PDB_ins_code 
_pdbx_validate_torsion.label_alt_id 
_pdbx_validate_torsion.phi 
_pdbx_validate_torsion.psi 
1 1 GLU A 44 ? ? 80.73  10.64  
2 1 ALA B 2  ? ? -32.35 123.92 
# 
loop_
_pdbx_unobs_or_zero_occ_atoms.id 
_pdbx_unobs_or_zero_occ_atoms.PDB_model_num 
_pdbx_unobs_or_zero_occ_atoms.polymer_flag 
_pdbx_unobs_or_zero_occ_atoms.occupancy_flag 
_pdbx_unobs_or_zero_occ_atoms.auth_asym_id 
_pdbx_unobs_or_zero_occ_atoms.auth_comp_id 
_pdbx_unobs_or_zero_occ_atoms.auth_seq_id 
_pdbx_unobs_or_zero_occ_atoms.PDB_ins_code 
_pdbx_unobs_or_zero_occ_atoms.auth_atom_id 
_pdbx_unobs_or_zero_occ_atoms.label_alt_id 
_pdbx_unobs_or_zero_occ_atoms.label_asym_id 
_pdbx_unobs_or_zero_occ_atoms.label_comp_id 
_pdbx_unobs_or_zero_occ_atoms.label_seq_id 
_pdbx_unobs_or_zero_occ_atoms.label_atom_id 
1 1 Y 1 B ASN 80 ? CB ? B ASN 82 CB 
2 1 Y 1 B ALA 82 ? CB ? B ALA 84 CB 
# 
loop_
_pdbx_unobs_or_zero_occ_residues.id 
_pdbx_unobs_or_zero_occ_residues.PDB_model_num 
_pdbx_unobs_or_zero_occ_residues.polymer_flag 
_pdbx_unobs_or_zero_occ_residues.occupancy_flag 
_pdbx_unobs_or_zero_occ_residues.auth_asym_id 
_pdbx_unobs_or_zero_occ_residues.auth_comp_id 
_pdbx_unobs_or_zero_occ_residues.auth_seq_id 
_pdbx_unobs_or_zero_occ_residues.PDB_ins_code 
_pdbx_unobs_or_zero_occ_residues.label_asym_id 
_pdbx_unobs_or_zero_occ_residues.label_comp_id 
_pdbx_unobs_or_zero_occ_residues.label_seq_id 
1 1 Y 1 A GLY -1 ? A GLY 1 
2 1 Y 1 A SER 0  ? A SER 2 
3 1 Y 1 B GLY -1 ? B GLY 1 
4 1 Y 1 B SER 0  ? B SER 2 
# 
loop_
_chem_comp_atom.comp_id 
_chem_comp_atom.atom_id 
_chem_comp_atom.type_symbol 
_chem_comp_atom.pdbx_aromatic_flag 
_chem_comp_atom.pdbx_stereo_config 
_chem_comp_atom.pdbx_ordinal 
ALA N    N N N 1   
ALA CA   C N S 2   
ALA C    C N N 3   
ALA O    O N N 4   
ALA CB   C N N 5   
ALA OXT  O N N 6   
ALA H    H N N 7   
ALA H2   H N N 8   
ALA HA   H N N 9   
ALA HB1  H N N 10  
ALA HB2  H N N 11  
ALA HB3  H N N 12  
ALA HXT  H N N 13  
ARG N    N N N 14  
ARG CA   C N S 15  
ARG C    C N N 16  
ARG O    O N N 17  
ARG CB   C N N 18  
ARG CG   C N N 19  
ARG CD   C N N 20  
ARG NE   N N N 21  
ARG CZ   C N N 22  
ARG NH1  N N N 23  
ARG NH2  N N N 24  
ARG OXT  O N N 25  
ARG H    H N N 26  
ARG H2   H N N 27  
ARG HA   H N N 28  
ARG HB2  H N N 29  
ARG HB3  H N N 30  
ARG HG2  H N N 31  
ARG HG3  H N N 32  
ARG HD2  H N N 33  
ARG HD3  H N N 34  
ARG HE   H N N 35  
ARG HH11 H N N 36  
ARG HH12 H N N 37  
ARG HH21 H N N 38  
ARG HH22 H N N 39  
ARG HXT  H N N 40  
ASN N    N N N 41  
ASN CA   C N S 42  
ASN C    C N N 43  
ASN O    O N N 44  
ASN CB   C N N 45  
ASN CG   C N N 46  
ASN OD1  O N N 47  
ASN ND2  N N N 48  
ASN OXT  O N N 49  
ASN H    H N N 50  
ASN H2   H N N 51  
ASN HA   H N N 52  
ASN HB2  H N N 53  
ASN HB3  H N N 54  
ASN HD21 H N N 55  
ASN HD22 H N N 56  
ASN HXT  H N N 57  
ASP N    N N N 58  
ASP CA   C N S 59  
ASP C    C N N 60  
ASP O    O N N 61  
ASP CB   C N N 62  
ASP CG   C N N 63  
ASP OD1  O N N 64  
ASP OD2  O N N 65  
ASP OXT  O N N 66  
ASP H    H N N 67  
ASP H2   H N N 68  
ASP HA   H N N 69  
ASP HB2  H N N 70  
ASP HB3  H N N 71  
ASP HD2  H N N 72  
ASP HXT  H N N 73  
GLN N    N N N 74  
GLN CA   C N S 75  
GLN C    C N N 76  
GLN O    O N N 77  
GLN CB   C N N 78  
GLN CG   C N N 79  
GLN CD   C N N 80  
GLN OE1  O N N 81  
GLN NE2  N N N 82  
GLN OXT  O N N 83  
GLN H    H N N 84  
GLN H2   H N N 85  
GLN HA   H N N 86  
GLN HB2  H N N 87  
GLN HB3  H N N 88  
GLN HG2  H N N 89  
GLN HG3  H N N 90  
GLN HE21 H N N 91  
GLN HE22 H N N 92  
GLN HXT  H N N 93  
GLU N    N N N 94  
GLU CA   C N S 95  
GLU C    C N N 96  
GLU O    O N N 97  
GLU CB   C N N 98  
GLU CG   C N N 99  
GLU CD   C N N 100 
GLU OE1  O N N 101 
GLU OE2  O N N 102 
GLU OXT  O N N 103 
GLU H    H N N 104 
GLU H2   H N N 105 
GLU HA   H N N 106 
GLU HB2  H N N 107 
GLU HB3  H N N 108 
GLU HG2  H N N 109 
GLU HG3  H N N 110 
GLU HE2  H N N 111 
GLU HXT  H N N 112 
GLY N    N N N 113 
GLY CA   C N N 114 
GLY C    C N N 115 
GLY O    O N N 116 
GLY OXT  O N N 117 
GLY H    H N N 118 
GLY H2   H N N 119 
GLY HA2  H N N 120 
GLY HA3  H N N 121 
GLY HXT  H N N 122 
HIS N    N N N 123 
HIS CA   C N S 124 
HIS C    C N N 125 
HIS O    O N N 126 
HIS CB   C N N 127 
HIS CG   C Y N 128 
HIS ND1  N Y N 129 
HIS CD2  C Y N 130 
HIS CE1  C Y N 131 
HIS NE2  N Y N 132 
HIS OXT  O N N 133 
HIS H    H N N 134 
HIS H2   H N N 135 
HIS HA   H N N 136 
HIS HB2  H N N 137 
HIS HB3  H N N 138 
HIS HD1  H N N 139 
HIS HD2  H N N 140 
HIS HE1  H N N 141 
HIS HE2  H N N 142 
HIS HXT  H N N 143 
HOH O    O N N 144 
HOH H1   H N N 145 
HOH H2   H N N 146 
ILE N    N N N 147 
ILE CA   C N S 148 
ILE C    C N N 149 
ILE O    O N N 150 
ILE CB   C N S 151 
ILE CG1  C N N 152 
ILE CG2  C N N 153 
ILE CD1  C N N 154 
ILE OXT  O N N 155 
ILE H    H N N 156 
ILE H2   H N N 157 
ILE HA   H N N 158 
ILE HB   H N N 159 
ILE HG12 H N N 160 
ILE HG13 H N N 161 
ILE HG21 H N N 162 
ILE HG22 H N N 163 
ILE HG23 H N N 164 
ILE HD11 H N N 165 
ILE HD12 H N N 166 
ILE HD13 H N N 167 
ILE HXT  H N N 168 
LEU N    N N N 169 
LEU CA   C N S 170 
LEU C    C N N 171 
LEU O    O N N 172 
LEU CB   C N N 173 
LEU CG   C N N 174 
LEU CD1  C N N 175 
LEU CD2  C N N 176 
LEU OXT  O N N 177 
LEU H    H N N 178 
LEU H2   H N N 179 
LEU HA   H N N 180 
LEU HB2  H N N 181 
LEU HB3  H N N 182 
LEU HG   H N N 183 
LEU HD11 H N N 184 
LEU HD12 H N N 185 
LEU HD13 H N N 186 
LEU HD21 H N N 187 
LEU HD22 H N N 188 
LEU HD23 H N N 189 
LEU HXT  H N N 190 
LYS N    N N N 191 
LYS CA   C N S 192 
LYS C    C N N 193 
LYS O    O N N 194 
LYS CB   C N N 195 
LYS CG   C N N 196 
LYS CD   C N N 197 
LYS CE   C N N 198 
LYS NZ   N N N 199 
LYS OXT  O N N 200 
LYS H    H N N 201 
LYS H2   H N N 202 
LYS HA   H N N 203 
LYS HB2  H N N 204 
LYS HB3  H N N 205 
LYS HG2  H N N 206 
LYS HG3  H N N 207 
LYS HD2  H N N 208 
LYS HD3  H N N 209 
LYS HE2  H N N 210 
LYS HE3  H N N 211 
LYS HZ1  H N N 212 
LYS HZ2  H N N 213 
LYS HZ3  H N N 214 
LYS HXT  H N N 215 
MET N    N N N 216 
MET CA   C N S 217 
MET C    C N N 218 
MET O    O N N 219 
MET CB   C N N 220 
MET CG   C N N 221 
MET SD   S N N 222 
MET CE   C N N 223 
MET OXT  O N N 224 
MET H    H N N 225 
MET H2   H N N 226 
MET HA   H N N 227 
MET HB2  H N N 228 
MET HB3  H N N 229 
MET HG2  H N N 230 
MET HG3  H N N 231 
MET HE1  H N N 232 
MET HE2  H N N 233 
MET HE3  H N N 234 
MET HXT  H N N 235 
PHE N    N N N 236 
PHE CA   C N S 237 
PHE C    C N N 238 
PHE O    O N N 239 
PHE CB   C N N 240 
PHE CG   C Y N 241 
PHE CD1  C Y N 242 
PHE CD2  C Y N 243 
PHE CE1  C Y N 244 
PHE CE2  C Y N 245 
PHE CZ   C Y N 246 
PHE OXT  O N N 247 
PHE H    H N N 248 
PHE H2   H N N 249 
PHE HA   H N N 250 
PHE HB2  H N N 251 
PHE HB3  H N N 252 
PHE HD1  H N N 253 
PHE HD2  H N N 254 
PHE HE1  H N N 255 
PHE HE2  H N N 256 
PHE HZ   H N N 257 
PHE HXT  H N N 258 
PRO N    N N N 259 
PRO CA   C N S 260 
PRO C    C N N 261 
PRO O    O N N 262 
PRO CB   C N N 263 
PRO CG   C N N 264 
PRO CD   C N N 265 
PRO OXT  O N N 266 
PRO H    H N N 267 
PRO HA   H N N 268 
PRO HB2  H N N 269 
PRO HB3  H N N 270 
PRO HG2  H N N 271 
PRO HG3  H N N 272 
PRO HD2  H N N 273 
PRO HD3  H N N 274 
PRO HXT  H N N 275 
SER N    N N N 276 
SER CA   C N S 277 
SER C    C N N 278 
SER O    O N N 279 
SER CB   C N N 280 
SER OG   O N N 281 
SER OXT  O N N 282 
SER H    H N N 283 
SER H2   H N N 284 
SER HA   H N N 285 
SER HB2  H N N 286 
SER HB3  H N N 287 
SER HG   H N N 288 
SER HXT  H N N 289 
THR N    N N N 290 
THR CA   C N S 291 
THR C    C N N 292 
THR O    O N N 293 
THR CB   C N R 294 
THR OG1  O N N 295 
THR CG2  C N N 296 
THR OXT  O N N 297 
THR H    H N N 298 
THR H2   H N N 299 
THR HA   H N N 300 
THR HB   H N N 301 
THR HG1  H N N 302 
THR HG21 H N N 303 
THR HG22 H N N 304 
THR HG23 H N N 305 
THR HXT  H N N 306 
TYR N    N N N 307 
TYR CA   C N S 308 
TYR C    C N N 309 
TYR O    O N N 310 
TYR CB   C N N 311 
TYR CG   C Y N 312 
TYR CD1  C Y N 313 
TYR CD2  C Y N 314 
TYR CE1  C Y N 315 
TYR CE2  C Y N 316 
TYR CZ   C Y N 317 
TYR OH   O N N 318 
TYR OXT  O N N 319 
TYR H    H N N 320 
TYR H2   H N N 321 
TYR HA   H N N 322 
TYR HB2  H N N 323 
TYR HB3  H N N 324 
TYR HD1  H N N 325 
TYR HD2  H N N 326 
TYR HE1  H N N 327 
TYR HE2  H N N 328 
TYR HH   H N N 329 
TYR HXT  H N N 330 
VAL N    N N N 331 
VAL CA   C N S 332 
VAL C    C N N 333 
VAL O    O N N 334 
VAL CB   C N N 335 
VAL CG1  C N N 336 
VAL CG2  C N N 337 
VAL OXT  O N N 338 
VAL H    H N N 339 
VAL H2   H N N 340 
VAL HA   H N N 341 
VAL HB   H N N 342 
VAL HG11 H N N 343 
VAL HG12 H N N 344 
VAL HG13 H N N 345 
VAL HG21 H N N 346 
VAL HG22 H N N 347 
VAL HG23 H N N 348 
VAL HXT  H N N 349 
# 
loop_
_chem_comp_bond.comp_id 
_chem_comp_bond.atom_id_1 
_chem_comp_bond.atom_id_2 
_chem_comp_bond.value_order 
_chem_comp_bond.pdbx_aromatic_flag 
_chem_comp_bond.pdbx_stereo_config 
_chem_comp_bond.pdbx_ordinal 
ALA N   CA   sing N N 1   
ALA N   H    sing N N 2   
ALA N   H2   sing N N 3   
ALA CA  C    sing N N 4   
ALA CA  CB   sing N N 5   
ALA CA  HA   sing N N 6   
ALA C   O    doub N N 7   
ALA C   OXT  sing N N 8   
ALA CB  HB1  sing N N 9   
ALA CB  HB2  sing N N 10  
ALA CB  HB3  sing N N 11  
ALA OXT HXT  sing N N 12  
ARG N   CA   sing N N 13  
ARG N   H    sing N N 14  
ARG N   H2   sing N N 15  
ARG CA  C    sing N N 16  
ARG CA  CB   sing N N 17  
ARG CA  HA   sing N N 18  
ARG C   O    doub N N 19  
ARG C   OXT  sing N N 20  
ARG CB  CG   sing N N 21  
ARG CB  HB2  sing N N 22  
ARG CB  HB3  sing N N 23  
ARG CG  CD   sing N N 24  
ARG CG  HG2  sing N N 25  
ARG CG  HG3  sing N N 26  
ARG CD  NE   sing N N 27  
ARG CD  HD2  sing N N 28  
ARG CD  HD3  sing N N 29  
ARG NE  CZ   sing N N 30  
ARG NE  HE   sing N N 31  
ARG CZ  NH1  sing N N 32  
ARG CZ  NH2  doub N N 33  
ARG NH1 HH11 sing N N 34  
ARG NH1 HH12 sing N N 35  
ARG NH2 HH21 sing N N 36  
ARG NH2 HH22 sing N N 37  
ARG OXT HXT  sing N N 38  
ASN N   CA   sing N N 39  
ASN N   H    sing N N 40  
ASN N   H2   sing N N 41  
ASN CA  C    sing N N 42  
ASN CA  CB   sing N N 43  
ASN CA  HA   sing N N 44  
ASN C   O    doub N N 45  
ASN C   OXT  sing N N 46  
ASN CB  CG   sing N N 47  
ASN CB  HB2  sing N N 48  
ASN CB  HB3  sing N N 49  
ASN CG  OD1  doub N N 50  
ASN CG  ND2  sing N N 51  
ASN ND2 HD21 sing N N 52  
ASN ND2 HD22 sing N N 53  
ASN OXT HXT  sing N N 54  
ASP N   CA   sing N N 55  
ASP N   H    sing N N 56  
ASP N   H2   sing N N 57  
ASP CA  C    sing N N 58  
ASP CA  CB   sing N N 59  
ASP CA  HA   sing N N 60  
ASP C   O    doub N N 61  
ASP C   OXT  sing N N 62  
ASP CB  CG   sing N N 63  
ASP CB  HB2  sing N N 64  
ASP CB  HB3  sing N N 65  
ASP CG  OD1  doub N N 66  
ASP CG  OD2  sing N N 67  
ASP OD2 HD2  sing N N 68  
ASP OXT HXT  sing N N 69  
GLN N   CA   sing N N 70  
GLN N   H    sing N N 71  
GLN N   H2   sing N N 72  
GLN CA  C    sing N N 73  
GLN CA  CB   sing N N 74  
GLN CA  HA   sing N N 75  
GLN C   O    doub N N 76  
GLN C   OXT  sing N N 77  
GLN CB  CG   sing N N 78  
GLN CB  HB2  sing N N 79  
GLN CB  HB3  sing N N 80  
GLN CG  CD   sing N N 81  
GLN CG  HG2  sing N N 82  
GLN CG  HG3  sing N N 83  
GLN CD  OE1  doub N N 84  
GLN CD  NE2  sing N N 85  
GLN NE2 HE21 sing N N 86  
GLN NE2 HE22 sing N N 87  
GLN OXT HXT  sing N N 88  
GLU N   CA   sing N N 89  
GLU N   H    sing N N 90  
GLU N   H2   sing N N 91  
GLU CA  C    sing N N 92  
GLU CA  CB   sing N N 93  
GLU CA  HA   sing N N 94  
GLU C   O    doub N N 95  
GLU C   OXT  sing N N 96  
GLU CB  CG   sing N N 97  
GLU CB  HB2  sing N N 98  
GLU CB  HB3  sing N N 99  
GLU CG  CD   sing N N 100 
GLU CG  HG2  sing N N 101 
GLU CG  HG3  sing N N 102 
GLU CD  OE1  doub N N 103 
GLU CD  OE2  sing N N 104 
GLU OE2 HE2  sing N N 105 
GLU OXT HXT  sing N N 106 
GLY N   CA   sing N N 107 
GLY N   H    sing N N 108 
GLY N   H2   sing N N 109 
GLY CA  C    sing N N 110 
GLY CA  HA2  sing N N 111 
GLY CA  HA3  sing N N 112 
GLY C   O    doub N N 113 
GLY C   OXT  sing N N 114 
GLY OXT HXT  sing N N 115 
HIS N   CA   sing N N 116 
HIS N   H    sing N N 117 
HIS N   H2   sing N N 118 
HIS CA  C    sing N N 119 
HIS CA  CB   sing N N 120 
HIS CA  HA   sing N N 121 
HIS C   O    doub N N 122 
HIS C   OXT  sing N N 123 
HIS CB  CG   sing N N 124 
HIS CB  HB2  sing N N 125 
HIS CB  HB3  sing N N 126 
HIS CG  ND1  sing Y N 127 
HIS CG  CD2  doub Y N 128 
HIS ND1 CE1  doub Y N 129 
HIS ND1 HD1  sing N N 130 
HIS CD2 NE2  sing Y N 131 
HIS CD2 HD2  sing N N 132 
HIS CE1 NE2  sing Y N 133 
HIS CE1 HE1  sing N N 134 
HIS NE2 HE2  sing N N 135 
HIS OXT HXT  sing N N 136 
HOH O   H1   sing N N 137 
HOH O   H2   sing N N 138 
ILE N   CA   sing N N 139 
ILE N   H    sing N N 140 
ILE N   H2   sing N N 141 
ILE CA  C    sing N N 142 
ILE CA  CB   sing N N 143 
ILE CA  HA   sing N N 144 
ILE C   O    doub N N 145 
ILE C   OXT  sing N N 146 
ILE CB  CG1  sing N N 147 
ILE CB  CG2  sing N N 148 
ILE CB  HB   sing N N 149 
ILE CG1 CD1  sing N N 150 
ILE CG1 HG12 sing N N 151 
ILE CG1 HG13 sing N N 152 
ILE CG2 HG21 sing N N 153 
ILE CG2 HG22 sing N N 154 
ILE CG2 HG23 sing N N 155 
ILE CD1 HD11 sing N N 156 
ILE CD1 HD12 sing N N 157 
ILE CD1 HD13 sing N N 158 
ILE OXT HXT  sing N N 159 
LEU N   CA   sing N N 160 
LEU N   H    sing N N 161 
LEU N   H2   sing N N 162 
LEU CA  C    sing N N 163 
LEU CA  CB   sing N N 164 
LEU CA  HA   sing N N 165 
LEU C   O    doub N N 166 
LEU C   OXT  sing N N 167 
LEU CB  CG   sing N N 168 
LEU CB  HB2  sing N N 169 
LEU CB  HB3  sing N N 170 
LEU CG  CD1  sing N N 171 
LEU CG  CD2  sing N N 172 
LEU CG  HG   sing N N 173 
LEU CD1 HD11 sing N N 174 
LEU CD1 HD12 sing N N 175 
LEU CD1 HD13 sing N N 176 
LEU CD2 HD21 sing N N 177 
LEU CD2 HD22 sing N N 178 
LEU CD2 HD23 sing N N 179 
LEU OXT HXT  sing N N 180 
LYS N   CA   sing N N 181 
LYS N   H    sing N N 182 
LYS N   H2   sing N N 183 
LYS CA  C    sing N N 184 
LYS CA  CB   sing N N 185 
LYS CA  HA   sing N N 186 
LYS C   O    doub N N 187 
LYS C   OXT  sing N N 188 
LYS CB  CG   sing N N 189 
LYS CB  HB2  sing N N 190 
LYS CB  HB3  sing N N 191 
LYS CG  CD   sing N N 192 
LYS CG  HG2  sing N N 193 
LYS CG  HG3  sing N N 194 
LYS CD  CE   sing N N 195 
LYS CD  HD2  sing N N 196 
LYS CD  HD3  sing N N 197 
LYS CE  NZ   sing N N 198 
LYS CE  HE2  sing N N 199 
LYS CE  HE3  sing N N 200 
LYS NZ  HZ1  sing N N 201 
LYS NZ  HZ2  sing N N 202 
LYS NZ  HZ3  sing N N 203 
LYS OXT HXT  sing N N 204 
MET N   CA   sing N N 205 
MET N   H    sing N N 206 
MET N   H2   sing N N 207 
MET CA  C    sing N N 208 
MET CA  CB   sing N N 209 
MET CA  HA   sing N N 210 
MET C   O    doub N N 211 
MET C   OXT  sing N N 212 
MET CB  CG   sing N N 213 
MET CB  HB2  sing N N 214 
MET CB  HB3  sing N N 215 
MET CG  SD   sing N N 216 
MET CG  HG2  sing N N 217 
MET CG  HG3  sing N N 218 
MET SD  CE   sing N N 219 
MET CE  HE1  sing N N 220 
MET CE  HE2  sing N N 221 
MET CE  HE3  sing N N 222 
MET OXT HXT  sing N N 223 
PHE N   CA   sing N N 224 
PHE N   H    sing N N 225 
PHE N   H2   sing N N 226 
PHE CA  C    sing N N 227 
PHE CA  CB   sing N N 228 
PHE CA  HA   sing N N 229 
PHE C   O    doub N N 230 
PHE C   OXT  sing N N 231 
PHE CB  CG   sing N N 232 
PHE CB  HB2  sing N N 233 
PHE CB  HB3  sing N N 234 
PHE CG  CD1  doub Y N 235 
PHE CG  CD2  sing Y N 236 
PHE CD1 CE1  sing Y N 237 
PHE CD1 HD1  sing N N 238 
PHE CD2 CE2  doub Y N 239 
PHE CD2 HD2  sing N N 240 
PHE CE1 CZ   doub Y N 241 
PHE CE1 HE1  sing N N 242 
PHE CE2 CZ   sing Y N 243 
PHE CE2 HE2  sing N N 244 
PHE CZ  HZ   sing N N 245 
PHE OXT HXT  sing N N 246 
PRO N   CA   sing N N 247 
PRO N   CD   sing N N 248 
PRO N   H    sing N N 249 
PRO CA  C    sing N N 250 
PRO CA  CB   sing N N 251 
PRO CA  HA   sing N N 252 
PRO C   O    doub N N 253 
PRO C   OXT  sing N N 254 
PRO CB  CG   sing N N 255 
PRO CB  HB2  sing N N 256 
PRO CB  HB3  sing N N 257 
PRO CG  CD   sing N N 258 
PRO CG  HG2  sing N N 259 
PRO CG  HG3  sing N N 260 
PRO CD  HD2  sing N N 261 
PRO CD  HD3  sing N N 262 
PRO OXT HXT  sing N N 263 
SER N   CA   sing N N 264 
SER N   H    sing N N 265 
SER N   H2   sing N N 266 
SER CA  C    sing N N 267 
SER CA  CB   sing N N 268 
SER CA  HA   sing N N 269 
SER C   O    doub N N 270 
SER C   OXT  sing N N 271 
SER CB  OG   sing N N 272 
SER CB  HB2  sing N N 273 
SER CB  HB3  sing N N 274 
SER OG  HG   sing N N 275 
SER OXT HXT  sing N N 276 
THR N   CA   sing N N 277 
THR N   H    sing N N 278 
THR N   H2   sing N N 279 
THR CA  C    sing N N 280 
THR CA  CB   sing N N 281 
THR CA  HA   sing N N 282 
THR C   O    doub N N 283 
THR C   OXT  sing N N 284 
THR CB  OG1  sing N N 285 
THR CB  CG2  sing N N 286 
THR CB  HB   sing N N 287 
THR OG1 HG1  sing N N 288 
THR CG2 HG21 sing N N 289 
THR CG2 HG22 sing N N 290 
THR CG2 HG23 sing N N 291 
THR OXT HXT  sing N N 292 
TYR N   CA   sing N N 293 
TYR N   H    sing N N 294 
TYR N   H2   sing N N 295 
TYR CA  C    sing N N 296 
TYR CA  CB   sing N N 297 
TYR CA  HA   sing N N 298 
TYR C   O    doub N N 299 
TYR C   OXT  sing N N 300 
TYR CB  CG   sing N N 301 
TYR CB  HB2  sing N N 302 
TYR CB  HB3  sing N N 303 
TYR CG  CD1  doub Y N 304 
TYR CG  CD2  sing Y N 305 
TYR CD1 CE1  sing Y N 306 
TYR CD1 HD1  sing N N 307 
TYR CD2 CE2  doub Y N 308 
TYR CD2 HD2  sing N N 309 
TYR CE1 CZ   doub Y N 310 
TYR CE1 HE1  sing N N 311 
TYR CE2 CZ   sing Y N 312 
TYR CE2 HE2  sing N N 313 
TYR CZ  OH   sing N N 314 
TYR OH  HH   sing N N 315 
TYR OXT HXT  sing N N 316 
VAL N   CA   sing N N 317 
VAL N   H    sing N N 318 
VAL N   H2   sing N N 319 
VAL CA  C    sing N N 320 
VAL CA  CB   sing N N 321 
VAL CA  HA   sing N N 322 
VAL C   O    doub N N 323 
VAL C   OXT  sing N N 324 
VAL CB  CG1  sing N N 325 
VAL CB  CG2  sing N N 326 
VAL CB  HB   sing N N 327 
VAL CG1 HG11 sing N N 328 
VAL CG1 HG12 sing N N 329 
VAL CG1 HG13 sing N N 330 
VAL CG2 HG21 sing N N 331 
VAL CG2 HG22 sing N N 332 
VAL CG2 HG23 sing N N 333 
VAL OXT HXT  sing N N 334 
# 
_pdbx_entity_nonpoly.entity_id   2 
_pdbx_entity_nonpoly.name        water 
_pdbx_entity_nonpoly.comp_id     HOH 
# 
_pdbx_initial_refinement_model.id               1 
_pdbx_initial_refinement_model.entity_id_list   ? 
_pdbx_initial_refinement_model.type             'experimental model' 
_pdbx_initial_refinement_model.source_name      PDB 
_pdbx_initial_refinement_model.accession_code   1CVJ 
_pdbx_initial_refinement_model.details          'PDB ENTRY 1CVJ' 
# 
